data_6VFN
#
_entry.id   6VFN
#
_cell.length_a   100.648
_cell.length_b   125.595
_cell.length_c   101.021
_cell.angle_alpha   90.000
_cell.angle_beta   106.500
_cell.angle_gamma   90.000
#
_symmetry.space_group_name_H-M   'P 1 21 1'
#
loop_
_entity.id
_entity.type
_entity.pdbx_description
1 polymer 'Spermidine N1-acetyltransferase'
2 non-polymer SPERMINE
#
_entity_poly.entity_id   1
_entity_poly.type   'polypeptide(L)'
_entity_poly.pdbx_seq_one_letter_code
;MNQELKLRPLEREDLKFVHELNNNAHIMSYWFEEPYEAFVELQDLYDKHIHDQSERRFIVEKDNEMVGLVELVEIDYIHR
RTEFQIIIDPNYQGYGYAVDATRLAMDYAFSVLNMHKIYLVVDKENEKAVHVYKKVGFMVEGELIDEFFVDGNYHNAIRM
CMFQKQYFENK
;
_entity_poly.pdbx_strand_id   A,B,C,D,E,F,G,H,I,J,K,L
#
loop_
_chem_comp.id
_chem_comp.type
_chem_comp.name
_chem_comp.formula
SPM non-polymer SPERMINE 'C10 H26 N4'
#
# COMPACT_ATOMS: atom_id res chain seq x y z
N GLU A 4 -38.29 -21.41 17.86
CA GLU A 4 -38.58 -21.59 16.45
C GLU A 4 -37.33 -21.47 15.59
N LEU A 5 -37.16 -22.42 14.68
CA LEU A 5 -36.01 -22.41 13.79
C LEU A 5 -36.01 -21.15 12.92
N LYS A 6 -34.84 -20.54 12.81
CA LYS A 6 -34.67 -19.29 12.07
C LYS A 6 -33.37 -19.34 11.28
N LEU A 7 -33.27 -18.45 10.30
CA LEU A 7 -32.02 -18.18 9.59
C LEU A 7 -31.47 -16.85 10.05
N ARG A 8 -30.18 -16.81 10.35
CA ARG A 8 -29.50 -15.56 10.65
C ARG A 8 -28.23 -15.49 9.82
N PRO A 9 -27.63 -14.31 9.68
CA PRO A 9 -26.39 -14.22 8.91
C PRO A 9 -25.28 -15.05 9.53
N LEU A 10 -24.50 -15.71 8.67
CA LEU A 10 -23.30 -16.42 9.12
C LEU A 10 -22.28 -15.38 9.59
N GLU A 11 -22.07 -15.31 10.89
CA GLU A 11 -21.15 -14.34 11.45
C GLU A 11 -19.73 -14.92 11.53
N ARG A 12 -18.75 -14.01 11.60
CA ARG A 12 -17.36 -14.44 11.72
C ARG A 12 -17.15 -15.30 12.96
N GLU A 13 -17.74 -14.90 14.09
CA GLU A 13 -17.57 -15.66 15.33
C GLU A 13 -18.13 -17.07 15.22
N ASP A 14 -19.01 -17.32 14.24
CA ASP A 14 -19.58 -18.65 14.05
C ASP A 14 -18.69 -19.57 13.24
N LEU A 15 -17.61 -19.05 12.65
CA LEU A 15 -16.89 -19.80 11.62
C LEU A 15 -16.36 -21.14 12.14
N LYS A 16 -16.01 -21.21 13.42
CA LYS A 16 -15.54 -22.47 13.99
C LYS A 16 -16.53 -23.59 13.72
N PHE A 17 -17.82 -23.33 13.95
CA PHE A 17 -18.86 -24.29 13.61
C PHE A 17 -18.73 -24.71 12.14
N VAL A 18 -18.75 -23.73 11.24
CA VAL A 18 -18.57 -24.01 9.82
C VAL A 18 -17.30 -24.81 9.59
N HIS A 19 -16.23 -24.47 10.32
CA HIS A 19 -14.97 -25.18 10.16
C HIS A 19 -15.18 -26.68 10.31
N GLU A 20 -15.85 -27.10 11.38
CA GLU A 20 -16.05 -28.54 11.57
C GLU A 20 -16.85 -29.13 10.43
N LEU A 21 -17.87 -28.40 9.95
CA LEU A 21 -18.66 -28.91 8.85
C LEU A 21 -17.82 -29.01 7.60
N ASN A 22 -16.88 -28.09 7.42
CA ASN A 22 -16.08 -28.08 6.21
C ASN A 22 -14.99 -29.15 6.22
N ASN A 23 -14.75 -29.80 7.37
CA ASN A 23 -13.73 -30.85 7.41
C ASN A 23 -14.33 -32.22 7.68
N ASN A 24 -15.65 -32.34 7.68
CA ASN A 24 -16.33 -33.63 7.77
C ASN A 24 -16.54 -34.15 6.36
N ALA A 25 -15.87 -35.26 6.02
CA ALA A 25 -15.98 -35.79 4.66
C ALA A 25 -17.41 -36.20 4.33
N HIS A 26 -18.11 -36.82 5.28
CA HIS A 26 -19.50 -37.21 5.05
C HIS A 26 -20.38 -35.98 4.80
N ILE A 27 -20.18 -34.92 5.60
CA ILE A 27 -20.94 -33.69 5.40
C ILE A 27 -20.57 -33.06 4.07
N MET A 28 -19.27 -32.96 3.79
CA MET A 28 -18.76 -32.40 2.53
C MET A 28 -18.92 -33.34 1.36
N SER A 29 -19.70 -34.41 1.50
CA SER A 29 -20.12 -35.19 0.34
C SER A 29 -21.48 -34.77 -0.18
N TYR A 30 -22.39 -34.31 0.69
CA TYR A 30 -23.68 -33.82 0.22
C TYR A 30 -23.51 -32.61 -0.68
N TRP A 31 -22.87 -31.56 -0.16
CA TRP A 31 -22.20 -30.62 -1.05
C TRP A 31 -20.97 -31.32 -1.63
N PHE A 32 -20.64 -30.98 -2.86
CA PHE A 32 -19.54 -31.68 -3.54
C PHE A 32 -18.25 -30.87 -3.40
N GLU A 33 -17.83 -30.75 -2.14
CA GLU A 33 -16.71 -29.92 -1.74
C GLU A 33 -15.60 -30.79 -1.17
N GLU A 34 -14.36 -30.44 -1.48
CA GLU A 34 -13.22 -31.10 -0.86
C GLU A 34 -13.25 -30.85 0.65
N PRO A 35 -13.21 -31.89 1.48
CA PRO A 35 -13.29 -31.72 2.94
C PRO A 35 -11.98 -31.29 3.58
N TYR A 36 -11.40 -30.21 3.07
CA TYR A 36 -10.19 -29.61 3.65
C TYR A 36 -10.36 -28.11 3.67
N GLU A 37 -10.20 -27.51 4.85
CA GLU A 37 -10.14 -26.06 4.96
C GLU A 37 -9.53 -25.72 6.30
N ALA A 38 -8.32 -25.18 6.29
CA ALA A 38 -7.74 -24.65 7.51
C ALA A 38 -8.62 -23.52 8.03
N PHE A 39 -8.64 -23.36 9.35
CA PHE A 39 -9.52 -22.37 9.96
C PHE A 39 -9.18 -20.96 9.49
N VAL A 40 -7.89 -20.64 9.38
CA VAL A 40 -7.50 -19.33 8.88
C VAL A 40 -7.85 -19.17 7.39
N GLU A 41 -7.85 -20.27 6.63
CA GLU A 41 -8.28 -20.19 5.24
C GLU A 41 -9.76 -19.85 5.14
N LEU A 42 -10.59 -20.53 5.94
CA LEU A 42 -12.02 -20.23 5.97
C LEU A 42 -12.26 -18.79 6.42
N GLN A 43 -11.54 -18.34 7.46
CA GLN A 43 -11.67 -16.97 7.93
C GLN A 43 -11.34 -15.97 6.83
N ASP A 44 -10.23 -16.20 6.12
CA ASP A 44 -9.80 -15.25 5.09
C ASP A 44 -10.80 -15.23 3.93
N LEU A 45 -11.32 -16.39 3.53
CA LEU A 45 -12.32 -16.40 2.47
C LEU A 45 -13.59 -15.69 2.91
N TYR A 46 -14.01 -15.91 4.16
CA TYR A 46 -15.17 -15.20 4.70
C TYR A 46 -14.94 -13.69 4.65
N ASP A 47 -13.75 -13.25 5.05
CA ASP A 47 -13.44 -11.82 4.98
C ASP A 47 -13.49 -11.32 3.54
N LYS A 48 -13.01 -12.13 2.60
CA LYS A 48 -13.03 -11.72 1.20
C LYS A 48 -14.46 -11.59 0.67
N HIS A 49 -15.40 -12.38 1.20
CA HIS A 49 -16.76 -12.38 0.68
C HIS A 49 -17.74 -11.66 1.61
N ILE A 50 -17.23 -10.84 2.54
CA ILE A 50 -18.11 -10.07 3.43
C ILE A 50 -19.06 -9.21 2.62
N HIS A 51 -18.53 -8.49 1.63
CA HIS A 51 -19.32 -7.59 0.79
C HIS A 51 -19.64 -8.19 -0.57
N ASP A 52 -19.50 -9.50 -0.72
CA ASP A 52 -19.90 -10.19 -1.93
C ASP A 52 -21.42 -10.34 -1.90
N GLN A 53 -22.13 -9.58 -2.74
CA GLN A 53 -23.58 -9.63 -2.74
C GLN A 53 -24.13 -10.82 -3.52
N SER A 54 -23.28 -11.56 -4.23
CA SER A 54 -23.69 -12.81 -4.88
C SER A 54 -23.97 -13.93 -3.89
N GLU A 55 -23.75 -13.71 -2.59
CA GLU A 55 -23.82 -14.76 -1.59
C GLU A 55 -24.72 -14.33 -0.44
N ARG A 56 -25.42 -15.30 0.13
CA ARG A 56 -26.14 -15.13 1.39
C ARG A 56 -25.87 -16.37 2.23
N ARG A 57 -25.01 -16.22 3.24
CA ARG A 57 -24.65 -17.33 4.12
C ARG A 57 -25.43 -17.21 5.42
N PHE A 58 -26.12 -18.29 5.80
CA PHE A 58 -27.05 -18.32 6.90
C PHE A 58 -26.65 -19.40 7.89
N ILE A 59 -26.63 -19.05 9.17
CA ILE A 59 -26.68 -20.05 10.23
C ILE A 59 -28.15 -20.41 10.45
N VAL A 60 -28.45 -21.70 10.32
CA VAL A 60 -29.74 -22.26 10.72
C VAL A 60 -29.67 -22.44 12.23
N GLU A 61 -30.46 -21.64 12.96
CA GLU A 61 -30.39 -21.55 14.40
C GLU A 61 -31.71 -22.00 15.01
N LYS A 62 -31.64 -22.82 16.05
CA LYS A 62 -32.82 -23.22 16.82
C LYS A 62 -32.49 -23.06 18.29
N ASP A 63 -33.25 -22.20 18.98
CA ASP A 63 -33.05 -21.93 20.40
C ASP A 63 -31.62 -21.49 20.70
N ASN A 64 -31.14 -20.49 19.95
CA ASN A 64 -29.80 -19.93 20.14
C ASN A 64 -28.72 -21.00 19.93
N GLU A 65 -28.99 -21.97 19.07
CA GLU A 65 -28.05 -23.06 18.82
C GLU A 65 -27.81 -23.18 17.33
N MET A 66 -26.55 -23.33 16.93
CA MET A 66 -26.19 -23.47 15.53
C MET A 66 -26.46 -24.89 15.10
N VAL A 67 -27.56 -25.12 14.39
CA VAL A 67 -27.91 -26.45 13.92
C VAL A 67 -27.61 -26.67 12.45
N GLY A 68 -27.36 -25.61 11.69
CA GLY A 68 -27.06 -25.85 10.29
C GLY A 68 -26.48 -24.64 9.58
N LEU A 69 -26.25 -24.82 8.29
CA LEU A 69 -25.70 -23.81 7.40
C LEU A 69 -26.47 -23.84 6.09
N VAL A 70 -27.09 -22.73 5.73
CA VAL A 70 -27.84 -22.59 4.49
C VAL A 70 -27.19 -21.50 3.65
N GLU A 71 -26.91 -21.80 2.39
CA GLU A 71 -26.24 -20.85 1.51
C GLU A 71 -27.07 -20.62 0.26
N LEU A 72 -27.37 -19.35 -0.01
CA LEU A 72 -27.93 -18.91 -1.28
C LEU A 72 -26.77 -18.29 -2.05
N VAL A 73 -26.13 -19.10 -2.89
CA VAL A 73 -24.93 -18.65 -3.58
C VAL A 73 -25.22 -18.46 -5.05
N GLU A 74 -24.22 -17.97 -5.80
CA GLU A 74 -24.34 -17.73 -7.23
C GLU A 74 -25.59 -16.92 -7.56
N ILE A 75 -25.90 -15.95 -6.70
CA ILE A 75 -27.09 -15.12 -6.88
C ILE A 75 -26.89 -14.25 -8.11
N ASP A 76 -27.61 -14.56 -9.18
CA ASP A 76 -27.58 -13.76 -10.40
C ASP A 76 -28.72 -12.75 -10.34
N TYR A 77 -28.37 -11.47 -10.40
CA TYR A 77 -29.35 -10.40 -10.23
C TYR A 77 -29.99 -9.94 -11.52
N ILE A 78 -29.52 -10.43 -12.67
CA ILE A 78 -30.19 -10.19 -13.94
C ILE A 78 -31.12 -11.34 -14.29
N HIS A 79 -30.64 -12.57 -14.17
CA HIS A 79 -31.45 -13.75 -14.40
C HIS A 79 -32.30 -14.14 -13.20
N ARG A 80 -32.08 -13.52 -12.03
CA ARG A 80 -32.94 -13.75 -10.86
C ARG A 80 -32.97 -15.23 -10.47
N ARG A 81 -31.79 -15.83 -10.33
CA ARG A 81 -31.68 -17.20 -9.87
C ARG A 81 -30.56 -17.30 -8.85
N THR A 82 -30.67 -18.29 -7.97
CA THR A 82 -29.66 -18.54 -6.95
C THR A 82 -29.61 -20.03 -6.65
N GLU A 83 -28.42 -20.53 -6.35
CA GLU A 83 -28.26 -21.92 -5.95
C GLU A 83 -28.47 -22.04 -4.44
N PHE A 84 -29.32 -22.98 -4.05
CA PHE A 84 -29.59 -23.26 -2.65
C PHE A 84 -28.78 -24.47 -2.21
N GLN A 85 -28.06 -24.32 -1.09
CA GLN A 85 -27.31 -25.41 -0.49
C GLN A 85 -27.63 -25.44 0.99
N ILE A 86 -27.66 -26.65 1.57
CA ILE A 86 -28.01 -26.79 2.97
C ILE A 86 -27.18 -27.92 3.59
N ILE A 87 -26.72 -27.69 4.80
CA ILE A 87 -26.11 -28.69 5.65
C ILE A 87 -26.78 -28.60 7.02
N ILE A 88 -27.21 -29.74 7.56
CA ILE A 88 -27.67 -29.81 8.94
C ILE A 88 -26.63 -30.61 9.72
N ASP A 89 -26.19 -30.05 10.84
CA ASP A 89 -25.21 -30.74 11.67
C ASP A 89 -25.75 -32.10 12.09
N PRO A 90 -24.95 -33.17 11.98
CA PRO A 90 -25.47 -34.51 12.30
C PRO A 90 -26.00 -34.63 13.71
N ASN A 91 -25.50 -33.82 14.65
CA ASN A 91 -26.04 -33.86 16.01
C ASN A 91 -27.42 -33.25 16.08
N TYR A 92 -27.85 -32.51 15.05
CA TYR A 92 -29.16 -31.88 15.03
C TYR A 92 -30.04 -32.43 13.91
N GLN A 93 -29.66 -33.58 13.34
CA GLN A 93 -30.48 -34.23 12.33
C GLN A 93 -31.59 -35.05 12.99
N GLY A 94 -32.67 -35.25 12.24
CA GLY A 94 -33.82 -35.97 12.73
C GLY A 94 -34.89 -35.11 13.36
N TYR A 95 -34.72 -33.79 13.38
CA TYR A 95 -35.71 -32.86 13.91
C TYR A 95 -36.49 -32.16 12.81
N GLY A 96 -36.35 -32.59 11.56
CA GLY A 96 -36.95 -31.87 10.46
C GLY A 96 -36.36 -30.51 10.17
N TYR A 97 -35.14 -30.25 10.69
CA TYR A 97 -34.50 -28.96 10.48
C TYR A 97 -34.20 -28.71 9.01
N ALA A 98 -33.92 -29.77 8.24
CA ALA A 98 -33.57 -29.60 6.84
C ALA A 98 -34.73 -28.98 6.06
N VAL A 99 -35.94 -29.52 6.24
CA VAL A 99 -37.09 -29.02 5.48
C VAL A 99 -37.45 -27.61 5.90
N ASP A 100 -37.44 -27.33 7.21
CA ASP A 100 -37.78 -25.99 7.67
C ASP A 100 -36.75 -24.97 7.21
N ALA A 101 -35.47 -25.31 7.27
CA ALA A 101 -34.43 -24.40 6.77
C ALA A 101 -34.54 -24.21 5.27
N THR A 102 -34.88 -25.27 4.54
CA THR A 102 -35.07 -25.13 3.09
C THR A 102 -36.23 -24.18 2.80
N ARG A 103 -37.32 -24.30 3.55
CA ARG A 103 -38.46 -23.40 3.35
C ARG A 103 -38.11 -21.97 3.72
N LEU A 104 -37.31 -21.79 4.78
CA LEU A 104 -36.86 -20.45 5.14
C LEU A 104 -36.00 -19.84 4.05
N ALA A 105 -35.09 -20.64 3.48
CA ALA A 105 -34.24 -20.15 2.39
C ALA A 105 -35.04 -19.85 1.14
N MET A 106 -36.05 -20.68 0.85
CA MET A 106 -36.93 -20.43 -0.29
C MET A 106 -37.68 -19.12 -0.10
N ASP A 107 -38.23 -18.90 1.09
CA ASP A 107 -38.92 -17.63 1.35
C ASP A 107 -37.96 -16.46 1.25
N TYR A 108 -36.71 -16.65 1.69
CA TYR A 108 -35.75 -15.55 1.61
C TYR A 108 -35.41 -15.21 0.16
N ALA A 109 -35.15 -16.23 -0.66
CA ALA A 109 -34.76 -15.98 -2.04
C ALA A 109 -35.93 -15.43 -2.86
N PHE A 110 -37.14 -15.93 -2.62
CA PHE A 110 -38.28 -15.53 -3.43
C PHE A 110 -38.90 -14.23 -2.93
N SER A 111 -39.00 -14.05 -1.61
CA SER A 111 -39.69 -12.92 -1.03
C SER A 111 -38.78 -11.74 -0.71
N VAL A 112 -37.54 -12.00 -0.31
CA VAL A 112 -36.61 -10.93 0.04
C VAL A 112 -35.74 -10.58 -1.16
N LEU A 113 -35.02 -11.57 -1.69
CA LEU A 113 -34.10 -11.32 -2.79
C LEU A 113 -34.80 -11.16 -4.14
N ASN A 114 -36.12 -11.41 -4.20
CA ASN A 114 -36.89 -11.24 -5.42
C ASN A 114 -36.33 -12.11 -6.56
N MET A 115 -35.98 -13.35 -6.23
CA MET A 115 -35.46 -14.29 -7.21
C MET A 115 -36.58 -14.94 -8.01
N HIS A 116 -36.34 -15.13 -9.30
CA HIS A 116 -37.28 -15.88 -10.14
C HIS A 116 -37.11 -17.38 -9.98
N LYS A 117 -35.89 -17.85 -9.71
CA LYS A 117 -35.61 -19.28 -9.69
C LYS A 117 -34.67 -19.62 -8.56
N ILE A 118 -34.93 -20.74 -7.90
CA ILE A 118 -34.00 -21.36 -6.97
C ILE A 118 -33.64 -22.73 -7.53
N TYR A 119 -32.37 -23.09 -7.45
CA TYR A 119 -31.96 -24.44 -7.85
C TYR A 119 -31.02 -25.02 -6.80
N LEU A 120 -31.06 -26.33 -6.67
CA LEU A 120 -30.19 -27.07 -5.79
C LEU A 120 -29.64 -28.28 -6.53
N VAL A 121 -28.54 -28.81 -6.00
CA VAL A 121 -27.86 -29.95 -6.60
C VAL A 121 -27.61 -30.98 -5.52
N VAL A 122 -28.19 -32.17 -5.68
CA VAL A 122 -27.99 -33.27 -4.75
C VAL A 122 -27.39 -34.45 -5.52
N ASP A 123 -26.88 -35.42 -4.77
CA ASP A 123 -26.34 -36.62 -5.41
C ASP A 123 -27.47 -37.48 -5.97
N LYS A 124 -27.20 -38.10 -7.12
CA LYS A 124 -28.21 -38.97 -7.74
C LYS A 124 -28.53 -40.15 -6.85
N GLU A 125 -27.56 -40.63 -6.07
CA GLU A 125 -27.80 -41.70 -5.13
C GLU A 125 -28.76 -41.28 -4.03
N ASN A 126 -28.77 -40.00 -3.67
CA ASN A 126 -29.61 -39.48 -2.59
C ASN A 126 -31.04 -39.27 -3.13
N GLU A 127 -31.73 -40.39 -3.35
CA GLU A 127 -33.10 -40.33 -3.85
C GLU A 127 -34.06 -39.82 -2.78
N LYS A 128 -33.74 -40.04 -1.50
CA LYS A 128 -34.58 -39.53 -0.43
C LYS A 128 -34.60 -38.01 -0.44
N ALA A 129 -33.45 -37.38 -0.65
CA ALA A 129 -33.41 -35.92 -0.71
C ALA A 129 -34.21 -35.41 -1.90
N VAL A 130 -34.14 -36.09 -3.04
CA VAL A 130 -34.93 -35.68 -4.20
C VAL A 130 -36.41 -35.76 -3.89
N HIS A 131 -36.84 -36.83 -3.23
CA HIS A 131 -38.25 -36.97 -2.89
C HIS A 131 -38.70 -35.89 -1.90
N VAL A 132 -37.85 -35.58 -0.91
CA VAL A 132 -38.19 -34.55 0.06
C VAL A 132 -38.30 -33.19 -0.62
N TYR A 133 -37.35 -32.86 -1.49
CA TYR A 133 -37.39 -31.58 -2.19
C TYR A 133 -38.57 -31.50 -3.13
N LYS A 134 -38.98 -32.63 -3.72
CA LYS A 134 -40.21 -32.63 -4.52
C LYS A 134 -41.43 -32.41 -3.64
N LYS A 135 -41.41 -32.94 -2.42
CA LYS A 135 -42.52 -32.70 -1.50
C LYS A 135 -42.61 -31.23 -1.11
N VAL A 136 -41.48 -30.55 -0.97
CA VAL A 136 -41.52 -29.13 -0.62
C VAL A 136 -41.83 -28.25 -1.83
N GLY A 137 -41.68 -28.77 -3.05
CA GLY A 137 -42.07 -28.01 -4.22
C GLY A 137 -41.04 -27.96 -5.33
N PHE A 138 -39.84 -28.47 -5.07
CA PHE A 138 -38.80 -28.50 -6.08
C PHE A 138 -39.14 -29.54 -7.16
N MET A 139 -38.86 -29.20 -8.41
CA MET A 139 -39.05 -30.11 -9.52
C MET A 139 -37.69 -30.60 -10.01
N VAL A 140 -37.60 -31.88 -10.34
CA VAL A 140 -36.38 -32.42 -10.92
C VAL A 140 -36.15 -31.71 -12.26
N GLU A 141 -35.07 -30.93 -12.35
CA GLU A 141 -34.80 -30.16 -13.55
C GLU A 141 -33.88 -30.90 -14.52
N GLY A 142 -32.87 -31.59 -14.00
CA GLY A 142 -31.99 -32.32 -14.88
C GLY A 142 -31.02 -33.19 -14.12
N GLU A 143 -30.22 -33.93 -14.87
CA GLU A 143 -29.21 -34.83 -14.32
C GLU A 143 -27.86 -34.48 -14.93
N LEU A 144 -26.86 -34.32 -14.07
CA LEU A 144 -25.48 -34.03 -14.47
C LEU A 144 -24.67 -35.32 -14.39
N ILE A 145 -24.17 -35.77 -15.54
CA ILE A 145 -23.50 -37.06 -15.62
C ILE A 145 -22.04 -36.92 -15.23
N ASP A 146 -21.61 -37.76 -14.29
CA ASP A 146 -20.22 -37.78 -13.81
C ASP A 146 -19.76 -36.37 -13.42
N GLU A 147 -20.67 -35.61 -12.81
CA GLU A 147 -20.40 -34.21 -12.54
C GLU A 147 -19.39 -34.01 -11.42
N PHE A 148 -19.40 -34.86 -10.40
CA PHE A 148 -18.55 -34.61 -9.25
C PHE A 148 -17.73 -35.83 -8.89
N PHE A 149 -16.44 -35.64 -8.65
CA PHE A 149 -15.59 -36.73 -8.17
C PHE A 149 -15.70 -36.79 -6.65
N VAL A 150 -16.38 -37.81 -6.15
CA VAL A 150 -16.63 -38.00 -4.72
C VAL A 150 -16.12 -39.37 -4.33
N ASP A 151 -15.30 -39.41 -3.27
CA ASP A 151 -14.79 -40.65 -2.67
C ASP A 151 -14.37 -41.66 -3.74
N GLY A 152 -13.54 -41.19 -4.68
CA GLY A 152 -12.92 -42.06 -5.64
C GLY A 152 -13.73 -42.39 -6.88
N ASN A 153 -14.96 -41.91 -6.99
CA ASN A 153 -15.78 -42.23 -8.15
C ASN A 153 -16.50 -40.99 -8.65
N TYR A 154 -16.78 -40.97 -9.95
CA TYR A 154 -17.57 -39.90 -10.54
C TYR A 154 -19.04 -40.15 -10.28
N HIS A 155 -19.67 -39.24 -9.56
CA HIS A 155 -21.08 -39.29 -9.24
C HIS A 155 -21.85 -38.32 -10.11
N ASN A 156 -23.02 -38.77 -10.56
CA ASN A 156 -24.02 -37.95 -11.19
C ASN A 156 -24.79 -37.17 -10.12
N ALA A 157 -25.39 -36.07 -10.54
CA ALA A 157 -26.13 -35.22 -9.64
C ALA A 157 -27.51 -34.93 -10.22
N ILE A 158 -28.48 -34.73 -9.33
CA ILE A 158 -29.79 -34.26 -9.72
C ILE A 158 -29.88 -32.77 -9.38
N ARG A 159 -30.07 -31.96 -10.41
CA ARG A 159 -30.35 -30.54 -10.24
C ARG A 159 -31.86 -30.34 -10.24
N MET A 160 -32.36 -29.76 -9.16
CA MET A 160 -33.78 -29.50 -8.97
C MET A 160 -34.00 -28.00 -8.88
N CYS A 161 -35.18 -27.56 -9.28
CA CYS A 161 -35.46 -26.13 -9.33
C CYS A 161 -36.89 -25.85 -8.87
N MET A 162 -37.07 -24.62 -8.42
CA MET A 162 -38.36 -24.07 -8.03
C MET A 162 -38.44 -22.65 -8.53
N PHE A 163 -39.66 -22.16 -8.76
CA PHE A 163 -39.84 -20.84 -9.33
C PHE A 163 -40.70 -19.97 -8.42
N GLN A 164 -40.62 -18.66 -8.66
CA GLN A 164 -41.24 -17.70 -7.74
C GLN A 164 -42.76 -17.79 -7.80
N LYS A 165 -43.33 -17.95 -8.99
CA LYS A 165 -44.78 -18.00 -9.10
C LYS A 165 -45.33 -19.24 -8.42
N GLN A 166 -44.70 -20.39 -8.64
CA GLN A 166 -45.17 -21.63 -7.99
C GLN A 166 -45.00 -21.55 -6.48
N TYR A 167 -43.97 -20.86 -6.01
CA TYR A 167 -43.79 -20.72 -4.56
C TYR A 167 -44.85 -19.79 -3.96
N PHE A 168 -45.12 -18.65 -4.62
CA PHE A 168 -46.12 -17.74 -4.08
C PHE A 168 -47.52 -18.31 -4.16
N GLU A 169 -47.79 -19.16 -5.15
CA GLU A 169 -49.09 -19.82 -5.20
C GLU A 169 -49.25 -20.84 -4.08
N ASN A 170 -48.15 -21.47 -3.68
CA ASN A 170 -48.17 -22.45 -2.59
C ASN A 170 -47.49 -21.92 -1.34
N GLU B 4 -34.44 12.40 30.17
CA GLU B 4 -34.91 13.01 28.93
C GLU B 4 -34.37 12.26 27.72
N LEU B 5 -35.26 11.90 26.80
CA LEU B 5 -34.86 11.23 25.57
C LEU B 5 -33.92 12.12 24.76
N LYS B 6 -32.84 11.53 24.24
CA LYS B 6 -31.86 12.29 23.50
C LYS B 6 -31.42 11.51 22.27
N LEU B 7 -30.82 12.23 21.34
CA LEU B 7 -30.12 11.64 20.20
C LEU B 7 -28.63 11.80 20.44
N ARG B 8 -27.87 10.73 20.24
CA ARG B 8 -26.42 10.81 20.31
C ARG B 8 -25.85 10.15 19.06
N PRO B 9 -24.57 10.38 18.76
CA PRO B 9 -24.00 9.74 17.58
C PRO B 9 -24.00 8.22 17.71
N LEU B 10 -24.30 7.55 16.60
CA LEU B 10 -24.19 6.10 16.55
C LEU B 10 -22.72 5.72 16.65
N GLU B 11 -22.32 5.14 17.77
CA GLU B 11 -20.92 4.79 17.98
C GLU B 11 -20.67 3.37 17.51
N ARG B 12 -19.39 3.08 17.23
CA ARG B 12 -19.00 1.75 16.81
C ARG B 12 -19.39 0.71 17.86
N GLU B 13 -19.16 1.02 19.13
CA GLU B 13 -19.50 0.11 20.22
C GLU B 13 -21.00 -0.20 20.28
N ASP B 14 -21.82 0.63 19.65
CA ASP B 14 -23.27 0.41 19.62
C ASP B 14 -23.70 -0.53 18.50
N LEU B 15 -22.80 -0.91 17.60
CA LEU B 15 -23.22 -1.56 16.36
C LEU B 15 -23.97 -2.86 16.62
N LYS B 16 -23.63 -3.57 17.70
CA LYS B 16 -24.36 -4.80 18.04
C LYS B 16 -25.86 -4.53 18.10
N PHE B 17 -26.25 -3.46 18.80
CA PHE B 17 -27.65 -3.03 18.81
C PHE B 17 -28.17 -2.90 17.39
N VAL B 18 -27.49 -2.09 16.57
CA VAL B 18 -27.88 -1.93 15.17
C VAL B 18 -27.97 -3.29 14.50
N HIS B 19 -27.01 -4.18 14.78
CA HIS B 19 -27.01 -5.51 14.19
C HIS B 19 -28.35 -6.19 14.43
N GLU B 20 -28.81 -6.19 15.68
CA GLU B 20 -30.07 -6.85 15.99
C GLU B 20 -31.22 -6.24 15.21
N LEU B 21 -31.19 -4.92 15.01
CA LEU B 21 -32.23 -4.29 14.22
C LEU B 21 -32.11 -4.63 12.74
N ASN B 22 -30.89 -4.78 12.23
CA ASN B 22 -30.70 -4.94 10.79
C ASN B 22 -31.01 -6.32 10.29
N ASN B 23 -31.21 -7.31 11.16
CA ASN B 23 -31.58 -8.65 10.75
C ASN B 23 -32.98 -9.04 11.19
N ASN B 24 -33.74 -8.09 11.73
CA ASN B 24 -35.15 -8.31 12.03
C ASN B 24 -35.95 -7.97 10.79
N ALA B 25 -36.57 -8.98 10.19
CA ALA B 25 -37.29 -8.79 8.93
C ALA B 25 -38.43 -7.78 9.10
N HIS B 26 -39.15 -7.87 10.22
CA HIS B 26 -40.25 -6.93 10.46
C HIS B 26 -39.73 -5.51 10.58
N ILE B 27 -38.64 -5.31 11.34
CA ILE B 27 -38.06 -3.98 11.49
C ILE B 27 -37.50 -3.48 10.16
N MET B 28 -36.73 -4.33 9.47
CA MET B 28 -36.15 -3.98 8.17
C MET B 28 -37.16 -3.98 7.06
N SER B 29 -38.45 -4.03 7.37
CA SER B 29 -39.49 -3.80 6.37
C SER B 29 -40.00 -2.37 6.35
N TYR B 30 -40.03 -1.67 7.48
CA TYR B 30 -40.44 -0.26 7.46
C TYR B 30 -39.45 0.57 6.67
N TRP B 31 -38.17 0.51 7.03
CA TRP B 31 -37.17 0.83 6.04
C TRP B 31 -37.17 -0.30 5.03
N PHE B 32 -36.94 0.04 3.77
CA PHE B 32 -37.08 -0.97 2.72
C PHE B 32 -35.73 -1.59 2.39
N GLU B 33 -35.18 -2.25 3.40
CA GLU B 33 -33.83 -2.82 3.38
C GLU B 33 -33.92 -4.32 3.50
N GLU B 34 -33.05 -5.01 2.77
CA GLU B 34 -32.94 -6.45 2.92
C GLU B 34 -32.48 -6.78 4.34
N PRO B 35 -33.19 -7.65 5.07
CA PRO B 35 -32.84 -7.95 6.46
C PRO B 35 -31.69 -8.95 6.61
N TYR B 36 -30.57 -8.64 5.97
CA TYR B 36 -29.35 -9.43 6.09
C TYR B 36 -28.18 -8.48 6.23
N GLU B 37 -27.40 -8.66 7.30
CA GLU B 37 -26.14 -7.96 7.45
C GLU B 37 -25.34 -8.69 8.52
N ALA B 38 -24.25 -9.33 8.10
CA ALA B 38 -23.31 -9.87 9.09
C ALA B 38 -22.75 -8.74 9.93
N PHE B 39 -22.41 -9.06 11.18
CA PHE B 39 -21.93 -8.03 12.09
C PHE B 39 -20.65 -7.39 11.57
N VAL B 40 -19.74 -8.20 11.02
CA VAL B 40 -18.52 -7.64 10.45
C VAL B 40 -18.83 -6.81 9.21
N GLU B 41 -19.89 -7.16 8.46
CA GLU B 41 -20.28 -6.34 7.31
C GLU B 41 -20.77 -4.97 7.78
N LEU B 42 -21.63 -4.95 8.80
CA LEU B 42 -22.11 -3.68 9.35
C LEU B 42 -20.95 -2.87 9.91
N GLN B 43 -20.03 -3.52 10.63
CA GLN B 43 -18.85 -2.83 11.15
C GLN B 43 -18.03 -2.21 10.03
N ASP B 44 -17.79 -2.97 8.96
CA ASP B 44 -16.97 -2.47 7.87
C ASP B 44 -17.64 -1.31 7.15
N LEU B 45 -18.95 -1.40 6.94
CA LEU B 45 -19.68 -0.29 6.32
C LEU B 45 -19.66 0.95 7.20
N TYR B 46 -19.84 0.77 8.51
CA TYR B 46 -19.77 1.89 9.45
C TYR B 46 -18.40 2.55 9.40
N ASP B 47 -17.33 1.74 9.39
CA ASP B 47 -15.99 2.29 9.29
C ASP B 47 -15.78 3.01 7.96
N LYS B 48 -16.34 2.47 6.88
CA LYS B 48 -16.23 3.09 5.58
C LYS B 48 -16.93 4.44 5.53
N HIS B 49 -18.01 4.60 6.31
CA HIS B 49 -18.79 5.82 6.28
C HIS B 49 -18.54 6.71 7.50
N ILE B 50 -17.44 6.50 8.21
CA ILE B 50 -17.10 7.34 9.37
C ILE B 50 -17.05 8.80 8.97
N HIS B 51 -16.38 9.11 7.87
CA HIS B 51 -16.22 10.49 7.41
C HIS B 51 -17.15 10.83 6.26
N ASP B 52 -18.21 10.05 6.06
CA ASP B 52 -19.24 10.38 5.09
C ASP B 52 -20.14 11.44 5.70
N GLN B 53 -20.04 12.67 5.21
CA GLN B 53 -20.83 13.77 5.77
C GLN B 53 -22.26 13.79 5.23
N SER B 54 -22.57 12.96 4.25
CA SER B 54 -23.94 12.80 3.77
C SER B 54 -24.84 12.09 4.77
N GLU B 55 -24.29 11.65 5.90
CA GLU B 55 -25.01 10.81 6.85
C GLU B 55 -24.91 11.39 8.25
N ARG B 56 -25.98 11.20 9.02
CA ARG B 56 -25.99 11.47 10.46
C ARG B 56 -26.72 10.29 11.10
N ARG B 57 -25.96 9.40 11.72
CA ARG B 57 -26.52 8.21 12.36
C ARG B 57 -26.60 8.45 13.86
N PHE B 58 -27.80 8.27 14.42
CA PHE B 58 -28.11 8.62 15.80
C PHE B 58 -28.62 7.40 16.54
N ILE B 59 -28.08 7.17 17.73
CA ILE B 59 -28.73 6.31 18.71
C ILE B 59 -29.77 7.15 19.45
N VAL B 60 -31.02 6.70 19.41
CA VAL B 60 -32.08 7.25 20.25
C VAL B 60 -31.92 6.62 21.62
N GLU B 61 -31.55 7.44 22.60
CA GLU B 61 -31.20 6.98 23.94
C GLU B 61 -32.19 7.52 24.94
N LYS B 62 -32.67 6.65 25.84
CA LYS B 62 -33.55 7.02 26.93
C LYS B 62 -33.00 6.40 28.20
N ASP B 63 -32.66 7.24 29.18
CA ASP B 63 -32.09 6.79 30.45
C ASP B 63 -30.85 5.93 30.23
N ASN B 64 -29.93 6.44 29.41
CA ASN B 64 -28.65 5.79 29.13
C ASN B 64 -28.85 4.40 28.50
N GLU B 65 -29.95 4.22 27.76
CA GLU B 65 -30.28 2.95 27.13
C GLU B 65 -30.61 3.18 25.67
N MET B 66 -30.09 2.29 24.81
CA MET B 66 -30.32 2.40 23.37
C MET B 66 -31.71 1.91 23.05
N VAL B 67 -32.63 2.85 22.78
CA VAL B 67 -34.01 2.50 22.46
C VAL B 67 -34.32 2.63 20.97
N GLY B 68 -33.47 3.29 20.20
CA GLY B 68 -33.80 3.39 18.78
C GLY B 68 -32.62 3.85 17.94
N LEU B 69 -32.92 4.01 16.64
CA LEU B 69 -31.95 4.44 15.64
C LEU B 69 -32.60 5.44 14.71
N VAL B 70 -32.04 6.65 14.65
CA VAL B 70 -32.53 7.71 13.76
C VAL B 70 -31.43 8.06 12.78
N GLU B 71 -31.76 8.08 11.49
CA GLU B 71 -30.76 8.36 10.47
C GLU B 71 -31.22 9.50 9.57
N LEU B 72 -30.38 10.52 9.45
CA LEU B 72 -30.54 11.57 8.44
C LEU B 72 -29.53 11.28 7.33
N VAL B 73 -30.00 10.58 6.30
CA VAL B 73 -29.12 10.13 5.24
C VAL B 73 -29.37 10.93 3.97
N GLU B 74 -28.56 10.70 2.94
CA GLU B 74 -28.68 11.40 1.66
C GLU B 74 -28.75 12.91 1.86
N ILE B 75 -27.96 13.40 2.80
CA ILE B 75 -27.93 14.84 3.12
C ILE B 75 -27.33 15.56 1.92
N ASP B 76 -28.17 16.29 1.18
CA ASP B 76 -27.69 17.08 0.05
C ASP B 76 -27.44 18.50 0.55
N TYR B 77 -26.20 18.96 0.42
CA TYR B 77 -25.81 20.25 0.96
C TYR B 77 -25.97 21.40 -0.04
N ILE B 78 -26.31 21.10 -1.28
CA ILE B 78 -26.65 22.13 -2.26
C ILE B 78 -28.16 22.34 -2.33
N HIS B 79 -28.91 21.24 -2.45
CA HIS B 79 -30.36 21.30 -2.44
C HIS B 79 -30.95 21.36 -1.03
N ARG B 80 -30.12 21.18 0.01
CA ARG B 80 -30.53 21.36 1.40
C ARG B 80 -31.70 20.46 1.78
N ARG B 81 -31.56 19.17 1.48
CA ARG B 81 -32.55 18.18 1.86
C ARG B 81 -31.86 16.92 2.39
N THR B 82 -32.60 16.18 3.23
CA THR B 82 -32.10 14.94 3.79
C THR B 82 -33.28 13.99 3.99
N GLU B 83 -33.01 12.69 3.82
CA GLU B 83 -34.02 11.67 4.11
C GLU B 83 -33.95 11.29 5.58
N PHE B 84 -35.11 11.30 6.24
CA PHE B 84 -35.23 10.92 7.63
C PHE B 84 -35.75 9.49 7.73
N GLN B 85 -35.07 8.66 8.52
CA GLN B 85 -35.48 7.30 8.79
C GLN B 85 -35.41 7.07 10.30
N ILE B 86 -36.31 6.25 10.82
CA ILE B 86 -36.36 5.99 12.26
C ILE B 86 -36.77 4.54 12.50
N ILE B 87 -36.12 3.93 13.48
CA ILE B 87 -36.48 2.62 14.00
C ILE B 87 -36.55 2.74 15.51
N ILE B 88 -37.63 2.24 16.11
CA ILE B 88 -37.74 2.08 17.55
C ILE B 88 -37.69 0.59 17.84
N ASP B 89 -36.84 0.20 18.78
CA ASP B 89 -36.74 -1.20 19.16
C ASP B 89 -38.13 -1.68 19.59
N PRO B 90 -38.58 -2.84 19.11
CA PRO B 90 -39.97 -3.26 19.42
C PRO B 90 -40.25 -3.36 20.91
N ASN B 91 -39.24 -3.67 21.72
CA ASN B 91 -39.40 -3.73 23.17
C ASN B 91 -39.52 -2.34 23.80
N TYR B 92 -39.18 -1.27 23.07
CA TYR B 92 -39.30 0.09 23.56
C TYR B 92 -40.36 0.88 22.81
N GLN B 93 -41.24 0.20 22.09
CA GLN B 93 -42.35 0.85 21.42
C GLN B 93 -43.51 1.08 22.40
N GLY B 94 -44.33 2.07 22.10
CA GLY B 94 -45.45 2.42 22.95
C GLY B 94 -45.15 3.47 24.00
N TYR B 95 -43.94 4.02 24.03
CA TYR B 95 -43.58 5.08 24.96
C TYR B 95 -43.55 6.44 24.30
N GLY B 96 -44.04 6.55 23.06
CA GLY B 96 -43.93 7.78 22.33
C GLY B 96 -42.51 8.14 21.91
N TYR B 97 -41.59 7.18 21.96
CA TYR B 97 -40.21 7.45 21.59
C TYR B 97 -40.10 7.82 20.11
N ALA B 98 -40.95 7.25 19.27
CA ALA B 98 -40.90 7.55 17.84
C ALA B 98 -41.14 9.03 17.57
N VAL B 99 -42.18 9.60 18.19
CA VAL B 99 -42.52 11.00 17.93
C VAL B 99 -41.46 11.92 18.51
N ASP B 100 -40.97 11.62 19.72
CA ASP B 100 -39.95 12.48 20.33
C ASP B 100 -38.65 12.43 19.53
N ALA B 101 -38.24 11.24 19.09
CA ALA B 101 -37.03 11.12 18.27
C ALA B 101 -37.21 11.79 16.93
N THR B 102 -38.41 11.70 16.35
CA THR B 102 -38.68 12.41 15.09
C THR B 102 -38.58 13.91 15.29
N ARG B 103 -39.10 14.43 16.40
CA ARG B 103 -39.01 15.87 16.63
C ARG B 103 -37.56 16.30 16.85
N LEU B 104 -36.78 15.47 17.56
CA LEU B 104 -35.37 15.78 17.76
C LEU B 104 -34.62 15.77 16.44
N ALA B 105 -34.90 14.80 15.58
CA ALA B 105 -34.23 14.72 14.29
C ALA B 105 -34.62 15.88 13.39
N MET B 106 -35.89 16.29 13.42
CA MET B 106 -36.31 17.46 12.65
C MET B 106 -35.60 18.71 13.14
N ASP B 107 -35.52 18.89 14.47
CA ASP B 107 -34.79 20.04 14.99
C ASP B 107 -33.33 20.00 14.57
N TYR B 108 -32.75 18.80 14.53
CA TYR B 108 -31.35 18.69 14.14
C TYR B 108 -31.16 19.05 12.67
N ALA B 109 -32.02 18.54 11.79
CA ALA B 109 -31.85 18.81 10.37
C ALA B 109 -32.14 20.26 10.03
N PHE B 110 -33.14 20.86 10.67
CA PHE B 110 -33.53 22.22 10.32
C PHE B 110 -32.67 23.27 11.03
N SER B 111 -32.35 23.05 12.29
CA SER B 111 -31.66 24.05 13.10
C SER B 111 -30.15 23.88 13.10
N VAL B 112 -29.65 22.65 13.05
CA VAL B 112 -28.22 22.40 13.07
C VAL B 112 -27.69 22.27 11.65
N LEU B 113 -28.25 21.33 10.89
CA LEU B 113 -27.76 21.08 9.54
C LEU B 113 -28.22 22.12 8.52
N ASN B 114 -29.11 23.04 8.92
CA ASN B 114 -29.59 24.10 8.04
C ASN B 114 -30.22 23.53 6.77
N MET B 115 -31.02 22.47 6.93
CA MET B 115 -31.70 21.86 5.81
C MET B 115 -32.95 22.64 5.45
N HIS B 116 -33.20 22.79 4.15
CA HIS B 116 -34.45 23.40 3.72
C HIS B 116 -35.61 22.41 3.75
N LYS B 117 -35.33 21.12 3.52
CA LYS B 117 -36.37 20.12 3.38
C LYS B 117 -35.96 18.83 4.06
N ILE B 118 -36.93 18.19 4.71
CA ILE B 118 -36.78 16.83 5.21
C ILE B 118 -37.80 15.96 4.49
N TYR B 119 -37.40 14.77 4.08
CA TYR B 119 -38.35 13.84 3.49
C TYR B 119 -38.16 12.46 4.09
N LEU B 120 -39.25 11.71 4.16
CA LEU B 120 -39.25 10.33 4.63
C LEU B 120 -40.09 9.49 3.69
N VAL B 121 -39.87 8.19 3.74
CA VAL B 121 -40.57 7.24 2.89
C VAL B 121 -41.09 6.12 3.79
N VAL B 122 -42.41 5.95 3.82
CA VAL B 122 -43.04 4.90 4.60
C VAL B 122 -43.85 4.02 3.65
N ASP B 123 -44.22 2.84 4.14
CA ASP B 123 -45.06 1.95 3.34
C ASP B 123 -46.47 2.50 3.26
N LYS B 124 -47.11 2.32 2.10
CA LYS B 124 -48.46 2.82 1.92
C LYS B 124 -49.44 2.11 2.85
N GLU B 125 -49.17 0.85 3.20
CA GLU B 125 -50.01 0.13 4.15
C GLU B 125 -49.96 0.78 5.52
N ASN B 126 -48.83 1.41 5.87
CA ASN B 126 -48.63 2.03 7.19
C ASN B 126 -49.33 3.38 7.21
N GLU B 127 -50.66 3.34 7.29
CA GLU B 127 -51.45 4.57 7.37
C GLU B 127 -51.25 5.26 8.72
N LYS B 128 -50.96 4.48 9.76
CA LYS B 128 -50.72 5.06 11.08
C LYS B 128 -49.48 5.95 11.06
N ALA B 129 -48.41 5.50 10.40
CA ALA B 129 -47.21 6.32 10.31
C ALA B 129 -47.45 7.59 9.52
N VAL B 130 -48.22 7.50 8.43
CA VAL B 130 -48.53 8.70 7.66
C VAL B 130 -49.31 9.68 8.51
N HIS B 131 -50.28 9.19 9.28
CA HIS B 131 -51.06 10.04 10.17
C HIS B 131 -50.19 10.67 11.25
N VAL B 132 -49.29 9.89 11.85
CA VAL B 132 -48.43 10.43 12.91
C VAL B 132 -47.51 11.50 12.35
N TYR B 133 -46.90 11.24 11.20
CA TYR B 133 -46.00 12.22 10.60
C TYR B 133 -46.75 13.47 10.15
N LYS B 134 -48.01 13.33 9.72
CA LYS B 134 -48.81 14.50 9.39
C LYS B 134 -49.12 15.30 10.66
N LYS B 135 -49.33 14.61 11.78
CA LYS B 135 -49.52 15.30 13.05
C LYS B 135 -48.26 16.04 13.47
N VAL B 136 -47.08 15.47 13.17
CA VAL B 136 -45.83 16.13 13.53
C VAL B 136 -45.50 17.28 12.57
N GLY B 137 -46.12 17.32 11.39
CA GLY B 137 -45.93 18.44 10.49
C GLY B 137 -45.58 18.05 9.07
N PHE B 138 -45.34 16.77 8.85
CA PHE B 138 -44.99 16.27 7.52
C PHE B 138 -46.21 16.32 6.61
N MET B 139 -45.98 16.69 5.36
CA MET B 139 -47.02 16.71 4.34
C MET B 139 -46.81 15.56 3.38
N VAL B 140 -47.91 14.90 2.99
CA VAL B 140 -47.84 13.86 1.98
C VAL B 140 -47.35 14.48 0.67
N GLU B 141 -46.16 14.07 0.24
CA GLU B 141 -45.57 14.66 -0.95
C GLU B 141 -45.89 13.86 -2.22
N GLY B 142 -45.85 12.54 -2.14
CA GLY B 142 -46.16 11.76 -3.31
C GLY B 142 -46.24 10.28 -3.00
N GLU B 143 -46.56 9.51 -4.03
CA GLU B 143 -46.66 8.06 -3.94
C GLU B 143 -45.77 7.43 -4.98
N LEU B 144 -44.96 6.47 -4.56
CA LEU B 144 -44.03 5.73 -5.41
C LEU B 144 -44.66 4.38 -5.73
N ILE B 145 -44.89 4.13 -7.01
CA ILE B 145 -45.65 2.97 -7.45
C ILE B 145 -44.74 1.75 -7.50
N ASP B 146 -45.13 0.68 -6.81
CA ASP B 146 -44.37 -0.59 -6.80
C ASP B 146 -42.90 -0.34 -6.51
N GLU B 147 -42.64 0.60 -5.59
CA GLU B 147 -41.27 1.07 -5.40
C GLU B 147 -40.40 0.03 -4.71
N PHE B 148 -40.95 -0.76 -3.79
CA PHE B 148 -40.10 -1.65 -3.02
C PHE B 148 -40.65 -3.07 -3.02
N PHE B 149 -39.77 -4.05 -3.25
CA PHE B 149 -40.16 -5.45 -3.16
C PHE B 149 -39.98 -5.88 -1.70
N VAL B 150 -41.11 -6.08 -1.00
CA VAL B 150 -41.13 -6.45 0.40
C VAL B 150 -41.90 -7.75 0.54
N ASP B 151 -41.30 -8.72 1.21
CA ASP B 151 -41.92 -10.01 1.54
C ASP B 151 -42.77 -10.54 0.39
N GLY B 152 -42.16 -10.62 -0.78
CA GLY B 152 -42.77 -11.28 -1.92
C GLY B 152 -43.71 -10.43 -2.75
N ASN B 153 -43.93 -9.17 -2.40
CA ASN B 153 -44.87 -8.35 -3.16
C ASN B 153 -44.27 -6.96 -3.37
N TYR B 154 -44.64 -6.34 -4.49
CA TYR B 154 -44.25 -4.96 -4.75
C TYR B 154 -45.18 -4.02 -3.99
N HIS B 155 -44.60 -3.25 -3.08
CA HIS B 155 -45.31 -2.29 -2.26
C HIS B 155 -45.05 -0.89 -2.80
N ASN B 156 -46.12 -0.09 -2.83
CA ASN B 156 -46.02 1.34 -3.05
C ASN B 156 -45.58 2.02 -1.76
N ALA B 157 -45.03 3.21 -1.91
CA ALA B 157 -44.54 3.95 -0.75
C ALA B 157 -45.14 5.35 -0.76
N ILE B 158 -45.32 5.90 0.43
CA ILE B 158 -45.73 7.28 0.59
C ILE B 158 -44.49 8.07 1.00
N ARG B 159 -44.10 9.03 0.16
CA ARG B 159 -43.03 9.97 0.48
C ARG B 159 -43.66 11.24 1.03
N MET B 160 -43.25 11.60 2.25
CA MET B 160 -43.74 12.77 2.96
C MET B 160 -42.59 13.75 3.16
N CYS B 161 -42.90 15.04 3.25
CA CYS B 161 -41.87 16.05 3.37
C CYS B 161 -42.32 17.16 4.32
N MET B 162 -41.32 17.85 4.85
CA MET B 162 -41.50 19.02 5.68
C MET B 162 -40.45 20.05 5.28
N PHE B 163 -40.75 21.33 5.50
CA PHE B 163 -39.86 22.40 5.08
C PHE B 163 -39.47 23.26 6.27
N GLN B 164 -38.36 23.99 6.10
CA GLN B 164 -37.75 24.70 7.21
C GLN B 164 -38.61 25.87 7.67
N LYS B 165 -39.23 26.59 6.74
CA LYS B 165 -40.05 27.73 7.13
C LYS B 165 -41.27 27.28 7.95
N GLN B 166 -41.96 26.23 7.48
CA GLN B 166 -43.10 25.73 8.25
C GLN B 166 -42.69 25.17 9.59
N TYR B 167 -41.48 24.59 9.68
CA TYR B 167 -41.01 24.08 10.97
C TYR B 167 -40.70 25.22 11.93
N PHE B 168 -40.01 26.26 11.45
CA PHE B 168 -39.66 27.37 12.33
C PHE B 168 -40.88 28.18 12.73
N GLU B 169 -41.91 28.22 11.88
CA GLU B 169 -43.13 28.92 12.27
C GLU B 169 -43.86 28.21 13.40
N ASN B 170 -43.76 26.89 13.48
CA ASN B 170 -44.40 26.14 14.55
C ASN B 170 -43.38 25.61 15.56
N GLU C 4 -2.55 24.04 40.73
CA GLU C 4 -2.48 25.15 39.80
C GLU C 4 -2.96 24.72 38.41
N LEU C 5 -3.83 25.54 37.81
CA LEU C 5 -4.32 25.24 36.47
C LEU C 5 -3.19 25.24 35.46
N LYS C 6 -3.20 24.23 34.59
CA LYS C 6 -2.14 24.08 33.60
C LYS C 6 -2.74 23.68 32.27
N LEU C 7 -1.96 23.88 31.21
CA LEU C 7 -2.26 23.36 29.89
C LEU C 7 -1.32 22.20 29.59
N ARG C 8 -1.87 21.11 29.09
CA ARG C 8 -1.06 19.99 28.63
C ARG C 8 -1.53 19.58 27.25
N PRO C 9 -0.74 18.80 26.52
CA PRO C 9 -1.20 18.37 25.19
C PRO C 9 -2.45 17.51 25.28
N LEU C 10 -3.36 17.71 24.33
CA LEU C 10 -4.53 16.85 24.21
C LEU C 10 -4.06 15.47 23.77
N GLU C 11 -4.12 14.50 24.67
CA GLU C 11 -3.67 13.16 24.35
C GLU C 11 -4.80 12.32 23.79
N ARG C 12 -4.43 11.27 23.06
CA ARG C 12 -5.43 10.37 22.49
C ARG C 12 -6.31 9.76 23.60
N GLU C 13 -5.69 9.35 24.71
CA GLU C 13 -6.43 8.77 25.81
C GLU C 13 -7.45 9.74 26.41
N ASP C 14 -7.31 11.03 26.16
CA ASP C 14 -8.26 12.02 26.65
C ASP C 14 -9.47 12.19 25.76
N LEU C 15 -9.48 11.57 24.57
CA LEU C 15 -10.46 11.93 23.55
C LEU C 15 -11.89 11.73 24.02
N LYS C 16 -12.13 10.71 24.86
CA LYS C 16 -13.48 10.49 25.38
C LYS C 16 -14.04 11.75 26.01
N PHE C 17 -13.24 12.42 26.85
CA PHE C 17 -13.64 13.70 27.41
C PHE C 17 -14.05 14.67 26.31
N VAL C 18 -13.14 14.89 25.35
CA VAL C 18 -13.45 15.75 24.22
C VAL C 18 -14.73 15.28 23.53
N HIS C 19 -14.89 13.95 23.41
CA HIS C 19 -16.07 13.39 22.79
C HIS C 19 -17.34 13.98 23.44
N GLU C 20 -17.40 13.95 24.77
CA GLU C 20 -18.59 14.47 25.43
C GLU C 20 -18.79 15.96 25.11
N LEU C 21 -17.69 16.72 25.12
CA LEU C 21 -17.82 18.14 24.79
C LEU C 21 -18.22 18.31 23.34
N ASN C 22 -17.78 17.41 22.47
CA ASN C 22 -18.09 17.57 21.06
C ASN C 22 -19.53 17.18 20.75
N ASN C 23 -20.24 16.56 21.71
CA ASN C 23 -21.63 16.19 21.48
C ASN C 23 -22.60 16.95 22.36
N ASN C 24 -22.11 17.95 23.09
CA ASN C 24 -22.97 18.86 23.85
C ASN C 24 -23.31 20.05 22.95
N ALA C 25 -24.59 20.18 22.60
CA ALA C 25 -25.00 21.26 21.69
C ALA C 25 -24.72 22.61 22.31
N HIS C 26 -24.99 22.77 23.60
CA HIS C 26 -24.71 24.04 24.27
C HIS C 26 -23.23 24.37 24.24
N ILE C 27 -22.37 23.38 24.51
CA ILE C 27 -20.93 23.59 24.43
C ILE C 27 -20.52 23.92 23.01
N MET C 28 -20.98 23.11 22.05
CA MET C 28 -20.69 23.31 20.64
C MET C 28 -21.47 24.46 20.02
N SER C 29 -22.09 25.32 20.83
CA SER C 29 -22.63 26.58 20.35
C SER C 29 -21.65 27.73 20.53
N TYR C 30 -20.82 27.69 21.58
CA TYR C 30 -19.81 28.72 21.77
C TYR C 30 -18.81 28.73 20.63
N TRP C 31 -18.16 27.59 20.39
CA TRP C 31 -17.63 27.34 19.06
C TRP C 31 -18.82 27.06 18.15
N PHE C 32 -18.71 27.47 16.89
CA PHE C 32 -19.85 27.35 15.98
C PHE C 32 -19.72 26.08 15.15
N GLU C 33 -19.76 24.97 15.89
CA GLU C 33 -19.51 23.64 15.35
C GLU C 33 -20.77 22.79 15.48
N GLU C 34 -21.01 21.96 14.47
CA GLU C 34 -22.10 21.01 14.55
C GLU C 34 -21.86 20.03 15.69
N PRO C 35 -22.80 19.87 16.62
CA PRO C 35 -22.61 18.99 17.79
C PRO C 35 -22.80 17.51 17.49
N TYR C 36 -22.08 17.02 16.47
CA TYR C 36 -22.09 15.60 16.14
C TYR C 36 -20.66 15.16 15.85
N GLU C 37 -20.21 14.14 16.55
CA GLU C 37 -18.94 13.50 16.23
C GLU C 37 -18.93 12.13 16.89
N ALA C 38 -19.00 11.08 16.08
CA ALA C 38 -18.79 9.75 16.61
C ALA C 38 -17.40 9.66 17.22
N PHE C 39 -17.26 8.82 18.24
CA PHE C 39 -15.99 8.72 18.94
C PHE C 39 -14.89 8.26 18.00
N VAL C 40 -15.17 7.29 17.13
CA VAL C 40 -14.18 6.85 16.17
C VAL C 40 -13.87 7.94 15.15
N GLU C 41 -14.84 8.79 14.84
CA GLU C 41 -14.58 9.92 13.95
C GLU C 41 -13.61 10.91 14.59
N LEU C 42 -13.85 11.26 15.86
CA LEU C 42 -12.93 12.13 16.57
C LEU C 42 -11.55 11.51 16.68
N GLN C 43 -11.49 10.21 16.98
CA GLN C 43 -10.21 9.51 17.06
C GLN C 43 -9.47 9.58 15.73
N ASP C 44 -10.17 9.33 14.62
CA ASP C 44 -9.53 9.31 13.32
C ASP C 44 -9.03 10.69 12.93
N LEU C 45 -9.83 11.73 13.21
CA LEU C 45 -9.36 13.09 12.92
C LEU C 45 -8.15 13.46 13.78
N TYR C 46 -8.17 13.08 15.05
CA TYR C 46 -7.02 13.31 15.92
C TYR C 46 -5.78 12.62 15.37
N ASP C 47 -5.92 11.37 14.92
CA ASP C 47 -4.79 10.67 14.32
C ASP C 47 -4.32 11.36 13.06
N LYS C 48 -5.25 11.89 12.26
CA LYS C 48 -4.87 12.60 11.05
C LYS C 48 -4.10 13.87 11.36
N HIS C 49 -4.38 14.51 12.50
CA HIS C 49 -3.75 15.78 12.85
C HIS C 49 -2.69 15.64 13.94
N ILE C 50 -2.18 14.43 14.18
CA ILE C 50 -1.13 14.23 15.18
C ILE C 50 0.07 15.11 14.86
N HIS C 51 0.50 15.10 13.60
CA HIS C 51 1.67 15.87 13.16
C HIS C 51 1.29 17.14 12.42
N ASP C 52 0.04 17.59 12.56
CA ASP C 52 -0.37 18.87 11.99
C ASP C 52 0.14 19.99 12.89
N GLN C 53 1.15 20.72 12.41
CA GLN C 53 1.74 21.78 13.20
C GLN C 53 0.94 23.07 13.18
N SER C 54 -0.11 23.15 12.35
CA SER C 54 -0.99 24.31 12.34
C SER C 54 -1.87 24.42 13.58
N GLU C 55 -1.89 23.40 14.44
CA GLU C 55 -2.79 23.38 15.59
C GLU C 55 -2.02 22.98 16.84
N ARG C 56 -2.49 23.49 17.98
CA ARG C 56 -2.02 23.07 19.30
C ARG C 56 -3.24 22.83 20.17
N ARG C 57 -3.53 21.55 20.44
CA ARG C 57 -4.68 21.15 21.23
C ARG C 57 -4.24 20.85 22.65
N PHE C 58 -4.91 21.49 23.62
CA PHE C 58 -4.54 21.49 25.02
C PHE C 58 -5.71 21.00 25.86
N ILE C 59 -5.42 20.08 26.77
CA ILE C 59 -6.30 19.84 27.90
C ILE C 59 -5.98 20.85 28.98
N VAL C 60 -6.99 21.62 29.39
CA VAL C 60 -6.92 22.48 30.55
C VAL C 60 -7.15 21.59 31.77
N GLU C 61 -6.12 21.43 32.59
CA GLU C 61 -6.13 20.50 33.71
C GLU C 61 -6.00 21.26 35.02
N LYS C 62 -6.84 20.90 35.99
CA LYS C 62 -6.80 21.45 37.34
C LYS C 62 -6.89 20.32 38.34
N ASP C 63 -5.84 20.16 39.17
CA ASP C 63 -5.80 19.11 40.19
C ASP C 63 -5.99 17.73 39.58
N ASN C 64 -5.19 17.43 38.56
CA ASN C 64 -5.18 16.13 37.88
C ASN C 64 -6.54 15.79 37.27
N GLU C 65 -7.31 16.81 36.90
CA GLU C 65 -8.63 16.62 36.32
C GLU C 65 -8.77 17.45 35.04
N MET C 66 -9.37 16.86 34.02
CA MET C 66 -9.56 17.53 32.74
C MET C 66 -10.76 18.47 32.88
N VAL C 67 -10.48 19.77 33.00
CA VAL C 67 -11.54 20.76 33.15
C VAL C 67 -11.83 21.53 31.88
N GLY C 68 -10.98 21.44 30.86
CA GLY C 68 -11.31 22.18 29.65
C GLY C 68 -10.48 21.77 28.45
N LEU C 69 -10.72 22.48 27.36
CA LEU C 69 -10.05 22.25 26.08
C LEU C 69 -9.70 23.60 25.47
N VAL C 70 -8.42 23.84 25.23
CA VAL C 70 -7.94 25.07 24.61
C VAL C 70 -7.26 24.72 23.30
N GLU C 71 -7.63 25.39 22.22
CA GLU C 71 -7.07 25.09 20.92
C GLU C 71 -6.50 26.36 20.30
N LEU C 72 -5.23 26.30 19.91
CA LEU C 72 -4.60 27.33 19.10
C LEU C 72 -4.53 26.76 17.68
N VAL C 73 -5.54 27.08 16.88
CA VAL C 73 -5.68 26.48 15.55
C VAL C 73 -5.35 27.52 14.50
N GLU C 74 -5.34 27.09 13.23
CA GLU C 74 -5.04 27.96 12.10
C GLU C 74 -3.77 28.77 12.33
N ILE C 75 -2.77 28.12 12.92
CA ILE C 75 -1.50 28.78 13.21
C ILE C 75 -0.80 29.08 11.89
N ASP C 76 -0.78 30.34 11.49
CA ASP C 76 -0.08 30.78 10.30
C ASP C 76 1.31 31.23 10.71
N TYR C 77 2.34 30.60 10.14
CA TYR C 77 3.71 30.86 10.55
C TYR C 77 4.39 31.95 9.75
N ILE C 78 3.74 32.46 8.70
CA ILE C 78 4.24 33.63 7.98
C ILE C 78 3.58 34.91 8.47
N HIS C 79 2.26 34.91 8.57
CA HIS C 79 1.52 36.05 9.11
C HIS C 79 1.54 36.07 10.64
N ARG C 80 1.99 34.98 11.26
CA ARG C 80 2.20 34.90 12.70
C ARG C 80 0.92 35.20 13.48
N ARG C 81 -0.17 34.52 13.11
CA ARG C 81 -1.43 34.64 13.81
C ARG C 81 -2.03 33.25 14.04
N THR C 82 -2.84 33.13 15.09
CA THR C 82 -3.49 31.88 15.42
C THR C 82 -4.85 32.18 16.05
N GLU C 83 -5.82 31.32 15.77
CA GLU C 83 -7.13 31.44 16.40
C GLU C 83 -7.13 30.71 17.74
N PHE C 84 -7.59 31.41 18.78
CA PHE C 84 -7.72 30.83 20.10
C PHE C 84 -9.17 30.44 20.34
N GLN C 85 -9.39 29.20 20.77
CA GLN C 85 -10.71 28.70 21.13
C GLN C 85 -10.61 28.01 22.48
N ILE C 86 -11.67 28.11 23.28
CA ILE C 86 -11.66 27.55 24.62
C ILE C 86 -13.04 26.99 24.96
N ILE C 87 -13.04 25.84 25.62
CA ILE C 87 -14.25 25.25 26.20
C ILE C 87 -13.92 24.88 27.64
N ILE C 88 -14.81 25.24 28.56
CA ILE C 88 -14.74 24.79 29.94
C ILE C 88 -15.90 23.83 30.18
N ASP C 89 -15.59 22.66 30.74
CA ASP C 89 -16.62 21.68 31.04
C ASP C 89 -17.68 22.30 31.95
N PRO C 90 -18.96 22.09 31.67
CA PRO C 90 -20.01 22.73 32.48
C PRO C 90 -19.92 22.41 33.96
N ASN C 91 -19.39 21.23 34.31
CA ASN C 91 -19.21 20.85 35.70
C ASN C 91 -18.09 21.63 36.37
N TYR C 92 -17.23 22.30 35.60
CA TYR C 92 -16.11 23.05 36.16
C TYR C 92 -16.23 24.55 35.90
N GLN C 93 -17.42 25.04 35.60
CA GLN C 93 -17.63 26.47 35.43
C GLN C 93 -17.80 27.15 36.78
N GLY C 94 -17.47 28.44 36.82
CA GLY C 94 -17.54 29.22 38.04
C GLY C 94 -16.27 29.25 38.85
N TYR C 95 -15.20 28.61 38.39
CA TYR C 95 -13.92 28.63 39.08
C TYR C 95 -12.91 29.56 38.43
N GLY C 96 -13.33 30.37 37.46
CA GLY C 96 -12.39 31.19 36.73
C GLY C 96 -11.45 30.41 35.84
N TYR C 97 -11.76 29.16 35.55
CA TYR C 97 -10.87 28.34 34.72
C TYR C 97 -10.75 28.90 33.32
N ALA C 98 -11.81 29.51 32.80
CA ALA C 98 -11.79 30.03 31.44
C ALA C 98 -10.74 31.13 31.29
N VAL C 99 -10.72 32.08 32.23
CA VAL C 99 -9.81 33.22 32.11
C VAL C 99 -8.37 32.77 32.30
N ASP C 100 -8.11 31.91 33.29
CA ASP C 100 -6.76 31.44 33.52
C ASP C 100 -6.24 30.63 32.35
N ALA C 101 -7.10 29.76 31.79
CA ALA C 101 -6.70 28.99 30.61
C ALA C 101 -6.49 29.89 29.40
N THR C 102 -7.31 30.94 29.27
CA THR C 102 -7.13 31.91 28.19
C THR C 102 -5.78 32.61 28.32
N ARG C 103 -5.40 32.98 29.54
CA ARG C 103 -4.10 33.63 29.75
C ARG C 103 -2.95 32.65 29.52
N LEU C 104 -3.12 31.39 29.88
CA LEU C 104 -2.10 30.40 29.59
C LEU C 104 -1.93 30.22 28.07
N ALA C 105 -3.04 30.18 27.33
CA ALA C 105 -2.97 30.05 25.87
C ALA C 105 -2.36 31.29 25.23
N MET C 106 -2.67 32.48 25.77
CA MET C 106 -2.07 33.70 25.26
C MET C 106 -0.56 33.68 25.45
N ASP C 107 -0.11 33.28 26.65
CA ASP C 107 1.31 33.16 26.91
C ASP C 107 1.95 32.13 26.00
N TYR C 108 1.24 31.04 25.71
CA TYR C 108 1.82 30.01 24.85
C TYR C 108 1.98 30.53 23.42
N ALA C 109 0.95 31.20 22.90
CA ALA C 109 1.02 31.67 21.52
C ALA C 109 2.02 32.80 21.36
N PHE C 110 2.10 33.70 22.34
CA PHE C 110 2.98 34.86 22.20
C PHE C 110 4.42 34.54 22.59
N SER C 111 4.62 33.77 23.65
CA SER C 111 5.95 33.52 24.18
C SER C 111 6.58 32.24 23.63
N VAL C 112 5.78 31.21 23.35
CA VAL C 112 6.33 29.95 22.85
C VAL C 112 6.24 29.93 21.33
N LEU C 113 5.04 30.11 20.79
CA LEU C 113 4.85 30.05 19.34
C LEU C 113 5.31 31.30 18.62
N ASN C 114 5.68 32.36 19.36
CA ASN C 114 6.17 33.60 18.76
C ASN C 114 5.15 34.18 17.79
N MET C 115 3.88 34.16 18.18
CA MET C 115 2.82 34.66 17.32
C MET C 115 2.72 36.18 17.43
N HIS C 116 2.48 36.83 16.30
CA HIS C 116 2.26 38.28 16.33
C HIS C 116 0.84 38.62 16.77
N LYS C 117 -0.14 37.77 16.45
CA LYS C 117 -1.53 38.06 16.69
C LYS C 117 -2.27 36.80 17.16
N ILE C 118 -3.17 36.99 18.11
CA ILE C 118 -4.15 35.98 18.51
C ILE C 118 -5.53 36.55 18.20
N TYR C 119 -6.40 35.72 17.65
CA TYR C 119 -7.78 36.14 17.44
C TYR C 119 -8.72 35.04 17.91
N LEU C 120 -9.89 35.47 18.38
CA LEU C 120 -10.93 34.56 18.81
C LEU C 120 -12.25 35.03 18.23
N VAL C 121 -13.22 34.12 18.21
CA VAL C 121 -14.54 34.39 17.66
C VAL C 121 -15.57 33.95 18.67
N VAL C 122 -16.38 34.88 19.17
CA VAL C 122 -17.46 34.57 20.10
C VAL C 122 -18.76 35.05 19.49
N ASP C 123 -19.88 34.58 20.05
CA ASP C 123 -21.18 35.01 19.55
C ASP C 123 -21.44 36.45 19.96
N LYS C 124 -22.09 37.21 19.07
CA LYS C 124 -22.37 38.61 19.36
C LYS C 124 -23.31 38.76 20.55
N GLU C 125 -24.21 37.81 20.77
CA GLU C 125 -25.08 37.87 21.95
C GLU C 125 -24.27 37.73 23.22
N ASN C 126 -23.14 37.02 23.18
CA ASN C 126 -22.31 36.79 24.36
C ASN C 126 -21.45 38.02 24.62
N GLU C 127 -22.11 39.08 25.11
CA GLU C 127 -21.41 40.31 25.44
C GLU C 127 -20.54 40.15 26.68
N LYS C 128 -20.93 39.25 27.59
CA LYS C 128 -20.14 39.02 28.79
C LYS C 128 -18.76 38.47 28.43
N ALA C 129 -18.70 37.52 27.49
CA ALA C 129 -17.42 36.99 27.06
C ALA C 129 -16.58 38.06 26.38
N VAL C 130 -17.21 38.94 25.61
CA VAL C 130 -16.49 40.03 24.97
C VAL C 130 -15.88 40.95 26.03
N HIS C 131 -16.64 41.28 27.07
CA HIS C 131 -16.11 42.14 28.13
C HIS C 131 -14.97 41.45 28.87
N VAL C 132 -15.12 40.14 29.15
CA VAL C 132 -14.07 39.41 29.85
C VAL C 132 -12.79 39.40 29.01
N TYR C 133 -12.91 39.13 27.72
CA TYR C 133 -11.73 39.12 26.84
C TYR C 133 -11.12 40.51 26.72
N LYS C 134 -11.95 41.56 26.78
CA LYS C 134 -11.39 42.91 26.84
C LYS C 134 -10.62 43.13 28.13
N LYS C 135 -11.10 42.54 29.23
CA LYS C 135 -10.38 42.62 30.49
C LYS C 135 -9.05 41.90 30.42
N VAL C 136 -8.99 40.77 29.71
CA VAL C 136 -7.73 40.05 29.61
C VAL C 136 -6.78 40.69 28.60
N GLY C 137 -7.28 41.56 27.72
CA GLY C 137 -6.41 42.31 26.81
C GLY C 137 -6.83 42.27 25.36
N PHE C 138 -7.84 41.46 25.06
CA PHE C 138 -8.34 41.37 23.69
C PHE C 138 -9.12 42.62 23.31
N MET C 139 -8.95 43.06 22.06
CA MET C 139 -9.68 44.20 21.52
C MET C 139 -10.70 43.69 20.52
N VAL C 140 -11.89 44.29 20.55
CA VAL C 140 -12.90 43.96 19.54
C VAL C 140 -12.36 44.35 18.19
N GLU C 141 -12.14 43.36 17.33
CA GLU C 141 -11.55 43.60 16.02
C GLU C 141 -12.60 43.82 14.95
N GLY C 142 -13.68 43.04 14.98
CA GLY C 142 -14.72 43.22 13.98
C GLY C 142 -15.93 42.38 14.27
N GLU C 143 -16.94 42.54 13.41
CA GLU C 143 -18.19 41.80 13.50
C GLU C 143 -18.45 41.10 12.17
N LEU C 144 -18.74 39.81 12.25
CA LEU C 144 -19.07 38.99 11.09
C LEU C 144 -20.57 38.79 11.04
N ILE C 145 -21.20 39.29 9.96
CA ILE C 145 -22.65 39.31 9.86
C ILE C 145 -23.14 37.96 9.34
N ASP C 146 -24.11 37.37 10.05
CA ASP C 146 -24.70 36.09 9.67
C ASP C 146 -23.64 35.03 9.41
N GLU C 147 -22.58 35.06 10.21
CA GLU C 147 -21.43 34.20 9.94
C GLU C 147 -21.73 32.74 10.25
N PHE C 148 -22.53 32.45 11.27
CA PHE C 148 -22.70 31.06 11.67
C PHE C 148 -24.18 30.72 11.83
N PHE C 149 -24.59 29.58 11.29
CA PHE C 149 -25.95 29.09 11.48
C PHE C 149 -25.99 28.27 12.77
N VAL C 150 -26.62 28.83 13.81
CA VAL C 150 -26.70 28.20 15.13
C VAL C 150 -28.17 28.09 15.51
N ASP C 151 -28.57 26.89 15.93
CA ASP C 151 -29.91 26.60 16.44
C ASP C 151 -31.00 27.32 15.64
N GLY C 152 -30.96 27.13 14.33
CA GLY C 152 -32.02 27.58 13.46
C GLY C 152 -31.95 29.03 13.02
N ASN C 153 -30.94 29.78 13.44
CA ASN C 153 -30.85 31.18 13.08
C ASN C 153 -29.41 31.53 12.69
N TYR C 154 -29.27 32.50 11.79
CA TYR C 154 -27.96 33.02 11.44
C TYR C 154 -27.52 34.02 12.51
N HIS C 155 -26.42 33.70 13.18
CA HIS C 155 -25.84 34.53 14.22
C HIS C 155 -24.61 35.25 13.68
N ASN C 156 -24.50 36.52 14.06
CA ASN C 156 -23.29 37.31 13.88
C ASN C 156 -22.29 36.94 14.96
N ALA C 157 -21.02 37.21 14.68
CA ALA C 157 -19.95 36.89 15.60
C ALA C 157 -19.09 38.12 15.84
N ILE C 158 -18.51 38.21 17.02
CA ILE C 158 -17.51 39.22 17.34
C ILE C 158 -16.15 38.54 17.29
N ARG C 159 -15.30 39.02 16.38
CA ARG C 159 -13.91 38.59 16.29
C ARG C 159 -13.07 39.59 17.07
N MET C 160 -12.34 39.10 18.06
CA MET C 160 -11.48 39.90 18.92
C MET C 160 -10.04 39.48 18.71
N CYS C 161 -9.11 40.41 18.92
CA CYS C 161 -7.70 40.12 18.66
C CYS C 161 -6.83 40.77 19.72
N MET C 162 -5.65 40.19 19.88
CA MET C 162 -4.60 40.68 20.75
C MET C 162 -3.29 40.53 20.01
N PHE C 163 -2.32 41.38 20.35
CA PHE C 163 -1.05 41.38 19.62
C PHE C 163 0.10 41.15 20.59
N GLN C 164 1.25 40.80 20.02
CA GLN C 164 2.38 40.36 20.82
C GLN C 164 2.96 41.51 21.65
N LYS C 165 3.01 42.71 21.09
CA LYS C 165 3.62 43.84 21.80
C LYS C 165 2.82 44.27 23.03
N GLN C 166 1.51 44.44 22.88
CA GLN C 166 0.70 44.83 24.04
C GLN C 166 0.65 43.73 25.08
N TYR C 167 0.71 42.48 24.66
CA TYR C 167 0.75 41.39 25.62
C TYR C 167 2.06 41.38 26.39
N PHE C 168 3.18 41.60 25.69
CA PHE C 168 4.47 41.64 26.37
C PHE C 168 4.57 42.85 27.29
N GLU C 169 3.88 43.94 26.94
CA GLU C 169 3.82 45.09 27.84
C GLU C 169 3.01 44.77 29.10
N ASN C 170 2.00 43.92 28.97
CA ASN C 170 1.19 43.51 30.11
C ASN C 170 1.48 42.07 30.50
N GLU D 4 26.06 2.35 39.74
CA GLU D 4 26.84 3.15 38.79
C GLU D 4 25.96 3.75 37.70
N LEU D 5 26.10 5.05 37.49
CA LEU D 5 25.34 5.70 36.43
C LEU D 5 25.74 5.14 35.07
N LYS D 6 24.74 4.88 34.24
CA LYS D 6 24.97 4.28 32.93
C LYS D 6 24.08 4.95 31.89
N LEU D 7 24.45 4.77 30.63
CA LEU D 7 23.63 5.13 29.50
C LEU D 7 23.08 3.85 28.87
N ARG D 8 21.80 3.83 28.57
CA ARG D 8 21.21 2.72 27.83
C ARG D 8 20.39 3.30 26.69
N PRO D 9 20.05 2.48 25.69
CA PRO D 9 19.22 3.01 24.59
C PRO D 9 17.86 3.46 25.08
N LEU D 10 17.39 4.57 24.52
CA LEU D 10 16.03 5.03 24.78
C LEU D 10 15.05 4.04 24.16
N GLU D 11 14.38 3.27 25.01
CA GLU D 11 13.44 2.26 24.54
C GLU D 11 12.04 2.85 24.39
N ARG D 12 11.22 2.18 23.59
CA ARG D 12 9.85 2.63 23.38
C ARG D 12 9.09 2.67 24.71
N GLU D 13 9.25 1.63 25.55
CA GLU D 13 8.55 1.62 26.83
C GLU D 13 8.98 2.77 27.73
N ASP D 14 10.11 3.41 27.44
CA ASP D 14 10.57 4.54 28.25
C ASP D 14 9.91 5.85 27.85
N LEU D 15 9.18 5.87 26.73
CA LEU D 15 8.77 7.14 26.14
C LEU D 15 7.93 7.98 27.10
N LYS D 16 7.13 7.33 27.95
CA LYS D 16 6.33 8.07 28.93
C LYS D 16 7.20 9.02 29.73
N PHE D 17 8.33 8.52 30.23
CA PHE D 17 9.29 9.37 30.93
C PHE D 17 9.67 10.56 30.05
N VAL D 18 10.14 10.28 28.83
CA VAL D 18 10.49 11.35 27.90
C VAL D 18 9.30 12.30 27.73
N HIS D 19 8.09 11.73 27.64
CA HIS D 19 6.90 12.56 27.49
C HIS D 19 6.84 13.61 28.59
N GLU D 20 7.02 13.18 29.85
CA GLU D 20 6.95 14.12 30.96
C GLU D 20 8.02 15.20 30.82
N LEU D 21 9.19 14.83 30.32
CA LEU D 21 10.23 15.84 30.13
C LEU D 21 9.90 16.77 28.96
N ASN D 22 9.25 16.25 27.91
CA ASN D 22 9.04 17.03 26.70
C ASN D 22 7.93 18.06 26.83
N ASN D 23 7.13 17.99 27.89
CA ASN D 23 6.06 18.95 28.11
C ASN D 23 6.30 19.81 29.34
N ASN D 24 7.48 19.73 29.94
CA ASN D 24 7.88 20.62 31.02
C ASN D 24 8.52 21.84 30.38
N ALA D 25 7.86 23.00 30.51
CA ALA D 25 8.32 24.20 29.83
C ALA D 25 9.71 24.63 30.29
N HIS D 26 9.96 24.57 31.60
CA HIS D 26 11.28 24.97 32.11
C HIS D 26 12.37 24.04 31.59
N ILE D 27 12.11 22.72 31.60
CA ILE D 27 13.10 21.77 31.12
C ILE D 27 13.34 21.95 29.63
N MET D 28 12.26 22.02 28.85
CA MET D 28 12.37 22.13 27.40
C MET D 28 12.75 23.53 26.93
N SER D 29 13.17 24.42 27.83
CA SER D 29 13.77 25.69 27.44
C SER D 29 15.29 25.63 27.42
N TYR D 30 15.90 24.80 28.27
CA TYR D 30 17.35 24.61 28.21
C TYR D 30 17.76 24.05 26.85
N TRP D 31 17.16 22.93 26.45
CA TRP D 31 17.06 22.67 25.02
C TRP D 31 16.07 23.68 24.44
N PHE D 32 16.31 24.10 23.22
CA PHE D 32 15.50 25.17 22.63
C PHE D 32 14.35 24.58 21.80
N GLU D 33 13.49 23.87 22.51
CA GLU D 33 12.38 23.11 21.95
C GLU D 33 11.05 23.67 22.44
N GLU D 34 10.06 23.69 21.56
CA GLU D 34 8.71 24.01 21.97
C GLU D 34 8.21 22.94 22.95
N PRO D 35 7.74 23.32 24.16
CA PRO D 35 7.32 22.34 25.16
C PRO D 35 5.92 21.75 24.92
N TYR D 36 5.70 21.22 23.73
CA TYR D 36 4.46 20.55 23.38
C TYR D 36 4.77 19.28 22.61
N GLU D 37 4.26 18.15 23.09
CA GLU D 37 4.33 16.91 22.34
C GLU D 37 3.31 15.94 22.92
N ALA D 38 2.27 15.64 22.16
CA ALA D 38 1.35 14.58 22.53
C ALA D 38 2.11 13.26 22.61
N PHE D 39 1.64 12.37 23.49
CA PHE D 39 2.34 11.10 23.69
C PHE D 39 2.36 10.28 22.41
N VAL D 40 1.26 10.27 21.65
CA VAL D 40 1.25 9.56 20.39
C VAL D 40 2.16 10.23 19.38
N GLU D 41 2.33 11.55 19.45
CA GLU D 41 3.26 12.23 18.56
C GLU D 41 4.70 11.82 18.85
N LEU D 42 5.07 11.80 20.14
CA LEU D 42 6.41 11.35 20.52
C LEU D 42 6.63 9.89 20.13
N GLN D 43 5.63 9.04 20.36
CA GLN D 43 5.74 7.64 19.96
C GLN D 43 5.95 7.51 18.45
N ASP D 44 5.17 8.25 17.66
CA ASP D 44 5.26 8.14 16.22
C ASP D 44 6.60 8.65 15.70
N LEU D 45 7.11 9.74 16.26
CA LEU D 45 8.44 10.21 15.85
C LEU D 45 9.53 9.22 16.25
N TYR D 46 9.41 8.63 17.45
CA TYR D 46 10.37 7.60 17.87
C TYR D 46 10.36 6.43 16.89
N ASP D 47 9.16 5.97 16.50
CA ASP D 47 9.05 4.90 15.52
C ASP D 47 9.66 5.31 14.18
N LYS D 48 9.46 6.57 13.79
CA LYS D 48 10.02 7.06 12.52
C LYS D 48 11.54 7.07 12.55
N HIS D 49 12.15 7.28 13.72
CA HIS D 49 13.61 7.39 13.80
C HIS D 49 14.26 6.17 14.43
N ILE D 50 13.56 5.03 14.46
CA ILE D 50 14.14 3.79 15.00
C ILE D 50 15.44 3.46 14.25
N HIS D 51 15.40 3.51 12.92
CA HIS D 51 16.57 3.19 12.11
C HIS D 51 17.25 4.43 11.57
N ASP D 52 16.98 5.60 12.18
CA ASP D 52 17.68 6.83 11.84
C ASP D 52 19.04 6.80 12.52
N GLN D 53 20.09 6.64 11.73
CA GLN D 53 21.44 6.55 12.27
C GLN D 53 22.04 7.92 12.61
N SER D 54 21.36 9.01 12.25
CA SER D 54 21.81 10.34 12.62
C SER D 54 21.69 10.64 14.10
N GLU D 55 21.04 9.79 14.88
CA GLU D 55 20.79 10.08 16.29
C GLU D 55 21.10 8.86 17.14
N ARG D 56 21.50 9.13 18.39
CA ARG D 56 21.65 8.11 19.42
C ARG D 56 20.98 8.65 20.68
N ARG D 57 19.81 8.10 21.00
CA ARG D 57 19.02 8.53 22.15
C ARG D 57 19.26 7.58 23.32
N PHE D 58 19.61 8.14 24.47
CA PHE D 58 20.04 7.41 25.65
C PHE D 58 19.16 7.78 26.82
N ILE D 59 18.70 6.77 27.55
CA ILE D 59 18.23 6.98 28.92
C ILE D 59 19.44 6.96 29.84
N VAL D 60 19.61 8.04 30.60
CA VAL D 60 20.57 8.11 31.69
C VAL D 60 19.93 7.40 32.88
N GLU D 61 20.50 6.26 33.26
CA GLU D 61 19.93 5.37 34.26
C GLU D 61 20.85 5.30 35.48
N LYS D 62 20.26 5.44 36.66
CA LYS D 62 20.98 5.32 37.93
C LYS D 62 20.18 4.43 38.87
N ASP D 63 20.78 3.33 39.32
CA ASP D 63 20.11 2.37 40.20
C ASP D 63 18.84 1.83 39.55
N ASN D 64 18.98 1.37 38.30
CA ASN D 64 17.88 0.80 37.53
C ASN D 64 16.76 1.83 37.32
N GLU D 65 17.09 3.12 37.32
CA GLU D 65 16.09 4.19 37.24
C GLU D 65 16.42 5.23 36.19
N MET D 66 15.41 5.65 35.43
CA MET D 66 15.60 6.63 34.38
C MET D 66 15.72 8.00 35.04
N VAL D 67 16.95 8.52 35.12
CA VAL D 67 17.17 9.83 35.72
C VAL D 67 17.39 10.92 34.69
N GLY D 68 17.63 10.57 33.43
CA GLY D 68 17.83 11.63 32.45
C GLY D 68 17.73 11.13 31.02
N LEU D 69 17.97 12.05 30.10
CA LEU D 69 17.92 11.79 28.67
C LEU D 69 19.11 12.46 28.00
N VAL D 70 19.93 11.69 27.32
CA VAL D 70 21.11 12.19 26.61
C VAL D 70 20.95 11.87 25.13
N GLU D 71 21.12 12.87 24.28
CA GLU D 71 20.94 12.67 22.85
C GLU D 71 22.18 13.12 22.10
N LEU D 72 22.73 12.22 21.29
CA LEU D 72 23.76 12.56 20.31
C LEU D 72 23.06 12.63 18.96
N VAL D 73 22.65 13.83 18.56
CA VAL D 73 21.83 14.01 17.38
C VAL D 73 22.69 14.67 16.28
N GLU D 74 22.09 14.80 15.09
CA GLU D 74 22.75 15.38 13.93
C GLU D 74 24.14 14.78 13.71
N ILE D 75 24.23 13.47 13.91
CA ILE D 75 25.50 12.77 13.74
C ILE D 75 25.87 12.80 12.27
N ASP D 76 26.87 13.61 11.93
CA ASP D 76 27.37 13.66 10.56
C ASP D 76 28.54 12.70 10.46
N TYR D 77 28.42 11.72 9.58
CA TYR D 77 29.43 10.67 9.45
C TYR D 77 30.52 11.01 8.44
N ILE D 78 30.39 12.13 7.74
CA ILE D 78 31.45 12.61 6.87
C ILE D 78 32.34 13.61 7.59
N HIS D 79 31.72 14.59 8.25
CA HIS D 79 32.43 15.56 9.07
C HIS D 79 32.74 15.05 10.46
N ARG D 80 32.14 13.93 10.87
CA ARG D 80 32.41 13.27 12.15
C ARG D 80 32.16 14.22 13.32
N ARG D 81 30.97 14.82 13.34
CA ARG D 81 30.55 15.67 14.44
C ARG D 81 29.11 15.33 14.83
N THR D 82 28.77 15.59 16.09
CA THR D 82 27.43 15.33 16.60
C THR D 82 27.09 16.36 17.67
N GLU D 83 25.82 16.73 17.72
CA GLU D 83 25.33 17.63 18.77
C GLU D 83 24.97 16.83 20.00
N PHE D 84 25.47 17.27 21.15
CA PHE D 84 25.18 16.65 22.43
C PHE D 84 24.12 17.46 23.16
N GLN D 85 23.07 16.78 23.63
CA GLN D 85 22.02 17.40 24.42
C GLN D 85 21.76 16.53 25.63
N ILE D 86 21.43 17.17 26.75
CA ILE D 86 21.21 16.44 28.00
C ILE D 86 20.08 17.11 28.78
N ILE D 87 19.23 16.27 29.37
CA ILE D 87 18.23 16.68 30.34
C ILE D 87 18.38 15.78 31.55
N ILE D 88 18.43 16.37 32.73
CA ILE D 88 18.37 15.63 33.98
C ILE D 88 17.03 15.95 34.64
N ASP D 89 16.31 14.90 35.03
CA ASP D 89 15.03 15.09 35.70
C ASP D 89 15.26 15.97 36.93
N PRO D 90 14.44 17.00 37.14
CA PRO D 90 14.67 17.89 38.28
C PRO D 90 14.71 17.17 39.62
N ASN D 91 14.01 16.03 39.72
CA ASN D 91 14.03 15.29 40.97
C ASN D 91 15.37 14.60 41.20
N TYR D 92 16.21 14.50 40.18
CA TYR D 92 17.52 13.84 40.31
C TYR D 92 18.68 14.79 40.09
N GLN D 93 18.44 16.10 40.17
CA GLN D 93 19.53 17.06 40.10
C GLN D 93 20.20 17.21 41.46
N GLY D 94 21.46 17.62 41.42
CA GLY D 94 22.26 17.74 42.63
C GLY D 94 23.08 16.51 42.98
N TYR D 95 23.01 15.47 42.16
CA TYR D 95 23.81 14.26 42.37
C TYR D 95 24.99 14.18 41.41
N GLY D 96 25.27 15.25 40.68
CA GLY D 96 26.29 15.20 39.66
C GLY D 96 25.95 14.35 38.46
N TYR D 97 24.67 13.99 38.29
CA TYR D 97 24.27 13.15 37.17
C TYR D 97 24.53 13.83 35.84
N ALA D 98 24.41 15.15 35.79
CA ALA D 98 24.63 15.87 34.53
C ALA D 98 26.06 15.67 34.04
N VAL D 99 27.04 15.85 34.93
CA VAL D 99 28.44 15.75 34.52
C VAL D 99 28.82 14.33 34.16
N ASP D 100 28.35 13.35 34.94
CA ASP D 100 28.67 11.95 34.64
C ASP D 100 28.03 11.52 33.33
N ALA D 101 26.77 11.91 33.10
CA ALA D 101 26.11 11.57 31.84
C ALA D 101 26.79 12.27 30.67
N THR D 102 27.24 13.51 30.87
CA THR D 102 27.96 14.22 29.82
C THR D 102 29.26 13.51 29.47
N ARG D 103 30.00 13.05 30.49
CA ARG D 103 31.23 12.32 30.21
C ARG D 103 30.95 10.99 29.53
N LEU D 104 29.87 10.32 29.92
CA LEU D 104 29.50 9.06 29.25
C LEU D 104 29.17 9.30 27.78
N ALA D 105 28.42 10.38 27.50
CA ALA D 105 28.06 10.69 26.12
C ALA D 105 29.29 11.09 25.31
N MET D 106 30.22 11.83 25.93
CA MET D 106 31.45 12.19 25.25
C MET D 106 32.27 10.95 24.91
N ASP D 107 32.39 10.03 25.88
CA ASP D 107 33.09 8.78 25.61
C ASP D 107 32.41 7.99 24.51
N TYR D 108 31.08 8.00 24.48
CA TYR D 108 30.38 7.24 23.45
C TYR D 108 30.62 7.85 22.07
N ALA D 109 30.53 9.17 21.95
CA ALA D 109 30.68 9.80 20.65
C ALA D 109 32.13 9.72 20.17
N PHE D 110 33.10 9.86 21.07
CA PHE D 110 34.50 9.88 20.66
C PHE D 110 35.07 8.47 20.48
N SER D 111 34.72 7.54 21.37
CA SER D 111 35.32 6.21 21.38
C SER D 111 34.51 5.19 20.60
N VAL D 112 33.18 5.30 20.60
CA VAL D 112 32.34 4.32 19.91
C VAL D 112 32.00 4.84 18.51
N LEU D 113 31.40 6.02 18.44
CA LEU D 113 31.00 6.59 17.16
C LEU D 113 32.16 7.17 16.38
N ASN D 114 33.35 7.28 16.98
CA ASN D 114 34.54 7.78 16.30
C ASN D 114 34.31 9.19 15.76
N MET D 115 33.67 10.03 16.56
CA MET D 115 33.42 11.41 16.17
C MET D 115 34.66 12.26 16.38
N HIS D 116 34.92 13.16 15.43
CA HIS D 116 36.02 14.12 15.60
C HIS D 116 35.61 15.26 16.51
N LYS D 117 34.34 15.64 16.50
CA LYS D 117 33.87 16.83 17.21
C LYS D 117 32.54 16.55 17.88
N ILE D 118 32.39 17.07 19.10
CA ILE D 118 31.10 17.15 19.78
C ILE D 118 30.79 18.62 20.01
N TYR D 119 29.55 19.02 19.77
CA TYR D 119 29.13 20.38 20.07
C TYR D 119 27.81 20.37 20.80
N LEU D 120 27.62 21.38 21.66
CA LEU D 120 26.39 21.59 22.39
C LEU D 120 26.04 23.07 22.33
N VAL D 121 24.78 23.37 22.60
CA VAL D 121 24.26 24.74 22.55
C VAL D 121 23.47 24.98 23.82
N VAL D 122 23.91 25.96 24.62
CA VAL D 122 23.22 26.32 25.86
C VAL D 122 22.81 27.78 25.79
N ASP D 123 21.91 28.17 26.69
CA ASP D 123 21.50 29.57 26.77
C ASP D 123 22.61 30.42 27.38
N LYS D 124 22.73 31.66 26.88
CA LYS D 124 23.78 32.55 27.38
C LYS D 124 23.60 32.90 28.84
N GLU D 125 22.35 32.94 29.34
CA GLU D 125 22.14 33.18 30.76
C GLU D 125 22.76 32.07 31.60
N ASN D 126 22.78 30.85 31.07
CA ASN D 126 23.23 29.69 31.82
C ASN D 126 24.76 29.69 31.84
N GLU D 127 25.30 30.63 32.64
CA GLU D 127 26.75 30.69 32.82
C GLU D 127 27.23 29.50 33.62
N LYS D 128 26.37 28.95 34.49
CA LYS D 128 26.73 27.77 35.26
C LYS D 128 26.96 26.57 34.36
N ALA D 129 26.10 26.37 33.35
CA ALA D 129 26.29 25.26 32.43
C ALA D 129 27.55 25.46 31.59
N VAL D 130 27.82 26.70 31.17
CA VAL D 130 29.04 26.96 30.42
C VAL D 130 30.26 26.63 31.27
N HIS D 131 30.24 27.03 32.55
CA HIS D 131 31.35 26.73 33.44
C HIS D 131 31.50 25.23 33.64
N VAL D 132 30.38 24.51 33.79
CA VAL D 132 30.42 23.07 33.98
C VAL D 132 31.02 22.39 32.75
N TYR D 133 30.56 22.78 31.57
CA TYR D 133 31.07 22.16 30.34
C TYR D 133 32.54 22.53 30.09
N LYS D 134 32.96 23.73 30.49
CA LYS D 134 34.39 24.06 30.39
C LYS D 134 35.20 23.20 31.36
N LYS D 135 34.64 22.92 32.54
CA LYS D 135 35.31 22.03 33.48
C LYS D 135 35.39 20.61 32.93
N VAL D 136 34.38 20.18 32.18
CA VAL D 136 34.38 18.85 31.60
C VAL D 136 35.25 18.74 30.36
N GLY D 137 35.60 19.87 29.74
CA GLY D 137 36.53 19.86 28.62
C GLY D 137 36.05 20.60 27.40
N PHE D 138 34.81 21.05 27.42
CA PHE D 138 34.25 21.80 26.30
C PHE D 138 34.82 23.21 26.24
N MET D 139 35.07 23.69 25.03
CA MET D 139 35.53 25.05 24.81
C MET D 139 34.40 25.87 24.19
N VAL D 140 34.24 27.11 24.64
CA VAL D 140 33.27 28.00 24.03
C VAL D 140 33.69 28.25 22.59
N GLU D 141 32.85 27.81 21.65
CA GLU D 141 33.15 27.93 20.23
C GLU D 141 32.61 29.22 19.64
N GLY D 142 31.41 29.62 20.04
CA GLY D 142 30.86 30.85 19.50
C GLY D 142 29.57 31.23 20.19
N GLU D 143 29.05 32.40 19.79
CA GLU D 143 27.80 32.93 20.31
C GLU D 143 26.86 33.20 19.14
N LEU D 144 25.63 32.68 19.25
CA LEU D 144 24.59 32.86 18.25
C LEU D 144 23.61 33.93 18.72
N ILE D 145 23.52 35.02 17.96
CA ILE D 145 22.75 36.19 18.36
C ILE D 145 21.28 35.98 18.02
N ASP D 146 20.41 36.18 19.00
CA ASP D 146 18.95 36.04 18.83
C ASP D 146 18.60 34.70 18.19
N GLU D 147 19.32 33.65 18.58
CA GLU D 147 19.17 32.38 17.89
C GLU D 147 17.85 31.69 18.23
N PHE D 148 17.38 31.83 19.48
CA PHE D 148 16.20 31.06 19.88
C PHE D 148 15.17 31.96 20.54
N PHE D 149 13.91 31.81 20.15
CA PHE D 149 12.82 32.52 20.82
C PHE D 149 12.35 31.67 22.00
N VAL D 150 12.66 32.11 23.21
CA VAL D 150 12.32 31.40 24.43
C VAL D 150 11.52 32.33 25.33
N ASP D 151 10.38 31.85 25.83
CA ASP D 151 9.53 32.55 26.78
C ASP D 151 9.42 34.04 26.47
N GLY D 152 9.05 34.33 25.23
CA GLY D 152 8.72 35.68 24.84
C GLY D 152 9.89 36.57 24.45
N ASN D 153 11.12 36.07 24.50
CA ASN D 153 12.27 36.90 24.17
C ASN D 153 13.24 36.14 23.28
N TYR D 154 13.94 36.88 22.44
CA TYR D 154 15.01 36.29 21.64
C TYR D 154 16.26 36.16 22.49
N HIS D 155 16.69 34.92 22.70
CA HIS D 155 17.86 34.60 23.48
C HIS D 155 19.02 34.24 22.55
N ASN D 156 20.20 34.74 22.90
CA ASN D 156 21.44 34.30 22.31
C ASN D 156 21.85 32.98 22.95
N ALA D 157 22.68 32.23 22.22
CA ALA D 157 23.12 30.94 22.70
C ALA D 157 24.64 30.87 22.64
N ILE D 158 25.22 30.09 23.55
CA ILE D 158 26.64 29.78 23.52
C ILE D 158 26.78 28.37 22.98
N ARG D 159 27.46 28.24 21.83
CA ARG D 159 27.81 26.96 21.26
C ARG D 159 29.21 26.60 21.71
N MET D 160 29.34 25.44 22.37
CA MET D 160 30.60 24.94 22.87
C MET D 160 30.95 23.65 22.15
N CYS D 161 32.25 23.37 22.03
CA CYS D 161 32.70 22.20 21.28
C CYS D 161 33.89 21.57 21.97
N MET D 162 34.07 20.27 21.68
CA MET D 162 35.22 19.49 22.11
C MET D 162 35.64 18.60 20.95
N PHE D 163 36.91 18.21 20.93
CA PHE D 163 37.46 17.43 19.83
C PHE D 163 38.02 16.12 20.34
N GLN D 164 38.22 15.18 19.42
CA GLN D 164 38.54 13.81 19.80
C GLN D 164 39.93 13.72 20.41
N LYS D 165 40.89 14.45 19.83
CA LYS D 165 42.27 14.37 20.32
C LYS D 165 42.39 14.96 21.72
N GLN D 166 41.77 16.12 21.95
CA GLN D 166 41.82 16.71 23.29
C GLN D 166 41.11 15.85 24.31
N TYR D 167 40.05 15.14 23.90
CA TYR D 167 39.38 14.24 24.83
C TYR D 167 40.25 13.04 25.16
N PHE D 168 40.90 12.45 24.15
CA PHE D 168 41.75 11.29 24.41
C PHE D 168 42.99 11.67 25.22
N GLU D 169 43.45 12.91 25.08
CA GLU D 169 44.57 13.38 25.90
C GLU D 169 44.18 13.51 27.37
N ASN D 170 42.92 13.81 27.63
CA ASN D 170 42.43 13.94 29.00
C ASN D 170 41.56 12.76 29.41
N GLU E 4 -17.81 36.25 -25.08
CA GLU E 4 -18.29 36.64 -23.76
C GLU E 4 -17.52 35.93 -22.65
N LEU E 5 -17.13 36.69 -21.65
CA LEU E 5 -16.37 36.14 -20.52
C LEU E 5 -17.18 35.09 -19.78
N LYS E 6 -16.51 33.98 -19.46
CA LYS E 6 -17.13 32.84 -18.80
C LYS E 6 -16.20 32.32 -17.71
N LEU E 7 -16.77 31.55 -16.80
CA LEU E 7 -16.01 30.78 -15.83
C LEU E 7 -16.09 29.31 -16.22
N ARG E 8 -14.96 28.63 -16.21
CA ARG E 8 -14.93 27.19 -16.44
C ARG E 8 -14.11 26.55 -15.33
N PRO E 9 -14.23 25.24 -15.13
CA PRO E 9 -13.42 24.60 -14.07
C PRO E 9 -11.93 24.74 -14.35
N LEU E 10 -11.17 24.98 -13.30
CA LEU E 10 -9.72 24.98 -13.40
C LEU E 10 -9.25 23.56 -13.68
N GLU E 11 -8.79 23.31 -14.89
CA GLU E 11 -8.35 21.99 -15.28
C GLU E 11 -6.87 21.81 -14.98
N ARG E 12 -6.45 20.55 -14.87
CA ARG E 12 -5.05 20.25 -14.64
C ARG E 12 -4.18 20.84 -15.75
N GLU E 13 -4.62 20.72 -16.99
CA GLU E 13 -3.88 21.25 -18.13
C GLU E 13 -3.70 22.75 -18.06
N ASP E 14 -4.51 23.45 -17.27
CA ASP E 14 -4.37 24.90 -17.10
C ASP E 14 -3.36 25.29 -16.04
N LEU E 15 -2.85 24.34 -15.26
CA LEU E 15 -2.12 24.68 -14.04
C LEU E 15 -0.90 25.55 -14.32
N LYS E 16 -0.24 25.35 -15.46
CA LYS E 16 0.92 26.17 -15.80
C LYS E 16 0.57 27.66 -15.73
N PHE E 17 -0.56 28.04 -16.31
CA PHE E 17 -1.03 29.42 -16.20
C PHE E 17 -1.09 29.85 -14.74
N VAL E 18 -1.81 29.07 -13.92
CA VAL E 18 -1.88 29.36 -12.48
C VAL E 18 -0.48 29.46 -11.90
N HIS E 19 0.42 28.57 -12.33
CA HIS E 19 1.80 28.60 -11.85
C HIS E 19 2.41 29.99 -12.03
N GLU E 20 2.29 30.55 -13.24
CA GLU E 20 2.87 31.86 -13.49
C GLU E 20 2.24 32.91 -12.59
N LEU E 21 0.95 32.80 -12.33
CA LEU E 21 0.31 33.75 -11.43
C LEU E 21 0.73 33.53 -9.98
N ASN E 22 0.97 32.27 -9.60
CA ASN E 22 1.27 31.97 -8.20
C ASN E 22 2.68 32.32 -7.79
N ASN E 23 3.56 32.66 -8.73
CA ASN E 23 4.92 33.04 -8.43
C ASN E 23 5.22 34.50 -8.76
N ASN E 24 4.19 35.27 -9.13
CA ASN E 24 4.32 36.71 -9.28
C ASN E 24 3.99 37.38 -7.96
N ALA E 25 5.00 38.03 -7.36
CA ALA E 25 4.85 38.65 -6.05
C ALA E 25 3.76 39.72 -6.07
N HIS E 26 3.73 40.54 -7.12
CA HIS E 26 2.71 41.59 -7.21
C HIS E 26 1.31 41.01 -7.28
N ILE E 27 1.12 39.98 -8.12
CA ILE E 27 -0.19 39.35 -8.22
C ILE E 27 -0.56 38.65 -6.91
N MET E 28 0.39 37.89 -6.36
CA MET E 28 0.20 37.18 -5.10
C MET E 28 0.25 38.08 -3.89
N SER E 29 0.18 39.40 -4.08
CA SER E 29 -0.03 40.33 -2.98
C SER E 29 -1.50 40.66 -2.79
N TYR E 30 -2.29 40.65 -3.87
CA TYR E 30 -3.73 40.89 -3.75
C TYR E 30 -4.38 39.81 -2.89
N TRP E 31 -4.20 38.55 -3.26
CA TRP E 31 -4.30 37.48 -2.28
C TRP E 31 -3.08 37.55 -1.38
N PHE E 32 -3.25 37.18 -0.12
CA PHE E 32 -2.15 37.30 0.84
C PHE E 32 -1.41 35.98 0.97
N GLU E 33 -0.82 35.59 -0.16
CA GLU E 33 -0.15 34.31 -0.35
C GLU E 33 1.32 34.51 -0.62
N GLU E 34 2.13 33.62 -0.08
CA GLU E 34 3.56 33.62 -0.40
C GLU E 34 3.75 33.31 -1.88
N PRO E 35 4.49 34.15 -2.63
CA PRO E 35 4.68 33.95 -4.07
C PRO E 35 5.73 32.89 -4.42
N TYR E 36 5.56 31.69 -3.86
CA TYR E 36 6.41 30.55 -4.17
C TYR E 36 5.53 29.32 -4.33
N GLU E 37 5.64 28.66 -5.48
CA GLU E 37 5.00 27.36 -5.67
C GLU E 37 5.65 26.70 -6.87
N ALA E 38 6.42 25.63 -6.61
CA ALA E 38 6.92 24.82 -7.70
C ALA E 38 5.77 24.22 -8.49
N PHE E 39 6.00 24.01 -9.79
CA PHE E 39 4.92 23.51 -10.64
C PHE E 39 4.42 22.15 -10.18
N VAL E 40 5.35 21.26 -9.78
CA VAL E 40 4.94 19.96 -9.27
C VAL E 40 4.22 20.09 -7.94
N GLU E 41 4.57 21.08 -7.12
CA GLU E 41 3.86 21.31 -5.88
C GLU E 41 2.42 21.74 -6.15
N LEU E 42 2.24 22.69 -7.06
CA LEU E 42 0.89 23.11 -7.44
C LEU E 42 0.10 21.96 -8.04
N GLN E 43 0.74 21.18 -8.90
CA GLN E 43 0.08 20.02 -9.51
C GLN E 43 -0.38 19.03 -8.45
N ASP E 44 0.50 18.71 -7.49
CA ASP E 44 0.14 17.73 -6.46
C ASP E 44 -0.96 18.26 -5.56
N LEU E 45 -0.90 19.56 -5.20
CA LEU E 45 -1.96 20.14 -4.38
C LEU E 45 -3.29 20.12 -5.12
N TYR E 46 -3.26 20.42 -6.42
CA TYR E 46 -4.46 20.32 -7.24
C TYR E 46 -5.02 18.90 -7.24
N ASP E 47 -4.13 17.91 -7.40
CA ASP E 47 -4.57 16.52 -7.40
C ASP E 47 -5.17 16.11 -6.07
N LYS E 48 -4.59 16.57 -4.96
CA LYS E 48 -5.11 16.23 -3.64
C LYS E 48 -6.49 16.81 -3.41
N HIS E 49 -6.80 17.94 -4.04
CA HIS E 49 -8.07 18.63 -3.84
C HIS E 49 -9.02 18.43 -5.01
N ILE E 50 -8.76 17.43 -5.86
CA ILE E 50 -9.67 17.13 -6.98
C ILE E 50 -11.08 16.90 -6.47
N HIS E 51 -11.21 16.10 -5.41
CA HIS E 51 -12.50 15.76 -4.83
C HIS E 51 -12.79 16.55 -3.56
N ASP E 52 -12.07 17.65 -3.34
CA ASP E 52 -12.34 18.54 -2.23
C ASP E 52 -13.55 19.40 -2.59
N GLN E 53 -14.68 19.15 -1.94
CA GLN E 53 -15.90 19.90 -2.25
C GLN E 53 -15.93 21.26 -1.57
N SER E 54 -14.98 21.54 -0.69
CA SER E 54 -14.83 22.87 -0.10
C SER E 54 -14.34 23.91 -1.09
N GLU E 55 -14.02 23.51 -2.31
CA GLU E 55 -13.38 24.39 -3.28
C GLU E 55 -14.11 24.37 -4.61
N ARG E 56 -14.10 25.52 -5.28
CA ARG E 56 -14.53 25.64 -6.67
C ARG E 56 -13.50 26.54 -7.35
N ARG E 57 -12.61 25.95 -8.15
CA ARG E 57 -11.56 26.67 -8.84
C ARG E 57 -11.96 26.88 -10.29
N PHE E 58 -11.92 28.14 -10.74
CA PHE E 58 -12.42 28.54 -12.05
C PHE E 58 -11.31 29.23 -12.82
N ILE E 59 -11.15 28.85 -14.07
CA ILE E 59 -10.44 29.68 -15.04
C ILE E 59 -11.43 30.70 -15.58
N VAL E 60 -11.10 31.97 -15.43
CA VAL E 60 -11.82 33.07 -16.08
C VAL E 60 -11.33 33.12 -17.53
N GLU E 61 -12.20 32.75 -18.46
CA GLU E 61 -11.86 32.59 -19.87
C GLU E 61 -12.63 33.59 -20.71
N LYS E 62 -11.93 34.23 -21.65
CA LYS E 62 -12.56 35.12 -22.63
C LYS E 62 -12.03 34.74 -24.01
N ASP E 63 -12.93 34.33 -24.89
CA ASP E 63 -12.58 33.92 -26.25
C ASP E 63 -11.53 32.81 -26.24
N ASN E 64 -11.80 31.77 -25.46
CA ASN E 64 -10.92 30.60 -25.36
C ASN E 64 -9.51 30.96 -24.90
N GLU E 65 -9.39 32.01 -24.09
CA GLU E 65 -8.11 32.45 -23.55
C GLU E 65 -8.23 32.61 -22.04
N MET E 66 -7.22 32.13 -21.32
CA MET E 66 -7.21 32.19 -19.87
C MET E 66 -6.82 33.59 -19.42
N VAL E 67 -7.80 34.37 -18.95
CA VAL E 67 -7.54 35.72 -18.49
C VAL E 67 -7.52 35.83 -16.96
N GLY E 68 -8.02 34.83 -16.24
CA GLY E 68 -7.99 34.97 -14.79
C GLY E 68 -8.24 33.66 -14.07
N LEU E 69 -8.27 33.78 -12.73
CA LEU E 69 -8.53 32.66 -11.83
C LEU E 69 -9.46 33.13 -10.73
N VAL E 70 -10.61 32.46 -10.59
CA VAL E 70 -11.59 32.78 -9.56
C VAL E 70 -11.74 31.57 -8.66
N GLU E 71 -11.67 31.77 -7.34
CA GLU E 71 -11.74 30.67 -6.39
C GLU E 71 -12.87 30.93 -5.40
N LEU E 72 -13.79 29.97 -5.29
CA LEU E 72 -14.77 29.93 -4.22
C LEU E 72 -14.29 28.86 -3.25
N VAL E 73 -13.54 29.29 -2.23
CA VAL E 73 -12.90 28.35 -1.31
C VAL E 73 -13.58 28.43 0.05
N GLU E 74 -13.17 27.54 0.97
CA GLU E 74 -13.72 27.48 2.32
C GLU E 74 -15.24 27.43 2.30
N ILE E 75 -15.78 26.68 1.34
CA ILE E 75 -17.23 26.56 1.19
C ILE E 75 -17.76 25.78 2.38
N ASP E 76 -18.45 26.48 3.28
CA ASP E 76 -19.09 25.84 4.43
C ASP E 76 -20.54 25.52 4.05
N TYR E 77 -20.90 24.25 4.12
CA TYR E 77 -22.22 23.81 3.69
C TYR E 77 -23.26 23.81 4.80
N ILE E 78 -22.85 24.09 6.04
CA ILE E 78 -23.78 24.26 7.14
C ILE E 78 -24.11 25.73 7.36
N HIS E 79 -23.08 26.57 7.44
CA HIS E 79 -23.25 28.01 7.55
C HIS E 79 -23.51 28.67 6.20
N ARG E 80 -23.32 27.92 5.11
CA ARG E 80 -23.64 28.34 3.75
C ARG E 80 -22.92 29.64 3.38
N ARG E 81 -21.60 29.64 3.57
CA ARG E 81 -20.75 30.76 3.21
C ARG E 81 -19.51 30.24 2.49
N THR E 82 -18.92 31.11 1.67
CA THR E 82 -17.70 30.78 0.93
C THR E 82 -16.88 32.04 0.76
N GLU E 83 -15.56 31.88 0.78
CA GLU E 83 -14.64 32.97 0.51
C GLU E 83 -14.42 33.09 -0.99
N PHE E 84 -14.59 34.29 -1.52
CA PHE E 84 -14.37 34.58 -2.93
C PHE E 84 -13.01 35.25 -3.11
N GLN E 85 -12.22 34.72 -4.03
CA GLN E 85 -10.93 35.29 -4.39
C GLN E 85 -10.84 35.37 -5.90
N ILE E 86 -10.16 36.40 -6.40
CA ILE E 86 -10.06 36.60 -7.85
C ILE E 86 -8.68 37.16 -8.19
N ILE E 87 -8.12 36.66 -9.29
CA ILE E 87 -6.92 37.19 -9.90
C ILE E 87 -7.21 37.40 -11.38
N ILE E 88 -6.87 38.57 -11.90
CA ILE E 88 -6.90 38.82 -13.33
C ILE E 88 -5.45 38.98 -13.80
N ASP E 89 -5.11 38.26 -14.87
CA ASP E 89 -3.76 38.34 -15.41
C ASP E 89 -3.44 39.79 -15.76
N PRO E 90 -2.27 40.31 -15.37
CA PRO E 90 -1.96 41.72 -15.65
C PRO E 90 -2.01 42.06 -17.12
N ASN E 91 -1.75 41.07 -18.00
CA ASN E 91 -1.85 41.28 -19.44
C ASN E 91 -3.29 41.44 -19.90
N TYR E 92 -4.27 41.07 -19.07
CA TYR E 92 -5.68 41.19 -19.40
C TYR E 92 -6.41 42.16 -18.47
N GLN E 93 -5.67 43.00 -17.77
CA GLN E 93 -6.29 44.02 -16.92
C GLN E 93 -6.70 45.22 -17.77
N GLY E 94 -7.71 45.94 -17.27
CA GLY E 94 -8.24 47.09 -17.97
C GLY E 94 -9.40 46.80 -18.90
N TYR E 95 -9.85 45.55 -18.98
CA TYR E 95 -11.00 45.19 -19.80
C TYR E 95 -12.26 44.95 -18.97
N GLY E 96 -12.23 45.28 -17.69
CA GLY E 96 -13.36 44.98 -16.83
C GLY E 96 -13.58 43.50 -16.56
N TYR E 97 -12.57 42.66 -16.84
CA TYR E 97 -12.73 41.23 -16.63
C TYR E 97 -12.95 40.89 -15.17
N ALA E 98 -12.37 41.68 -14.27
CA ALA E 98 -12.51 41.43 -12.84
C ALA E 98 -13.97 41.52 -12.42
N VAL E 99 -14.67 42.56 -12.86
CA VAL E 99 -16.05 42.76 -12.43
C VAL E 99 -16.96 41.67 -13.02
N ASP E 100 -16.76 41.32 -14.29
CA ASP E 100 -17.57 40.28 -14.90
C ASP E 100 -17.34 38.92 -14.24
N ALA E 101 -16.07 38.60 -13.96
CA ALA E 101 -15.78 37.34 -13.28
C ALA E 101 -16.33 37.33 -11.87
N THR E 102 -16.27 38.48 -11.18
CA THR E 102 -16.85 38.57 -9.84
C THR E 102 -18.36 38.36 -9.88
N ARG E 103 -19.03 38.94 -10.88
CA ARG E 103 -20.48 38.75 -10.98
C ARG E 103 -20.83 37.31 -11.30
N LEU E 104 -20.03 36.66 -12.16
CA LEU E 104 -20.26 35.26 -12.46
C LEU E 104 -20.05 34.39 -11.22
N ALA E 105 -19.01 34.67 -10.44
CA ALA E 105 -18.76 33.91 -9.23
C ALA E 105 -19.86 34.13 -8.20
N MET E 106 -20.36 35.36 -8.10
CA MET E 106 -21.48 35.65 -7.19
C MET E 106 -22.70 34.85 -7.60
N ASP E 107 -23.01 34.86 -8.89
CA ASP E 107 -24.16 34.08 -9.38
C ASP E 107 -23.96 32.59 -9.12
N TYR E 108 -22.73 32.10 -9.24
CA TYR E 108 -22.49 30.69 -9.02
C TYR E 108 -22.67 30.33 -7.54
N ALA E 109 -22.12 31.15 -6.64
CA ALA E 109 -22.21 30.83 -5.23
C ALA E 109 -23.63 30.96 -4.71
N PHE E 110 -24.38 31.97 -5.18
CA PHE E 110 -25.71 32.20 -4.65
C PHE E 110 -26.77 31.33 -5.33
N SER E 111 -26.66 31.14 -6.64
CA SER E 111 -27.68 30.45 -7.41
C SER E 111 -27.40 28.97 -7.60
N VAL E 112 -26.13 28.58 -7.72
CA VAL E 112 -25.78 27.18 -7.95
C VAL E 112 -25.46 26.51 -6.62
N LEU E 113 -24.50 27.07 -5.88
CA LEU E 113 -24.09 26.48 -4.61
C LEU E 113 -25.07 26.74 -3.48
N ASN E 114 -26.08 27.60 -3.70
CA ASN E 114 -27.09 27.93 -2.69
C ASN E 114 -26.43 28.46 -1.42
N MET E 115 -25.45 29.33 -1.58
CA MET E 115 -24.76 29.95 -0.44
C MET E 115 -25.59 31.09 0.11
N HIS E 116 -25.60 31.20 1.44
CA HIS E 116 -26.24 32.35 2.09
C HIS E 116 -25.35 33.58 2.06
N LYS E 117 -24.04 33.40 2.12
CA LYS E 117 -23.10 34.51 2.27
C LYS E 117 -21.87 34.29 1.41
N ILE E 118 -21.39 35.37 0.80
CA ILE E 118 -20.09 35.42 0.15
C ILE E 118 -19.25 36.45 0.90
N TYR E 119 -17.99 36.13 1.15
CA TYR E 119 -17.08 37.08 1.76
C TYR E 119 -15.74 37.05 1.02
N LEU E 120 -15.09 38.22 1.00
CA LEU E 120 -13.77 38.37 0.41
C LEU E 120 -12.90 39.19 1.35
N VAL E 121 -11.59 39.09 1.15
CA VAL E 121 -10.61 39.78 1.96
C VAL E 121 -9.63 40.48 1.03
N VAL E 122 -9.57 41.81 1.11
CA VAL E 122 -8.65 42.60 0.30
C VAL E 122 -7.75 43.41 1.23
N ASP E 123 -6.68 43.96 0.67
CA ASP E 123 -5.81 44.84 1.45
C ASP E 123 -6.50 46.17 1.70
N LYS E 124 -6.29 46.73 2.89
CA LYS E 124 -6.90 48.02 3.21
C LYS E 124 -6.36 49.13 2.32
N GLU E 125 -5.10 49.01 1.88
CA GLU E 125 -4.55 49.99 0.95
C GLU E 125 -5.25 49.96 -0.39
N ASN E 126 -5.79 48.80 -0.78
CA ASN E 126 -6.46 48.63 -2.07
C ASN E 126 -7.87 49.20 -1.97
N GLU E 127 -7.94 50.54 -1.93
CA GLU E 127 -9.24 51.21 -1.87
C GLU E 127 -10.01 51.06 -3.16
N LYS E 128 -9.31 50.91 -4.29
CA LYS E 128 -9.99 50.71 -5.56
C LYS E 128 -10.77 49.40 -5.56
N ALA E 129 -10.18 48.32 -5.04
CA ALA E 129 -10.89 47.06 -4.98
C ALA E 129 -12.08 47.15 -4.04
N VAL E 130 -11.93 47.84 -2.91
CA VAL E 130 -13.04 48.01 -1.98
C VAL E 130 -14.18 48.76 -2.65
N HIS E 131 -13.85 49.82 -3.37
CA HIS E 131 -14.86 50.62 -4.06
C HIS E 131 -15.57 49.79 -5.14
N VAL E 132 -14.81 49.00 -5.90
CA VAL E 132 -15.40 48.17 -6.94
C VAL E 132 -16.33 47.13 -6.32
N TYR E 133 -15.90 46.48 -5.24
CA TYR E 133 -16.75 45.47 -4.61
C TYR E 133 -18.00 46.09 -3.99
N LYS E 134 -17.90 47.34 -3.52
CA LYS E 134 -19.12 48.02 -3.09
C LYS E 134 -20.05 48.28 -4.26
N LYS E 135 -19.47 48.57 -5.44
CA LYS E 135 -20.28 48.77 -6.65
C LYS E 135 -20.97 47.49 -7.08
N VAL E 136 -20.31 46.33 -6.95
CA VAL E 136 -20.95 45.09 -7.37
C VAL E 136 -21.95 44.56 -6.36
N GLY E 137 -21.93 45.04 -5.12
CA GLY E 137 -22.94 44.65 -4.17
C GLY E 137 -22.38 44.21 -2.83
N PHE E 138 -21.06 44.10 -2.76
CA PHE E 138 -20.41 43.69 -1.51
C PHE E 138 -20.49 44.80 -0.47
N MET E 139 -20.69 44.37 0.78
CA MET E 139 -20.76 45.26 1.93
C MET E 139 -19.48 45.11 2.74
N VAL E 140 -18.90 46.23 3.16
CA VAL E 140 -17.75 46.18 4.05
C VAL E 140 -18.19 45.59 5.38
N GLU E 141 -17.66 44.42 5.71
CA GLU E 141 -18.07 43.72 6.92
C GLU E 141 -17.18 44.03 8.11
N GLY E 142 -15.87 44.12 7.91
CA GLY E 142 -14.99 44.41 9.02
C GLY E 142 -13.57 44.64 8.57
N GLU E 143 -12.71 44.96 9.54
CA GLU E 143 -11.29 45.18 9.31
C GLU E 143 -10.48 44.27 10.21
N LEU E 144 -9.53 43.54 9.62
CA LEU E 144 -8.64 42.65 10.34
C LEU E 144 -7.29 43.35 10.52
N ILE E 145 -6.91 43.55 11.78
CA ILE E 145 -5.74 44.36 12.11
C ILE E 145 -4.48 43.50 12.03
N ASP E 146 -3.48 43.99 11.28
CA ASP E 146 -2.20 43.31 11.13
C ASP E 146 -2.40 41.85 10.71
N GLU E 147 -3.39 41.62 9.85
CA GLU E 147 -3.78 40.27 9.53
C GLU E 147 -2.76 39.57 8.64
N PHE E 148 -2.11 40.30 7.73
CA PHE E 148 -1.23 39.64 6.77
C PHE E 148 0.13 40.33 6.71
N PHE E 149 1.20 39.53 6.73
CA PHE E 149 2.55 40.06 6.56
C PHE E 149 2.87 40.11 5.06
N VAL E 150 2.93 41.33 4.52
CA VAL E 150 3.18 41.56 3.10
C VAL E 150 4.40 42.47 2.97
N ASP E 151 5.37 42.03 2.17
CA ASP E 151 6.57 42.79 1.82
C ASP E 151 7.12 43.57 3.01
N GLY E 152 7.34 42.86 4.11
CA GLY E 152 8.04 43.41 5.25
C GLY E 152 7.18 44.18 6.24
N ASN E 153 5.88 44.29 6.02
CA ASN E 153 5.02 45.05 6.92
C ASN E 153 3.75 44.28 7.20
N TYR E 154 3.21 44.48 8.40
CA TYR E 154 1.91 43.92 8.75
C TYR E 154 0.81 44.81 8.18
N HIS E 155 0.01 44.24 7.29
CA HIS E 155 -1.09 44.92 6.64
C HIS E 155 -2.41 44.48 7.25
N ASN E 156 -3.29 45.47 7.45
CA ASN E 156 -4.68 45.23 7.77
C ASN E 156 -5.44 44.86 6.50
N ALA E 157 -6.57 44.19 6.69
CA ALA E 157 -7.38 43.75 5.58
C ALA E 157 -8.81 44.21 5.77
N ILE E 158 -9.50 44.44 4.67
CA ILE E 158 -10.93 44.71 4.66
C ILE E 158 -11.64 43.43 4.23
N ARG E 159 -12.46 42.89 5.12
CA ARG E 159 -13.34 41.77 4.82
C ARG E 159 -14.70 42.34 4.42
N MET E 160 -15.15 42.00 3.22
CA MET E 160 -16.41 42.45 2.68
C MET E 160 -17.33 41.26 2.46
N CYS E 161 -18.63 41.48 2.53
CA CYS E 161 -19.59 40.39 2.43
C CYS E 161 -20.81 40.82 1.62
N MET E 162 -21.47 39.82 1.04
CA MET E 162 -22.73 39.95 0.34
C MET E 162 -23.60 38.76 0.71
N PHE E 163 -24.91 38.93 0.63
CA PHE E 163 -25.84 37.91 1.04
C PHE E 163 -26.76 37.52 -0.10
N GLN E 164 -27.38 36.35 0.04
CA GLN E 164 -28.15 35.75 -1.05
C GLN E 164 -29.41 36.53 -1.34
N LYS E 165 -30.10 37.00 -0.30
CA LYS E 165 -31.35 37.73 -0.50
C LYS E 165 -31.12 39.05 -1.21
N GLN E 166 -30.11 39.82 -0.77
CA GLN E 166 -29.81 41.08 -1.43
C GLN E 166 -29.30 40.85 -2.85
N TYR E 167 -28.60 39.74 -3.09
CA TYR E 167 -28.15 39.45 -4.45
C TYR E 167 -29.32 39.14 -5.37
N PHE E 168 -30.27 38.33 -4.90
CA PHE E 168 -31.43 38.02 -5.74
C PHE E 168 -32.31 39.25 -5.94
N GLU E 169 -32.32 40.16 -4.96
CA GLU E 169 -33.06 41.40 -5.13
C GLU E 169 -32.42 42.31 -6.18
N ASN E 170 -31.11 42.23 -6.34
CA ASN E 170 -30.41 43.03 -7.34
C ASN E 170 -29.97 42.18 -8.54
N GLU F 4 -9.74 -43.75 16.65
CA GLU F 4 -9.28 -43.97 15.27
C GLU F 4 -8.42 -42.82 14.79
N LEU F 5 -7.26 -43.15 14.23
CA LEU F 5 -6.36 -42.14 13.68
C LEU F 5 -7.02 -41.42 12.51
N LYS F 6 -6.87 -40.10 12.48
CA LYS F 6 -7.49 -39.29 11.45
C LYS F 6 -6.51 -38.23 10.96
N LEU F 7 -6.83 -37.67 9.79
CA LEU F 7 -6.12 -36.52 9.25
C LEU F 7 -7.03 -35.30 9.35
N ARG F 8 -6.47 -34.19 9.82
CA ARG F 8 -7.18 -32.93 9.84
C ARG F 8 -6.27 -31.86 9.23
N PRO F 9 -6.82 -30.71 8.84
CA PRO F 9 -5.96 -29.65 8.30
C PRO F 9 -4.96 -29.16 9.33
N LEU F 10 -3.74 -28.89 8.86
CA LEU F 10 -2.73 -28.25 9.71
C LEU F 10 -3.18 -26.82 10.00
N GLU F 11 -3.59 -26.57 11.24
CA GLU F 11 -4.07 -25.26 11.62
C GLU F 11 -2.93 -24.39 12.10
N ARG F 12 -3.15 -23.07 12.07
CA ARG F 12 -2.14 -22.14 12.54
C ARG F 12 -1.81 -22.41 14.01
N GLU F 13 -2.83 -22.67 14.83
CA GLU F 13 -2.62 -22.98 16.24
C GLU F 13 -1.78 -24.23 16.44
N ASP F 14 -1.69 -25.08 15.43
CA ASP F 14 -0.88 -26.29 15.53
C ASP F 14 0.58 -26.04 15.22
N LEU F 15 0.92 -24.85 14.71
CA LEU F 15 2.26 -24.63 14.17
C LEU F 15 3.33 -24.86 15.24
N LYS F 16 3.01 -24.58 16.52
CA LYS F 16 3.97 -24.82 17.59
C LYS F 16 4.49 -26.24 17.50
N PHE F 17 3.57 -27.21 17.40
CA PHE F 17 3.95 -28.61 17.23
C PHE F 17 4.92 -28.76 16.06
N VAL F 18 4.49 -28.30 14.88
CA VAL F 18 5.32 -28.39 13.68
C VAL F 18 6.70 -27.78 13.93
N HIS F 19 6.74 -26.66 14.67
CA HIS F 19 8.01 -26.01 14.95
C HIS F 19 9.01 -27.00 15.52
N GLU F 20 8.63 -27.72 16.58
CA GLU F 20 9.58 -28.65 17.18
C GLU F 20 9.96 -29.77 16.20
N LEU F 21 9.03 -30.19 15.34
CA LEU F 21 9.39 -31.19 14.34
C LEU F 21 10.35 -30.60 13.31
N ASN F 22 10.20 -29.32 12.98
CA ASN F 22 11.00 -28.71 11.92
C ASN F 22 12.41 -28.37 12.38
N ASN F 23 12.68 -28.43 13.68
CA ASN F 23 14.01 -28.17 14.21
C ASN F 23 14.65 -29.42 14.81
N ASN F 24 14.04 -30.58 14.62
CA ASN F 24 14.63 -31.85 15.02
C ASN F 24 15.46 -32.36 13.84
N ALA F 25 16.77 -32.40 14.03
CA ALA F 25 17.67 -32.79 12.94
C ALA F 25 17.40 -34.22 12.47
N HIS F 26 17.15 -35.14 13.40
CA HIS F 26 16.87 -36.51 13.03
C HIS F 26 15.59 -36.63 12.20
N ILE F 27 14.53 -35.95 12.65
CA ILE F 27 13.27 -36.00 11.91
C ILE F 27 13.43 -35.32 10.56
N MET F 28 14.01 -34.13 10.55
CA MET F 28 14.18 -33.37 9.33
C MET F 28 15.31 -33.91 8.45
N SER F 29 15.80 -35.11 8.76
CA SER F 29 16.68 -35.86 7.87
C SER F 29 15.92 -36.84 7.00
N TYR F 30 14.80 -37.38 7.49
CA TYR F 30 13.96 -38.26 6.68
C TYR F 30 13.41 -37.49 5.48
N TRP F 31 12.72 -36.38 5.74
CA TRP F 31 12.64 -35.34 4.73
C TRP F 31 14.01 -34.69 4.62
N PHE F 32 14.36 -34.24 3.43
CA PHE F 32 15.70 -33.72 3.19
C PHE F 32 15.71 -32.21 3.36
N GLU F 33 15.44 -31.81 4.59
CA GLU F 33 15.25 -30.43 4.98
C GLU F 33 16.33 -29.97 5.95
N GLU F 34 16.76 -28.73 5.78
CA GLU F 34 17.64 -28.12 6.77
C GLU F 34 16.87 -27.96 8.08
N PRO F 35 17.40 -28.47 9.20
CA PRO F 35 16.68 -28.41 10.48
C PRO F 35 16.76 -27.05 11.18
N TYR F 36 16.39 -26.00 10.45
CA TYR F 36 16.33 -24.66 11.01
C TYR F 36 15.07 -23.98 10.53
N GLU F 37 14.26 -23.50 11.47
CA GLU F 37 13.11 -22.66 11.15
C GLU F 37 12.68 -21.93 12.41
N ALA F 38 12.89 -20.63 12.45
CA ALA F 38 12.32 -19.83 13.52
C ALA F 38 10.81 -19.95 13.49
N PHE F 39 10.18 -19.86 14.68
CA PHE F 39 8.74 -20.03 14.75
C PHE F 39 8.01 -18.99 13.91
N VAL F 40 8.48 -17.75 13.95
CA VAL F 40 7.86 -16.70 13.14
C VAL F 40 8.10 -16.94 11.65
N GLU F 41 9.23 -17.56 11.29
CA GLU F 41 9.46 -17.91 9.89
C GLU F 41 8.46 -18.95 9.42
N LEU F 42 8.26 -20.00 10.21
CA LEU F 42 7.26 -21.02 9.89
C LEU F 42 5.87 -20.41 9.83
N GLN F 43 5.55 -19.54 10.78
CA GLN F 43 4.25 -18.85 10.78
C GLN F 43 4.04 -18.05 9.50
N ASP F 44 5.07 -17.29 9.10
CA ASP F 44 4.94 -16.45 7.91
C ASP F 44 4.80 -17.30 6.65
N LEU F 45 5.56 -18.38 6.54
CA LEU F 45 5.43 -19.26 5.39
C LEU F 45 4.05 -19.92 5.34
N TYR F 46 3.55 -20.37 6.50
CA TYR F 46 2.21 -20.93 6.58
C TYR F 46 1.17 -19.91 6.13
N ASP F 47 1.29 -18.67 6.60
CA ASP F 47 0.35 -17.63 6.17
C ASP F 47 0.46 -17.37 4.68
N LYS F 48 1.69 -17.39 4.15
CA LYS F 48 1.88 -17.17 2.71
C LYS F 48 1.24 -18.28 1.88
N HIS F 49 1.19 -19.50 2.42
CA HIS F 49 0.67 -20.64 1.68
C HIS F 49 -0.72 -21.06 2.13
N ILE F 50 -1.44 -20.17 2.82
CA ILE F 50 -2.81 -20.45 3.24
C ILE F 50 -3.67 -20.83 2.05
N HIS F 51 -3.60 -20.03 0.98
CA HIS F 51 -4.42 -20.25 -0.21
C HIS F 51 -3.62 -20.89 -1.35
N ASP F 52 -2.48 -21.47 -1.05
CA ASP F 52 -1.72 -22.23 -2.05
C ASP F 52 -2.38 -23.60 -2.19
N GLN F 53 -3.03 -23.82 -3.34
CA GLN F 53 -3.74 -25.07 -3.56
C GLN F 53 -2.82 -26.21 -3.98
N SER F 54 -1.55 -25.94 -4.24
CA SER F 54 -0.57 -26.99 -4.51
C SER F 54 -0.24 -27.82 -3.27
N GLU F 55 -0.78 -27.46 -2.11
CA GLU F 55 -0.42 -28.07 -0.84
C GLU F 55 -1.65 -28.54 -0.09
N ARG F 56 -1.49 -29.64 0.64
CA ARG F 56 -2.47 -30.10 1.62
C ARG F 56 -1.66 -30.53 2.84
N ARG F 57 -1.68 -29.71 3.88
CA ARG F 57 -0.95 -29.96 5.11
C ARG F 57 -1.90 -30.51 6.16
N PHE F 58 -1.57 -31.66 6.73
CA PHE F 58 -2.43 -32.41 7.61
C PHE F 58 -1.73 -32.63 8.94
N ILE F 59 -2.43 -32.37 10.03
CA ILE F 59 -2.06 -32.93 11.32
C ILE F 59 -2.65 -34.34 11.39
N VAL F 60 -1.79 -35.32 11.59
CA VAL F 60 -2.19 -36.68 11.92
C VAL F 60 -2.54 -36.70 13.39
N GLU F 61 -3.82 -36.90 13.69
CA GLU F 61 -4.37 -36.77 15.03
C GLU F 61 -4.89 -38.11 15.51
N LYS F 62 -4.55 -38.46 16.75
CA LYS F 62 -5.07 -39.65 17.41
C LYS F 62 -5.57 -39.26 18.78
N ASP F 63 -6.88 -39.44 19.01
CA ASP F 63 -7.51 -39.10 20.29
C ASP F 63 -7.25 -37.64 20.67
N ASN F 64 -7.50 -36.74 19.72
CA ASN F 64 -7.34 -35.30 19.92
C ASN F 64 -5.91 -34.91 20.30
N GLU F 65 -4.94 -35.67 19.83
CA GLU F 65 -3.53 -35.41 20.10
C GLU F 65 -2.77 -35.40 18.78
N MET F 66 -1.89 -34.42 18.62
CA MET F 66 -1.12 -34.28 17.40
C MET F 66 0.02 -35.28 17.42
N VAL F 67 -0.12 -36.36 16.64
CA VAL F 67 0.90 -37.39 16.58
C VAL F 67 1.74 -37.31 15.31
N GLY F 68 1.31 -36.56 14.30
CA GLY F 68 2.15 -36.49 13.12
C GLY F 68 1.76 -35.36 12.17
N LEU F 69 2.48 -35.32 11.06
CA LEU F 69 2.30 -34.34 10.00
C LEU F 69 2.38 -35.04 8.66
N VAL F 70 1.32 -34.95 7.87
CA VAL F 70 1.28 -35.54 6.53
C VAL F 70 1.06 -34.42 5.53
N GLU F 71 1.91 -34.38 4.50
CA GLU F 71 1.82 -33.32 3.51
C GLU F 71 1.69 -33.92 2.12
N LEU F 72 0.64 -33.49 1.41
CA LEU F 72 0.49 -33.76 -0.01
C LEU F 72 0.87 -32.47 -0.73
N VAL F 73 2.13 -32.38 -1.15
CA VAL F 73 2.68 -31.15 -1.70
C VAL F 73 2.89 -31.32 -3.20
N GLU F 74 3.29 -30.24 -3.87
CA GLU F 74 3.54 -30.24 -5.30
C GLU F 74 2.37 -30.86 -6.07
N ILE F 75 1.16 -30.56 -5.63
CA ILE F 75 -0.03 -31.11 -6.26
C ILE F 75 -0.15 -30.48 -7.65
N ASP F 76 0.13 -31.27 -8.67
CA ASP F 76 -0.03 -30.84 -10.05
C ASP F 76 -1.40 -31.26 -10.52
N TYR F 77 -2.22 -30.29 -10.94
CA TYR F 77 -3.60 -30.58 -11.29
C TYR F 77 -3.79 -30.91 -12.77
N ILE F 78 -2.75 -30.79 -13.59
CA ILE F 78 -2.79 -31.23 -14.97
C ILE F 78 -2.23 -32.64 -15.12
N HIS F 79 -1.05 -32.89 -14.54
CA HIS F 79 -0.48 -34.23 -14.54
C HIS F 79 -1.07 -35.10 -13.45
N ARG F 80 -1.82 -34.50 -12.53
CA ARG F 80 -2.58 -35.20 -11.49
C ARG F 80 -1.66 -36.08 -10.64
N ARG F 81 -0.59 -35.48 -10.13
CA ARG F 81 0.33 -36.16 -9.24
C ARG F 81 0.67 -35.24 -8.07
N THR F 82 1.05 -35.84 -6.95
CA THR F 82 1.43 -35.10 -5.76
C THR F 82 2.49 -35.88 -4.99
N GLU F 83 3.41 -35.15 -4.35
CA GLU F 83 4.41 -35.75 -3.50
C GLU F 83 3.85 -35.96 -2.10
N PHE F 84 3.98 -37.17 -1.59
CA PHE F 84 3.53 -37.51 -0.24
C PHE F 84 4.72 -37.50 0.71
N GLN F 85 4.57 -36.80 1.84
CA GLN F 85 5.57 -36.76 2.89
C GLN F 85 4.88 -36.99 4.23
N ILE F 86 5.57 -37.66 5.14
CA ILE F 86 4.99 -37.99 6.44
C ILE F 86 6.06 -37.92 7.52
N ILE F 87 5.67 -37.37 8.67
CA ILE F 87 6.46 -37.39 9.89
C ILE F 87 5.58 -37.88 11.02
N ILE F 88 6.07 -38.81 11.83
CA ILE F 88 5.43 -39.21 13.06
C ILE F 88 6.29 -38.74 14.23
N ASP F 89 5.65 -38.09 15.21
CA ASP F 89 6.36 -37.59 16.38
C ASP F 89 7.11 -38.73 17.08
N PRO F 90 8.37 -38.51 17.48
CA PRO F 90 9.15 -39.61 18.06
C PRO F 90 8.53 -40.22 19.31
N ASN F 91 7.82 -39.44 20.13
CA ASN F 91 7.17 -40.04 21.28
C ASN F 91 5.94 -40.87 20.89
N TYR F 92 5.52 -40.77 19.63
CA TYR F 92 4.39 -41.53 19.11
C TYR F 92 4.84 -42.56 18.08
N GLN F 93 6.12 -42.93 18.11
CA GLN F 93 6.65 -44.01 17.28
C GLN F 93 6.34 -45.36 17.88
N GLY F 94 6.22 -46.36 17.02
CA GLY F 94 5.93 -47.71 17.46
C GLY F 94 4.47 -48.06 17.56
N TYR F 95 3.58 -47.15 17.19
CA TYR F 95 2.14 -47.39 17.29
C TYR F 95 1.50 -47.73 15.95
N GLY F 96 2.31 -47.93 14.90
CA GLY F 96 1.76 -48.15 13.58
C GLY F 96 1.08 -46.94 12.99
N TYR F 97 1.30 -45.75 13.56
CA TYR F 97 0.67 -44.54 13.06
C TYR F 97 1.13 -44.18 11.65
N ALA F 98 2.38 -44.52 11.31
CA ALA F 98 2.92 -44.16 10.01
C ALA F 98 2.12 -44.78 8.87
N VAL F 99 1.84 -46.09 8.97
CA VAL F 99 1.15 -46.77 7.88
C VAL F 99 -0.31 -46.32 7.79
N ASP F 100 -0.97 -46.13 8.93
CA ASP F 100 -2.36 -45.68 8.89
C ASP F 100 -2.46 -44.27 8.33
N ALA F 101 -1.55 -43.39 8.73
CA ALA F 101 -1.55 -42.04 8.18
C ALA F 101 -1.22 -42.05 6.69
N THR F 102 -0.31 -42.95 6.27
CA THR F 102 0.00 -43.09 4.86
C THR F 102 -1.22 -43.54 4.06
N ARG F 103 -1.98 -44.50 4.59
CA ARG F 103 -3.18 -44.94 3.89
C ARG F 103 -4.24 -43.85 3.87
N LEU F 104 -4.37 -43.07 4.94
CA LEU F 104 -5.31 -41.96 4.93
C LEU F 104 -4.92 -40.92 3.88
N ALA F 105 -3.62 -40.61 3.78
CA ALA F 105 -3.17 -39.64 2.78
C ALA F 105 -3.34 -40.19 1.37
N MET F 106 -3.10 -41.48 1.16
CA MET F 106 -3.31 -42.09 -0.14
C MET F 106 -4.78 -42.01 -0.54
N ASP F 107 -5.67 -42.34 0.40
CA ASP F 107 -7.09 -42.23 0.12
C ASP F 107 -7.49 -40.80 -0.19
N TYR F 108 -6.88 -39.84 0.50
CA TYR F 108 -7.22 -38.45 0.25
C TYR F 108 -6.76 -38.01 -1.13
N ALA F 109 -5.53 -38.36 -1.50
CA ALA F 109 -5.01 -37.91 -2.80
C ALA F 109 -5.71 -38.61 -3.95
N PHE F 110 -6.02 -39.90 -3.81
CA PHE F 110 -6.61 -40.65 -4.92
C PHE F 110 -8.12 -40.46 -5.01
N SER F 111 -8.80 -40.44 -3.86
CA SER F 111 -10.26 -40.41 -3.83
C SER F 111 -10.84 -39.02 -3.74
N VAL F 112 -10.17 -38.10 -3.04
CA VAL F 112 -10.68 -36.75 -2.86
C VAL F 112 -10.07 -35.83 -3.92
N LEU F 113 -8.74 -35.76 -3.95
CA LEU F 113 -8.05 -34.87 -4.88
C LEU F 113 -8.04 -35.41 -6.31
N ASN F 114 -8.47 -36.65 -6.52
CA ASN F 114 -8.53 -37.26 -7.85
C ASN F 114 -7.16 -37.26 -8.52
N MET F 115 -6.13 -37.62 -7.74
CA MET F 115 -4.77 -37.70 -8.27
C MET F 115 -4.57 -39.01 -9.01
N HIS F 116 -3.85 -38.94 -10.13
CA HIS F 116 -3.49 -40.15 -10.85
C HIS F 116 -2.31 -40.85 -10.21
N LYS F 117 -1.38 -40.10 -9.61
CA LYS F 117 -0.14 -40.64 -9.12
C LYS F 117 0.23 -39.99 -7.79
N ILE F 118 0.75 -40.81 -6.88
CA ILE F 118 1.40 -40.34 -5.66
C ILE F 118 2.85 -40.79 -5.71
N TYR F 119 3.76 -39.91 -5.34
CA TYR F 119 5.16 -40.29 -5.24
C TYR F 119 5.73 -39.78 -3.93
N LEU F 120 6.70 -40.53 -3.40
CA LEU F 120 7.40 -40.16 -2.18
C LEU F 120 8.89 -40.37 -2.39
N VAL F 121 9.68 -39.71 -1.54
CA VAL F 121 11.13 -39.76 -1.62
C VAL F 121 11.66 -40.10 -0.24
N VAL F 122 12.36 -41.22 -0.13
CA VAL F 122 12.98 -41.64 1.12
C VAL F 122 14.47 -41.78 0.88
N ASP F 123 15.23 -41.85 1.96
CA ASP F 123 16.66 -42.08 1.82
C ASP F 123 16.92 -43.52 1.40
N LYS F 124 17.94 -43.71 0.57
CA LYS F 124 18.25 -45.08 0.13
C LYS F 124 18.66 -45.95 1.29
N GLU F 125 19.28 -45.36 2.32
CA GLU F 125 19.61 -46.11 3.52
C GLU F 125 18.35 -46.57 4.26
N ASN F 126 17.26 -45.81 4.13
CA ASN F 126 16.01 -46.12 4.84
C ASN F 126 15.28 -47.25 4.09
N GLU F 127 15.83 -48.46 4.25
CA GLU F 127 15.21 -49.63 3.63
C GLU F 127 13.91 -50.01 4.33
N LYS F 128 13.77 -49.69 5.62
CA LYS F 128 12.53 -50.00 6.31
C LYS F 128 11.36 -49.26 5.67
N ALA F 129 11.55 -47.98 5.33
CA ALA F 129 10.49 -47.22 4.68
C ALA F 129 10.18 -47.77 3.30
N VAL F 130 11.21 -48.16 2.54
CA VAL F 130 10.96 -48.74 1.22
C VAL F 130 10.17 -50.03 1.35
N HIS F 131 10.52 -50.86 2.32
CA HIS F 131 9.82 -52.12 2.55
C HIS F 131 8.36 -51.87 2.95
N VAL F 132 8.14 -50.93 3.86
CA VAL F 132 6.79 -50.63 4.32
C VAL F 132 5.94 -50.04 3.19
N TYR F 133 6.50 -49.09 2.44
CA TYR F 133 5.74 -48.46 1.36
C TYR F 133 5.46 -49.45 0.24
N LYS F 134 6.34 -50.43 0.03
CA LYS F 134 6.02 -51.51 -0.90
C LYS F 134 4.88 -52.35 -0.38
N LYS F 135 4.82 -52.53 0.95
CA LYS F 135 3.71 -53.28 1.55
C LYS F 135 2.38 -52.54 1.37
N VAL F 136 2.40 -51.21 1.45
CA VAL F 136 1.16 -50.45 1.28
C VAL F 136 0.78 -50.31 -0.20
N GLY F 137 1.73 -50.56 -1.11
CA GLY F 137 1.40 -50.56 -2.52
C GLY F 137 2.32 -49.73 -3.39
N PHE F 138 3.23 -48.98 -2.77
CA PHE F 138 4.17 -48.18 -3.54
C PHE F 138 5.19 -49.07 -4.23
N MET F 139 5.54 -48.70 -5.45
CA MET F 139 6.58 -49.40 -6.21
C MET F 139 7.82 -48.51 -6.27
N VAL F 140 8.99 -49.13 -6.14
CA VAL F 140 10.23 -48.37 -6.31
C VAL F 140 10.28 -47.86 -7.74
N GLU F 141 10.23 -46.53 -7.89
CA GLU F 141 10.18 -45.92 -9.21
C GLU F 141 11.57 -45.58 -9.73
N GLY F 142 12.45 -45.10 -8.86
CA GLY F 142 13.78 -44.77 -9.32
C GLY F 142 14.69 -44.41 -8.17
N GLU F 143 15.95 -44.17 -8.52
CA GLU F 143 16.98 -43.79 -7.56
C GLU F 143 17.63 -42.50 -8.00
N LEU F 144 17.72 -41.54 -7.08
CA LEU F 144 18.34 -40.24 -7.33
C LEU F 144 19.72 -40.25 -6.70
N ILE F 145 20.76 -40.12 -7.54
CA ILE F 145 22.13 -40.26 -7.08
C ILE F 145 22.63 -38.94 -6.53
N ASP F 146 23.16 -38.98 -5.30
CA ASP F 146 23.71 -37.81 -4.62
C ASP F 146 22.71 -36.65 -4.62
N GLU F 147 21.43 -37.00 -4.44
CA GLU F 147 20.38 -36.00 -4.59
C GLU F 147 20.35 -35.03 -3.42
N PHE F 148 20.64 -35.49 -2.20
CA PHE F 148 20.47 -34.63 -1.04
C PHE F 148 21.71 -34.63 -0.18
N PHE F 149 22.17 -33.45 0.23
CA PHE F 149 23.29 -33.35 1.16
C PHE F 149 22.74 -33.41 2.58
N VAL F 150 22.99 -34.53 3.26
CA VAL F 150 22.50 -34.77 4.61
C VAL F 150 23.69 -35.08 5.51
N ASP F 151 23.77 -34.39 6.65
CA ASP F 151 24.77 -34.61 7.68
C ASP F 151 26.16 -34.87 7.11
N GLY F 152 26.60 -33.96 6.24
CA GLY F 152 27.97 -33.99 5.75
C GLY F 152 28.24 -34.89 4.57
N ASN F 153 27.24 -35.61 4.07
CA ASN F 153 27.46 -36.52 2.96
C ASN F 153 26.34 -36.40 1.93
N TYR F 154 26.69 -36.64 0.67
CA TYR F 154 25.68 -36.69 -0.38
C TYR F 154 25.00 -38.05 -0.35
N HIS F 155 23.70 -38.05 -0.08
CA HIS F 155 22.90 -39.25 0.00
C HIS F 155 22.04 -39.38 -1.26
N ASN F 156 21.96 -40.60 -1.77
CA ASN F 156 21.00 -40.98 -2.79
C ASN F 156 19.63 -41.21 -2.15
N ALA F 157 18.60 -41.11 -2.98
CA ALA F 157 17.23 -41.27 -2.52
C ALA F 157 16.51 -42.30 -3.38
N ILE F 158 15.54 -42.98 -2.77
CA ILE F 158 14.64 -43.86 -3.48
C ILE F 158 13.31 -43.12 -3.64
N ARG F 159 12.92 -42.90 -4.89
CA ARG F 159 11.62 -42.34 -5.23
C ARG F 159 10.68 -43.50 -5.56
N MET F 160 9.57 -43.57 -4.81
CA MET F 160 8.57 -44.62 -4.97
C MET F 160 7.25 -43.99 -5.41
N CYS F 161 6.44 -44.76 -6.13
CA CYS F 161 5.20 -44.22 -6.67
C CYS F 161 4.09 -45.25 -6.58
N MET F 162 2.87 -44.73 -6.57
CA MET F 162 1.64 -45.50 -6.61
C MET F 162 0.66 -44.80 -7.54
N PHE F 163 -0.24 -45.57 -8.13
CA PHE F 163 -1.18 -45.02 -9.11
C PHE F 163 -2.62 -45.28 -8.69
N GLN F 164 -3.53 -44.51 -9.29
CA GLN F 164 -4.92 -44.50 -8.86
C GLN F 164 -5.62 -45.82 -9.17
N LYS F 165 -5.35 -46.40 -10.34
CA LYS F 165 -6.02 -47.64 -10.72
C LYS F 165 -5.61 -48.79 -9.80
N GLN F 166 -4.31 -48.93 -9.56
CA GLN F 166 -3.83 -49.99 -8.66
C GLN F 166 -4.31 -49.76 -7.24
N TYR F 167 -4.45 -48.50 -6.83
CA TYR F 167 -4.97 -48.23 -5.48
C TYR F 167 -6.44 -48.60 -5.37
N PHE F 168 -7.25 -48.24 -6.36
CA PHE F 168 -8.67 -48.56 -6.30
C PHE F 168 -8.91 -50.06 -6.46
N GLU F 169 -8.04 -50.75 -7.19
CA GLU F 169 -8.17 -52.21 -7.28
C GLU F 169 -7.84 -52.88 -5.95
N ASN F 170 -6.96 -52.29 -5.17
CA ASN F 170 -6.61 -52.83 -3.86
C ASN F 170 -7.19 -51.97 -2.74
N GLU G 4 -4.50 -22.81 -41.73
CA GLU G 4 -5.04 -23.74 -40.76
C GLU G 4 -5.57 -22.99 -39.54
N LEU G 5 -6.81 -23.32 -39.15
CA LEU G 5 -7.40 -22.71 -37.97
C LEU G 5 -6.61 -23.08 -36.73
N LYS G 6 -6.37 -22.08 -35.86
CA LYS G 6 -5.60 -22.32 -34.65
C LYS G 6 -6.25 -21.59 -33.49
N LEU G 7 -5.91 -22.05 -32.28
CA LEU G 7 -6.23 -21.35 -31.05
C LEU G 7 -4.96 -20.77 -30.49
N ARG G 8 -5.00 -19.51 -30.07
CA ARG G 8 -3.87 -18.90 -29.38
C ARG G 8 -4.40 -18.22 -28.12
N PRO G 9 -3.53 -17.90 -27.18
CA PRO G 9 -4.00 -17.21 -25.97
C PRO G 9 -4.59 -15.84 -26.31
N LEU G 10 -5.68 -15.50 -25.63
CA LEU G 10 -6.25 -14.17 -25.73
C LEU G 10 -5.30 -13.17 -25.09
N GLU G 11 -4.65 -12.35 -25.91
CA GLU G 11 -3.69 -11.38 -25.42
C GLU G 11 -4.39 -10.06 -25.10
N ARG G 12 -3.74 -9.26 -24.25
CA ARG G 12 -4.28 -7.95 -23.88
C ARG G 12 -4.49 -7.08 -25.12
N GLU G 13 -3.52 -7.08 -26.05
CA GLU G 13 -3.65 -6.27 -27.26
C GLU G 13 -4.84 -6.70 -28.11
N ASP G 14 -5.36 -7.90 -27.90
CA ASP G 14 -6.52 -8.37 -28.65
C ASP G 14 -7.84 -7.89 -28.08
N LEU G 15 -7.83 -7.28 -26.88
CA LEU G 15 -9.08 -7.05 -26.15
C LEU G 15 -10.07 -6.21 -26.93
N LYS G 16 -9.58 -5.28 -27.76
CA LYS G 16 -10.47 -4.47 -28.59
C LYS G 16 -11.42 -5.35 -29.39
N PHE G 17 -10.88 -6.38 -30.04
CA PHE G 17 -11.71 -7.35 -30.73
C PHE G 17 -12.77 -7.91 -29.80
N VAL G 18 -12.35 -8.46 -28.66
CA VAL G 18 -13.29 -8.97 -27.67
C VAL G 18 -14.30 -7.89 -27.31
N HIS G 19 -13.83 -6.64 -27.18
CA HIS G 19 -14.73 -5.54 -26.86
C HIS G 19 -15.89 -5.50 -27.84
N GLU G 20 -15.60 -5.55 -29.14
CA GLU G 20 -16.66 -5.49 -30.14
C GLU G 20 -17.61 -6.67 -29.97
N LEU G 21 -17.09 -7.83 -29.61
CA LEU G 21 -17.97 -8.98 -29.38
C LEU G 21 -18.77 -8.80 -28.10
N ASN G 22 -18.20 -8.19 -27.07
CA ASN G 22 -18.86 -8.12 -25.78
C ASN G 22 -19.96 -7.07 -25.72
N ASN G 23 -20.04 -6.19 -26.72
CA ASN G 23 -21.08 -5.17 -26.77
C ASN G 23 -22.03 -5.39 -27.94
N ASN G 24 -21.91 -6.51 -28.65
CA ASN G 24 -22.85 -6.89 -29.69
C ASN G 24 -23.97 -7.70 -29.04
N ALA G 25 -25.19 -7.14 -29.05
CA ALA G 25 -26.30 -7.80 -28.38
C ALA G 25 -26.59 -9.17 -28.99
N HIS G 26 -26.54 -9.27 -30.33
CA HIS G 26 -26.78 -10.55 -30.97
C HIS G 26 -25.72 -11.58 -30.58
N ILE G 27 -24.45 -11.16 -30.57
CA ILE G 27 -23.37 -12.06 -30.18
C ILE G 27 -23.51 -12.47 -28.73
N MET G 28 -23.75 -11.50 -27.85
CA MET G 28 -23.93 -11.73 -26.42
C MET G 28 -25.29 -12.31 -26.08
N SER G 29 -26.06 -12.78 -27.06
CA SER G 29 -27.25 -13.56 -26.77
C SER G 29 -26.98 -15.07 -26.81
N TYR G 30 -26.04 -15.52 -27.66
CA TYR G 30 -25.67 -16.93 -27.70
C TYR G 30 -25.05 -17.35 -26.38
N TRP G 31 -24.00 -16.68 -25.95
CA TRP G 31 -23.70 -16.63 -24.53
C TRP G 31 -24.75 -15.78 -23.85
N PHE G 32 -25.08 -16.12 -22.62
CA PHE G 32 -26.16 -15.42 -21.92
C PHE G 32 -25.59 -14.31 -21.04
N GLU G 33 -24.96 -13.36 -21.73
CA GLU G 33 -24.22 -12.27 -21.11
C GLU G 33 -24.89 -10.95 -21.42
N GLU G 34 -24.91 -10.05 -20.45
CA GLU G 34 -25.38 -8.70 -20.70
C GLU G 34 -24.44 -8.02 -21.71
N PRO G 35 -24.97 -7.48 -22.82
CA PRO G 35 -24.13 -6.88 -23.87
C PRO G 35 -23.65 -5.47 -23.53
N TYR G 36 -23.03 -5.33 -22.35
CA TYR G 36 -22.43 -4.07 -21.92
C TYR G 36 -21.08 -4.37 -21.29
N GLU G 37 -20.03 -3.73 -21.82
CA GLU G 37 -18.72 -3.77 -21.17
C GLU G 37 -17.90 -2.63 -21.73
N ALA G 38 -17.63 -1.62 -20.91
CA ALA G 38 -16.67 -0.60 -21.28
C ALA G 38 -15.31 -1.23 -21.52
N PHE G 39 -14.53 -0.63 -22.42
CA PHE G 39 -13.24 -1.21 -22.77
C PHE G 39 -12.33 -1.27 -21.55
N VAL G 40 -12.33 -0.22 -20.72
CA VAL G 40 -11.51 -0.25 -19.52
C VAL G 40 -12.01 -1.30 -18.54
N GLU G 41 -13.31 -1.57 -18.52
CA GLU G 41 -13.85 -2.63 -17.68
C GLU G 41 -13.33 -4.00 -18.13
N LEU G 42 -13.40 -4.26 -19.43
CA LEU G 42 -12.88 -5.52 -19.96
C LEU G 42 -11.38 -5.64 -19.71
N GLN G 43 -10.63 -4.55 -19.91
CA GLN G 43 -9.20 -4.58 -19.65
C GLN G 43 -8.90 -4.91 -18.20
N ASP G 44 -9.61 -4.26 -17.27
CA ASP G 44 -9.35 -4.49 -15.86
C ASP G 44 -9.72 -5.90 -15.45
N LEU G 45 -10.85 -6.42 -15.95
CA LEU G 45 -11.22 -7.80 -15.66
C LEU G 45 -10.21 -8.78 -16.23
N TYR G 46 -9.71 -8.51 -17.44
CA TYR G 46 -8.66 -9.34 -18.03
C TYR G 46 -7.41 -9.33 -17.16
N ASP G 47 -7.01 -8.16 -16.67
CA ASP G 47 -5.85 -8.07 -15.79
C ASP G 47 -6.08 -8.86 -14.50
N LYS G 48 -7.30 -8.82 -13.98
CA LYS G 48 -7.63 -9.53 -12.75
C LYS G 48 -7.51 -11.04 -12.92
N HIS G 49 -7.75 -11.56 -14.12
CA HIS G 49 -7.74 -12.98 -14.39
C HIS G 49 -6.51 -13.43 -15.19
N ILE G 50 -5.46 -12.62 -15.22
CA ILE G 50 -4.23 -13.00 -15.93
C ILE G 50 -3.71 -14.32 -15.38
N HIS G 51 -3.62 -14.44 -14.05
CA HIS G 51 -3.11 -15.64 -13.41
C HIS G 51 -4.22 -16.52 -12.83
N ASP G 52 -5.46 -16.33 -13.28
CA ASP G 52 -6.55 -17.21 -12.89
C ASP G 52 -6.44 -18.49 -13.69
N GLN G 53 -6.05 -19.58 -13.03
CA GLN G 53 -5.86 -20.86 -13.73
C GLN G 53 -7.17 -21.58 -13.99
N SER G 54 -8.28 -21.10 -13.45
CA SER G 54 -9.61 -21.62 -13.76
C SER G 54 -10.07 -21.26 -15.16
N GLU G 55 -9.28 -20.48 -15.90
CA GLU G 55 -9.71 -19.94 -17.20
C GLU G 55 -8.66 -20.24 -18.26
N ARG G 56 -9.15 -20.47 -19.48
CA ARG G 56 -8.30 -20.53 -20.67
C ARG G 56 -9.04 -19.76 -21.76
N ARG G 57 -8.56 -18.54 -22.04
CA ARG G 57 -9.17 -17.67 -23.03
C ARG G 57 -8.36 -17.74 -24.33
N PHE G 58 -9.03 -18.04 -25.44
CA PHE G 58 -8.39 -18.31 -26.71
C PHE G 58 -8.96 -17.36 -27.76
N ILE G 59 -8.07 -16.76 -28.53
CA ILE G 59 -8.44 -16.18 -29.82
C ILE G 59 -8.42 -17.31 -30.84
N VAL G 60 -9.55 -17.53 -31.50
CA VAL G 60 -9.65 -18.40 -32.66
C VAL G 60 -9.12 -17.60 -33.85
N GLU G 61 -7.97 -18.02 -34.37
CA GLU G 61 -7.26 -17.28 -35.41
C GLU G 61 -7.21 -18.09 -36.68
N LYS G 62 -7.49 -17.44 -37.81
CA LYS G 62 -7.37 -18.03 -39.14
C LYS G 62 -6.63 -17.04 -40.01
N ASP G 63 -5.47 -17.45 -40.52
CA ASP G 63 -4.63 -16.61 -41.37
C ASP G 63 -4.27 -15.29 -40.68
N ASN G 64 -3.80 -15.40 -39.43
CA ASN G 64 -3.35 -14.25 -38.64
C ASN G 64 -4.44 -13.18 -38.47
N GLU G 65 -5.70 -13.60 -38.47
CA GLU G 65 -6.83 -12.71 -38.30
C GLU G 65 -7.73 -13.30 -37.23
N MET G 66 -8.22 -12.44 -36.32
CA MET G 66 -9.05 -12.88 -35.21
C MET G 66 -10.47 -13.15 -35.70
N VAL G 67 -10.81 -14.43 -35.82
CA VAL G 67 -12.13 -14.83 -36.28
C VAL G 67 -13.04 -15.30 -35.16
N GLY G 68 -12.51 -15.58 -33.97
CA GLY G 68 -13.42 -16.00 -32.92
C GLY G 68 -12.80 -15.96 -31.54
N LEU G 69 -13.59 -16.40 -30.55
CA LEU G 69 -13.20 -16.43 -29.16
C LEU G 69 -13.69 -17.72 -28.53
N VAL G 70 -12.77 -18.52 -28.00
CA VAL G 70 -13.09 -19.79 -27.33
C VAL G 70 -12.66 -19.70 -25.88
N GLU G 71 -13.55 -20.04 -24.96
CA GLU G 71 -13.22 -19.95 -23.55
C GLU G 71 -13.48 -21.29 -22.87
N LEU G 72 -12.46 -21.81 -22.20
CA LEU G 72 -12.60 -22.94 -21.28
C LEU G 72 -12.57 -22.37 -19.88
N VAL G 73 -13.75 -22.10 -19.32
CA VAL G 73 -13.87 -21.42 -18.05
C VAL G 73 -14.34 -22.40 -16.98
N GLU G 74 -14.37 -21.93 -15.74
CA GLU G 74 -14.79 -22.73 -14.60
C GLU G 74 -14.06 -24.07 -14.56
N ILE G 75 -12.78 -24.04 -14.88
CA ILE G 75 -11.96 -25.25 -14.92
C ILE G 75 -11.81 -25.77 -13.50
N ASP G 76 -12.49 -26.87 -13.19
CA ASP G 76 -12.40 -27.52 -11.90
C ASP G 76 -11.34 -28.62 -12.00
N TYR G 77 -10.31 -28.51 -11.17
CA TYR G 77 -9.17 -29.42 -11.26
C TYR G 77 -9.32 -30.66 -10.38
N ILE G 78 -10.35 -30.71 -9.54
CA ILE G 78 -10.68 -31.92 -8.78
C ILE G 78 -11.75 -32.73 -9.48
N HIS G 79 -12.83 -32.08 -9.90
CA HIS G 79 -13.89 -32.75 -10.65
C HIS G 79 -13.58 -32.90 -12.13
N ARG G 80 -12.52 -32.23 -12.63
CA ARG G 80 -12.05 -32.41 -14.00
C ARG G 80 -13.14 -32.10 -15.02
N ARG G 81 -13.78 -30.93 -14.85
CA ARG G 81 -14.77 -30.46 -15.81
C ARG G 81 -14.55 -28.98 -16.07
N THR G 82 -14.93 -28.54 -17.27
CA THR G 82 -14.79 -27.14 -17.65
C THR G 82 -15.91 -26.78 -18.60
N GLU G 83 -16.37 -25.53 -18.52
CA GLU G 83 -17.38 -25.03 -19.42
C GLU G 83 -16.73 -24.51 -20.69
N PHE G 84 -17.23 -24.95 -21.83
CA PHE G 84 -16.77 -24.51 -23.13
C PHE G 84 -17.73 -23.46 -23.68
N GLN G 85 -17.18 -22.34 -24.13
CA GLN G 85 -17.95 -21.28 -24.75
C GLN G 85 -17.27 -20.87 -26.05
N ILE G 86 -18.08 -20.48 -27.03
CA ILE G 86 -17.60 -20.17 -28.36
C ILE G 86 -18.36 -18.98 -28.93
N ILE G 87 -17.62 -18.07 -29.55
CA ILE G 87 -18.17 -17.00 -30.37
C ILE G 87 -17.40 -16.99 -31.68
N ILE G 88 -18.11 -16.93 -32.80
CA ILE G 88 -17.50 -16.71 -34.10
C ILE G 88 -17.92 -15.32 -34.58
N ASP G 89 -16.95 -14.52 -35.01
CA ASP G 89 -17.23 -13.19 -35.51
C ASP G 89 -18.25 -13.28 -36.65
N PRO G 90 -19.29 -12.44 -36.65
CA PRO G 90 -20.32 -12.56 -37.69
C PRO G 90 -19.77 -12.43 -39.10
N ASN G 91 -18.69 -11.69 -39.30
CA ASN G 91 -18.08 -11.59 -40.62
C ASN G 91 -17.35 -12.87 -41.02
N TYR G 92 -17.07 -13.77 -40.07
CA TYR G 92 -16.40 -15.03 -40.35
C TYR G 92 -17.29 -16.23 -40.09
N GLN G 93 -18.60 -16.04 -40.00
CA GLN G 93 -19.52 -17.16 -39.88
C GLN G 93 -19.79 -17.74 -41.26
N GLY G 94 -20.12 -19.04 -41.27
CA GLY G 94 -20.35 -19.73 -42.52
C GLY G 94 -19.13 -20.39 -43.12
N TYR G 95 -17.98 -20.33 -42.45
CA TYR G 95 -16.75 -20.96 -42.91
C TYR G 95 -16.45 -22.25 -42.17
N GLY G 96 -17.38 -22.75 -41.38
CA GLY G 96 -17.09 -23.90 -40.54
C GLY G 96 -16.11 -23.64 -39.43
N TYR G 97 -15.84 -22.37 -39.13
CA TYR G 97 -14.89 -22.03 -38.07
C TYR G 97 -15.38 -22.50 -36.71
N ALA G 98 -16.70 -22.52 -36.50
CA ALA G 98 -17.23 -22.92 -35.20
C ALA G 98 -16.87 -24.37 -34.88
N VAL G 99 -17.04 -25.27 -35.85
CA VAL G 99 -16.79 -26.69 -35.59
C VAL G 99 -15.31 -26.94 -35.36
N ASP G 100 -14.45 -26.30 -36.18
CA ASP G 100 -13.01 -26.50 -36.03
C ASP G 100 -12.50 -25.93 -34.71
N ALA G 101 -12.99 -24.75 -34.32
CA ALA G 101 -12.59 -24.17 -33.05
C ALA G 101 -13.10 -25.00 -31.88
N THR G 102 -14.32 -25.54 -31.99
CA THR G 102 -14.83 -26.42 -30.95
C THR G 102 -13.97 -27.67 -30.84
N ARG G 103 -13.52 -28.23 -31.97
CA ARG G 103 -12.68 -29.41 -31.93
C ARG G 103 -11.32 -29.11 -31.31
N LEU G 104 -10.74 -27.95 -31.62
CA LEU G 104 -9.49 -27.57 -30.98
C LEU G 104 -9.66 -27.37 -29.48
N ALA G 105 -10.77 -26.74 -29.06
CA ALA G 105 -11.00 -26.54 -27.64
C ALA G 105 -11.21 -27.87 -26.92
N MET G 106 -11.91 -28.80 -27.56
CA MET G 106 -12.09 -30.13 -26.99
C MET G 106 -10.75 -30.83 -26.85
N ASP G 107 -9.91 -30.75 -27.89
CA ASP G 107 -8.58 -31.35 -27.82
C ASP G 107 -7.75 -30.70 -26.72
N TYR G 108 -7.91 -29.39 -26.52
CA TYR G 108 -7.13 -28.72 -25.49
C TYR G 108 -7.56 -29.16 -24.09
N ALA G 109 -8.88 -29.22 -23.86
CA ALA G 109 -9.36 -29.58 -22.54
C ALA G 109 -9.08 -31.04 -22.22
N PHE G 110 -9.22 -31.93 -23.22
CA PHE G 110 -9.07 -33.35 -22.95
C PHE G 110 -7.60 -33.79 -22.97
N SER G 111 -6.82 -33.25 -23.89
CA SER G 111 -5.44 -33.69 -24.10
C SER G 111 -4.42 -32.86 -23.34
N VAL G 112 -4.66 -31.55 -23.18
CA VAL G 112 -3.71 -30.69 -22.49
C VAL G 112 -4.11 -30.55 -21.02
N LEU G 113 -5.33 -30.09 -20.79
CA LEU G 113 -5.81 -29.87 -19.43
C LEU G 113 -6.20 -31.15 -18.70
N ASN G 114 -6.21 -32.29 -19.39
CA ASN G 114 -6.53 -33.59 -18.77
C ASN G 114 -7.90 -33.56 -18.12
N MET G 115 -8.87 -32.97 -18.80
CA MET G 115 -10.21 -32.86 -18.26
C MET G 115 -11.01 -34.13 -18.50
N HIS G 116 -11.80 -34.53 -17.51
CA HIS G 116 -12.70 -35.66 -17.67
C HIS G 116 -13.97 -35.29 -18.43
N LYS G 117 -14.44 -34.05 -18.27
CA LYS G 117 -15.73 -33.64 -18.81
C LYS G 117 -15.64 -32.22 -19.37
N ILE G 118 -16.28 -32.00 -20.51
CA ILE G 118 -16.51 -30.67 -21.05
C ILE G 118 -18.03 -30.48 -21.10
N TYR G 119 -18.50 -29.30 -20.70
CA TYR G 119 -19.90 -28.99 -20.82
C TYR G 119 -20.08 -27.60 -21.43
N LEU G 120 -21.18 -27.44 -22.14
CA LEU G 120 -21.56 -26.17 -22.75
C LEU G 120 -23.03 -25.91 -22.50
N VAL G 121 -23.42 -24.66 -22.67
CA VAL G 121 -24.79 -24.20 -22.46
C VAL G 121 -25.18 -23.43 -23.71
N VAL G 122 -26.20 -23.92 -24.42
CA VAL G 122 -26.70 -23.29 -25.62
C VAL G 122 -28.18 -22.98 -25.42
N ASP G 123 -28.72 -22.13 -26.29
CA ASP G 123 -30.15 -21.86 -26.24
C ASP G 123 -30.92 -23.07 -26.78
N LYS G 124 -32.08 -23.35 -26.16
CA LYS G 124 -32.88 -24.47 -26.63
C LYS G 124 -33.40 -24.25 -28.03
N GLU G 125 -33.66 -22.98 -28.39
CA GLU G 125 -34.06 -22.64 -29.75
C GLU G 125 -32.94 -22.88 -30.77
N ASN G 126 -31.68 -22.82 -30.33
CA ASN G 126 -30.52 -22.90 -31.21
C ASN G 126 -30.32 -24.35 -31.64
N GLU G 127 -31.16 -24.77 -32.59
CA GLU G 127 -31.11 -26.14 -33.10
C GLU G 127 -29.84 -26.39 -33.92
N LYS G 128 -29.33 -25.38 -34.62
CA LYS G 128 -28.12 -25.55 -35.42
C LYS G 128 -26.91 -25.83 -34.53
N ALA G 129 -26.76 -25.07 -33.45
CA ALA G 129 -25.64 -25.29 -32.54
C ALA G 129 -25.74 -26.64 -31.86
N VAL G 130 -26.96 -27.04 -31.46
CA VAL G 130 -27.13 -28.35 -30.84
C VAL G 130 -26.73 -29.45 -31.80
N HIS G 131 -27.13 -29.34 -33.07
CA HIS G 131 -26.73 -30.35 -34.05
C HIS G 131 -25.21 -30.36 -34.26
N VAL G 132 -24.60 -29.18 -34.31
CA VAL G 132 -23.15 -29.11 -34.51
C VAL G 132 -22.44 -29.78 -33.34
N TYR G 133 -22.88 -29.50 -32.12
CA TYR G 133 -22.24 -30.09 -30.94
C TYR G 133 -22.47 -31.59 -30.86
N LYS G 134 -23.63 -32.07 -31.32
CA LYS G 134 -23.84 -33.51 -31.39
C LYS G 134 -22.95 -34.16 -32.44
N LYS G 135 -22.74 -33.49 -33.56
CA LYS G 135 -21.84 -33.99 -34.58
C LYS G 135 -20.40 -34.04 -34.08
N VAL G 136 -20.02 -33.06 -33.26
CA VAL G 136 -18.66 -33.03 -32.73
C VAL G 136 -18.46 -33.98 -31.56
N GLY G 137 -19.53 -34.47 -30.94
CA GLY G 137 -19.40 -35.48 -29.90
C GLY G 137 -20.14 -35.18 -28.61
N PHE G 138 -20.69 -33.97 -28.49
CA PHE G 138 -21.44 -33.60 -27.30
C PHE G 138 -22.78 -34.32 -27.24
N MET G 139 -23.17 -34.73 -26.04
CA MET G 139 -24.46 -35.35 -25.79
C MET G 139 -25.33 -34.36 -25.03
N VAL G 140 -26.62 -34.31 -25.38
CA VAL G 140 -27.57 -33.50 -24.63
C VAL G 140 -27.62 -34.04 -23.21
N GLU G 141 -27.17 -33.24 -22.24
CA GLU G 141 -27.11 -33.68 -20.86
C GLU G 141 -28.38 -33.30 -20.09
N GLY G 142 -28.88 -32.10 -20.31
CA GLY G 142 -30.08 -31.68 -19.59
C GLY G 142 -30.61 -30.36 -20.10
N GLU G 143 -31.73 -29.96 -19.53
CA GLU G 143 -32.38 -28.69 -19.86
C GLU G 143 -32.57 -27.86 -18.61
N LEU G 144 -32.16 -26.60 -18.68
CA LEU G 144 -32.30 -25.65 -17.59
C LEU G 144 -33.50 -24.76 -17.88
N ILE G 145 -34.51 -24.82 -17.03
CA ILE G 145 -35.78 -24.15 -17.27
C ILE G 145 -35.68 -22.71 -16.78
N ASP G 146 -36.03 -21.76 -17.65
CA ASP G 146 -36.02 -20.33 -17.34
C ASP G 146 -34.67 -19.91 -16.77
N GLU G 147 -33.60 -20.49 -17.32
CA GLU G 147 -32.29 -20.27 -16.74
C GLU G 147 -31.76 -18.88 -17.01
N PHE G 148 -32.07 -18.28 -18.16
CA PHE G 148 -31.46 -17.00 -18.50
C PHE G 148 -32.52 -16.00 -18.94
N PHE G 149 -32.44 -14.78 -18.43
CA PHE G 149 -33.29 -13.70 -18.91
C PHE G 149 -32.62 -13.06 -20.11
N VAL G 150 -33.15 -13.32 -21.30
CA VAL G 150 -32.60 -12.82 -22.56
C VAL G 150 -33.69 -12.08 -23.31
N ASP G 151 -33.37 -10.88 -23.79
CA ASP G 151 -34.24 -10.07 -24.63
C ASP G 151 -35.68 -10.06 -24.12
N GLY G 152 -35.83 -9.77 -22.83
CA GLY G 152 -37.14 -9.55 -22.26
C GLY G 152 -37.90 -10.79 -21.86
N ASN G 153 -37.34 -11.98 -22.08
CA ASN G 153 -38.06 -13.21 -21.79
C ASN G 153 -37.12 -14.20 -21.12
N TYR G 154 -37.70 -15.07 -20.29
CA TYR G 154 -36.93 -16.15 -19.67
C TYR G 154 -36.77 -17.28 -20.66
N HIS G 155 -35.54 -17.58 -21.02
CA HIS G 155 -35.19 -18.66 -21.94
C HIS G 155 -34.63 -19.84 -21.18
N ASN G 156 -35.05 -21.03 -21.59
CA ASN G 156 -34.45 -22.28 -21.20
C ASN G 156 -33.17 -22.52 -21.99
N ALA G 157 -32.30 -23.36 -21.44
CA ALA G 157 -31.03 -23.67 -22.06
C ALA G 157 -30.85 -25.18 -22.15
N ILE G 158 -30.11 -25.61 -23.16
CA ILE G 158 -29.68 -26.99 -23.28
C ILE G 158 -28.23 -27.05 -22.81
N ARG G 159 -27.99 -27.80 -21.75
CA ARG G 159 -26.63 -28.10 -21.30
C ARG G 159 -26.21 -29.42 -21.90
N MET G 160 -25.13 -29.40 -22.66
CA MET G 160 -24.59 -30.58 -23.31
C MET G 160 -23.21 -30.88 -22.76
N CYS G 161 -22.83 -32.15 -22.80
CA CYS G 161 -21.55 -32.56 -22.23
C CYS G 161 -20.91 -33.64 -23.09
N MET G 162 -19.59 -33.71 -22.99
CA MET G 162 -18.79 -34.75 -23.62
C MET G 162 -17.71 -35.17 -22.62
N PHE G 163 -17.24 -36.40 -22.76
CA PHE G 163 -16.30 -36.98 -21.81
C PHE G 163 -15.02 -37.40 -22.50
N GLN G 164 -13.97 -37.59 -21.69
CA GLN G 164 -12.64 -37.85 -22.22
C GLN G 164 -12.58 -39.20 -22.92
N LYS G 165 -13.28 -40.20 -22.39
CA LYS G 165 -13.24 -41.53 -22.99
C LYS G 165 -13.85 -41.49 -24.39
N GLN G 166 -14.98 -40.79 -24.54
CA GLN G 166 -15.61 -40.68 -25.86
C GLN G 166 -14.71 -39.91 -26.82
N TYR G 167 -13.96 -38.93 -26.33
CA TYR G 167 -13.03 -38.21 -27.21
C TYR G 167 -11.89 -39.11 -27.64
N PHE G 168 -11.36 -39.91 -26.71
CA PHE G 168 -10.29 -40.85 -27.00
C PHE G 168 -10.76 -41.97 -27.92
N GLU G 169 -12.06 -42.24 -27.95
CA GLU G 169 -12.59 -43.24 -28.88
C GLU G 169 -12.38 -42.81 -30.33
N ASN G 170 -12.33 -41.51 -30.58
CA ASN G 170 -12.06 -41.01 -31.93
C ASN G 170 -10.63 -40.47 -32.02
N GLU H 4 16.18 41.40 -16.24
CA GLU H 4 16.43 41.61 -14.81
C GLU H 4 16.58 40.28 -14.06
N LEU H 5 17.62 40.19 -13.24
CA LEU H 5 17.83 39.00 -12.43
C LEU H 5 16.67 38.79 -11.47
N LYS H 6 16.20 37.54 -11.39
CA LYS H 6 15.07 37.19 -10.55
C LYS H 6 15.33 35.84 -9.88
N LEU H 7 14.56 35.59 -8.83
CA LEU H 7 14.50 34.28 -8.20
C LEU H 7 13.17 33.64 -8.56
N ARG H 8 13.20 32.38 -8.96
CA ARG H 8 11.99 31.63 -9.22
C ARG H 8 12.09 30.28 -8.51
N PRO H 9 10.98 29.58 -8.34
CA PRO H 9 11.05 28.27 -7.68
C PRO H 9 11.90 27.30 -8.48
N LEU H 10 12.69 26.50 -7.77
CA LEU H 10 13.44 25.41 -8.39
C LEU H 10 12.46 24.34 -8.86
N GLU H 11 12.29 24.22 -10.16
CA GLU H 11 11.36 23.25 -10.72
C GLU H 11 12.05 21.91 -10.97
N ARG H 12 11.24 20.86 -11.05
CA ARG H 12 11.78 19.53 -11.31
C ARG H 12 12.56 19.49 -12.62
N GLU H 13 12.01 20.10 -13.68
CA GLU H 13 12.67 20.12 -14.97
C GLU H 13 14.03 20.82 -14.93
N ASP H 14 14.28 21.64 -13.90
CA ASP H 14 15.55 22.32 -13.76
C ASP H 14 16.62 21.46 -13.10
N LEU H 15 16.26 20.28 -12.59
CA LEU H 15 17.15 19.56 -11.69
C LEU H 15 18.48 19.21 -12.36
N LYS H 16 18.47 18.97 -13.68
CA LYS H 16 19.72 18.70 -14.39
C LYS H 16 20.75 19.78 -14.11
N PHE H 17 20.34 21.05 -14.22
CA PHE H 17 21.23 22.15 -13.86
C PHE H 17 21.77 21.96 -12.45
N VAL H 18 20.88 21.80 -11.47
CA VAL H 18 21.30 21.55 -10.09
C VAL H 18 22.23 20.35 -10.05
N HIS H 19 21.91 19.32 -10.83
CA HIS H 19 22.75 18.12 -10.87
C HIS H 19 24.19 18.51 -11.18
N GLU H 20 24.38 19.30 -12.24
CA GLU H 20 25.74 19.70 -12.62
C GLU H 20 26.41 20.47 -11.50
N LEU H 21 25.65 21.28 -10.76
CA LEU H 21 26.23 22.01 -9.65
C LEU H 21 26.58 21.08 -8.49
N ASN H 22 25.75 20.05 -8.27
CA ASN H 22 25.92 19.20 -7.10
C ASN H 22 27.02 18.16 -7.24
N ASN H 23 27.58 17.98 -8.44
CA ASN H 23 28.67 17.04 -8.65
C ASN H 23 29.97 17.75 -9.01
N ASN H 24 30.00 19.08 -8.91
CA ASN H 24 31.23 19.86 -9.07
C ASN H 24 31.89 19.97 -7.70
N ALA H 25 33.07 19.36 -7.55
CA ALA H 25 33.73 19.37 -6.26
C ALA H 25 34.04 20.79 -5.80
N HIS H 26 34.48 21.65 -6.72
CA HIS H 26 34.78 23.03 -6.37
C HIS H 26 33.53 23.77 -5.93
N ILE H 27 32.42 23.59 -6.65
CA ILE H 27 31.16 24.23 -6.27
C ILE H 27 30.66 23.67 -4.95
N MET H 28 30.68 22.35 -4.81
CA MET H 28 30.25 21.68 -3.57
C MET H 28 31.26 21.79 -2.47
N SER H 29 32.28 22.65 -2.58
CA SER H 29 33.13 23.01 -1.46
C SER H 29 32.68 24.29 -0.77
N TYR H 30 32.09 25.23 -1.52
CA TYR H 30 31.56 26.45 -0.91
C TYR H 30 30.42 26.11 0.06
N TRP H 31 29.40 25.43 -0.42
CA TRP H 31 28.59 24.60 0.46
C TRP H 31 29.43 23.39 0.87
N PHE H 32 29.21 22.91 2.08
CA PHE H 32 30.04 21.81 2.60
C PHE H 32 29.33 20.49 2.38
N GLU H 33 29.15 20.18 1.10
CA GLU H 33 28.39 19.02 0.64
C GLU H 33 29.33 18.06 -0.08
N GLU H 34 29.12 16.77 0.14
CA GLU H 34 29.84 15.78 -0.63
C GLU H 34 29.45 15.89 -2.10
N PRO H 35 30.42 16.03 -3.02
CA PRO H 35 30.11 16.24 -4.45
C PRO H 35 29.73 14.95 -5.19
N TYR H 36 28.74 14.23 -4.65
CA TYR H 36 28.20 13.04 -5.29
C TYR H 36 26.68 13.09 -5.17
N GLU H 37 25.99 12.99 -6.29
CA GLU H 37 24.54 12.85 -6.29
C GLU H 37 24.12 12.33 -7.66
N ALA H 38 23.67 11.08 -7.71
CA ALA H 38 23.06 10.57 -8.93
C ALA H 38 21.83 11.40 -9.28
N PHE H 39 21.56 11.52 -10.58
CA PHE H 39 20.45 12.35 -11.02
C PHE H 39 19.12 11.83 -10.48
N VAL H 40 18.94 10.51 -10.47
CA VAL H 40 17.72 9.95 -9.91
C VAL H 40 17.67 10.16 -8.40
N GLU H 41 18.84 10.18 -7.74
CA GLU H 41 18.87 10.47 -6.31
C GLU H 41 18.42 11.91 -6.03
N LEU H 42 18.96 12.87 -6.79
CA LEU H 42 18.54 14.25 -6.65
C LEU H 42 17.06 14.42 -6.96
N GLN H 43 16.58 13.78 -8.03
CA GLN H 43 15.16 13.83 -8.36
C GLN H 43 14.30 13.28 -7.23
N ASP H 44 14.69 12.14 -6.67
CA ASP H 44 13.88 11.54 -5.61
C ASP H 44 13.87 12.41 -4.37
N LEU H 45 15.01 13.00 -4.00
CA LEU H 45 15.02 13.90 -2.85
C LEU H 45 14.19 15.15 -3.12
N TYR H 46 14.26 15.69 -4.34
CA TYR H 46 13.42 16.83 -4.69
C TYR H 46 11.94 16.48 -4.56
N ASP H 47 11.55 15.30 -5.05
CA ASP H 47 10.16 14.86 -4.91
C ASP H 47 9.79 14.70 -3.44
N LYS H 48 10.73 14.19 -2.63
CA LYS H 48 10.49 14.01 -1.21
C LYS H 48 10.26 15.33 -0.49
N HIS H 49 10.89 16.40 -0.96
CA HIS H 49 10.79 17.69 -0.28
C HIS H 49 9.89 18.69 -1.03
N ILE H 50 9.04 18.20 -1.93
CA ILE H 50 8.13 19.09 -2.67
C ILE H 50 7.27 19.89 -1.70
N HIS H 51 6.71 19.21 -0.69
CA HIS H 51 5.84 19.87 0.28
C HIS H 51 6.56 20.11 1.60
N ASP H 52 7.89 20.08 1.60
CA ASP H 52 8.68 20.42 2.78
C ASP H 52 8.75 21.94 2.88
N GLN H 53 8.06 22.50 3.88
CA GLN H 53 8.05 23.94 4.07
C GLN H 53 9.29 24.47 4.79
N SER H 54 10.15 23.59 5.27
CA SER H 54 11.40 24.04 5.89
C SER H 54 12.40 24.63 4.90
N GLU H 55 12.15 24.53 3.59
CA GLU H 55 13.12 24.96 2.60
C GLU H 55 12.41 25.76 1.51
N ARG H 56 13.16 26.69 0.90
CA ARG H 56 12.74 27.41 -0.29
C ARG H 56 13.89 27.38 -1.28
N ARG H 57 13.75 26.58 -2.32
CA ARG H 57 14.77 26.39 -3.34
C ARG H 57 14.44 27.24 -4.57
N PHE H 58 15.40 28.06 -4.98
CA PHE H 58 15.23 29.07 -6.02
C PHE H 58 16.24 28.83 -7.12
N ILE H 59 15.77 28.88 -8.36
CA ILE H 59 16.65 29.10 -9.50
C ILE H 59 16.86 30.61 -9.63
N VAL H 60 18.13 31.02 -9.57
CA VAL H 60 18.53 32.38 -9.90
C VAL H 60 18.57 32.47 -11.43
N GLU H 61 17.66 33.25 -12.00
CA GLU H 61 17.46 33.31 -13.44
C GLU H 61 17.80 34.71 -13.93
N LYS H 62 18.57 34.79 -15.01
CA LYS H 62 18.89 36.04 -15.68
C LYS H 62 18.66 35.85 -17.16
N ASP H 63 17.76 36.64 -17.73
CA ASP H 63 17.42 36.57 -19.16
C ASP H 63 16.99 35.16 -19.54
N ASN H 64 16.06 34.60 -18.77
CA ASN H 64 15.47 33.29 -19.04
C ASN H 64 16.52 32.18 -19.06
N GLU H 65 17.60 32.34 -18.32
CA GLU H 65 18.67 31.36 -18.23
C GLU H 65 18.99 31.07 -16.78
N MET H 66 19.20 29.79 -16.46
CA MET H 66 19.49 29.37 -15.10
C MET H 66 20.94 29.70 -14.79
N VAL H 67 21.15 30.77 -14.01
CA VAL H 67 22.51 31.19 -13.66
C VAL H 67 22.89 30.82 -12.24
N GLY H 68 21.94 30.44 -11.39
CA GLY H 68 22.35 30.05 -10.04
C GLY H 68 21.28 29.31 -9.28
N LEU H 69 21.61 29.01 -8.03
CA LEU H 69 20.74 28.28 -7.11
C LEU H 69 20.83 28.93 -5.74
N VAL H 70 19.69 29.39 -5.22
CA VAL H 70 19.62 30.02 -3.90
C VAL H 70 18.70 29.18 -3.03
N GLU H 71 19.16 28.84 -1.82
CA GLU H 71 18.37 28.01 -0.94
C GLU H 71 18.21 28.70 0.41
N LEU H 72 16.96 28.85 0.85
CA LEU H 72 16.65 29.25 2.21
C LEU H 72 16.19 27.99 2.94
N VAL H 73 17.11 27.34 3.62
CA VAL H 73 16.86 26.04 4.23
C VAL H 73 16.77 26.22 5.74
N GLU H 74 16.42 25.13 6.43
CA GLU H 74 16.28 25.11 7.89
C GLU H 74 15.41 26.27 8.37
N ILE H 75 14.34 26.54 7.63
CA ILE H 75 13.43 27.64 7.99
C ILE H 75 12.71 27.25 9.27
N ASP H 76 13.08 27.90 10.38
CA ASP H 76 12.42 27.69 11.66
C ASP H 76 11.34 28.75 11.81
N TYR H 77 10.09 28.32 11.95
CA TYR H 77 8.97 29.26 11.98
C TYR H 77 8.61 29.73 13.39
N ILE H 78 9.23 29.17 14.42
CA ILE H 78 9.09 29.68 15.78
C ILE H 78 10.23 30.62 16.14
N HIS H 79 11.47 30.19 15.88
CA HIS H 79 12.63 31.05 16.10
C HIS H 79 12.85 32.04 14.96
N ARG H 80 12.13 31.89 13.84
CA ARG H 80 12.15 32.87 12.75
C ARG H 80 13.56 33.07 12.20
N ARG H 81 14.23 31.95 11.90
CA ARG H 81 15.55 32.01 11.28
C ARG H 81 15.64 30.96 10.18
N THR H 82 16.51 31.22 9.21
CA THR H 82 16.74 30.30 8.11
C THR H 82 18.18 30.45 7.64
N GLU H 83 18.77 29.34 7.21
CA GLU H 83 20.11 29.37 6.63
C GLU H 83 20.03 29.73 5.16
N PHE H 84 20.84 30.71 4.74
CA PHE H 84 20.92 31.13 3.36
C PHE H 84 22.15 30.50 2.72
N GLN H 85 21.95 29.87 1.55
CA GLN H 85 23.03 29.30 0.77
C GLN H 85 22.86 29.76 -0.67
N ILE H 86 23.98 29.97 -1.36
CA ILE H 86 23.93 30.48 -2.73
C ILE H 86 25.04 29.84 -3.55
N ILE H 87 24.70 29.48 -4.78
CA ILE H 87 25.66 29.04 -5.79
C ILE H 87 25.40 29.85 -7.05
N ILE H 88 26.45 30.39 -7.64
CA ILE H 88 26.37 30.98 -8.97
C ILE H 88 27.17 30.07 -9.90
N ASP H 89 26.56 29.68 -11.01
CA ASP H 89 27.26 28.83 -11.96
C ASP H 89 28.54 29.52 -12.40
N PRO H 90 29.68 28.82 -12.42
CA PRO H 90 30.95 29.49 -12.73
C PRO H 90 30.96 30.19 -14.06
N ASN H 91 30.16 29.73 -15.03
CA ASN H 91 30.08 30.38 -16.32
C ASN H 91 29.36 31.72 -16.23
N TYR H 92 28.65 31.99 -15.14
CA TYR H 92 27.94 33.25 -14.95
C TYR H 92 28.50 34.06 -13.79
N GLN H 93 29.71 33.75 -13.34
CA GLN H 93 30.36 34.54 -12.30
C GLN H 93 31.00 35.76 -12.92
N GLY H 94 31.13 36.80 -12.10
CA GLY H 94 31.68 38.07 -12.55
C GLY H 94 30.66 39.07 -13.05
N TYR H 95 29.37 38.74 -12.99
CA TYR H 95 28.31 39.66 -13.38
C TYR H 95 27.61 40.28 -12.17
N GLY H 96 28.14 40.09 -10.97
CA GLY H 96 27.46 40.54 -9.78
C GLY H 96 26.18 39.77 -9.46
N TYR H 97 26.00 38.59 -10.08
CA TYR H 97 24.79 37.81 -9.83
C TYR H 97 24.72 37.34 -8.39
N ALA H 98 25.86 37.08 -7.76
CA ALA H 98 25.86 36.59 -6.38
C ALA H 98 25.24 37.62 -5.43
N VAL H 99 25.66 38.88 -5.53
CA VAL H 99 25.16 39.90 -4.62
C VAL H 99 23.68 40.19 -4.89
N ASP H 100 23.28 40.25 -6.17
CA ASP H 100 21.88 40.52 -6.49
C ASP H 100 20.98 39.39 -6.01
N ALA H 101 21.41 38.14 -6.20
CA ALA H 101 20.64 37.01 -5.72
C ALA H 101 20.61 36.98 -4.18
N THR H 102 21.71 37.37 -3.53
CA THR H 102 21.74 37.44 -2.09
C THR H 102 20.74 38.48 -1.57
N ARG H 103 20.68 39.64 -2.20
CA ARG H 103 19.71 40.64 -1.78
C ARG H 103 18.29 40.19 -2.06
N LEU H 104 18.05 39.51 -3.18
CA LEU H 104 16.70 39.00 -3.44
C LEU H 104 16.30 37.95 -2.40
N ALA H 105 17.22 37.07 -2.02
CA ALA H 105 16.91 36.07 -1.01
C ALA H 105 16.70 36.70 0.35
N MET H 106 17.48 37.74 0.69
CA MET H 106 17.27 38.45 1.94
C MET H 106 15.90 39.12 1.97
N ASP H 107 15.54 39.77 0.87
CA ASP H 107 14.20 40.38 0.78
C ASP H 107 13.12 39.33 0.91
N TYR H 108 13.35 38.15 0.34
CA TYR H 108 12.34 37.11 0.42
C TYR H 108 12.19 36.59 1.85
N ALA H 109 13.31 36.34 2.53
CA ALA H 109 13.23 35.81 3.89
C ALA H 109 12.70 36.83 4.87
N PHE H 110 13.08 38.10 4.72
CA PHE H 110 12.68 39.11 5.69
C PHE H 110 11.29 39.67 5.41
N SER H 111 10.96 39.88 4.13
CA SER H 111 9.72 40.56 3.75
C SER H 111 8.58 39.59 3.45
N VAL H 112 8.89 38.42 2.89
CA VAL H 112 7.85 37.46 2.54
C VAL H 112 7.70 36.43 3.65
N LEU H 113 8.78 35.74 3.98
CA LEU H 113 8.73 34.68 4.98
C LEU H 113 8.68 35.21 6.41
N ASN H 114 8.83 36.52 6.60
CA ASN H 114 8.76 37.14 7.93
C ASN H 114 9.78 36.54 8.89
N MET H 115 11.00 36.33 8.40
CA MET H 115 12.08 35.80 9.23
C MET H 115 12.68 36.90 10.06
N HIS H 116 13.00 36.58 11.32
CA HIS H 116 13.71 37.52 12.17
C HIS H 116 15.21 37.52 11.87
N LYS H 117 15.76 36.38 11.46
CA LYS H 117 17.19 36.22 11.30
C LYS H 117 17.49 35.40 10.06
N ILE H 118 18.53 35.81 9.35
CA ILE H 118 19.13 35.02 8.28
C ILE H 118 20.56 34.71 8.70
N TYR H 119 20.99 33.47 8.50
CA TYR H 119 22.37 33.13 8.77
C TYR H 119 22.92 32.33 7.60
N LEU H 120 24.22 32.49 7.37
CA LEU H 120 24.94 31.76 6.34
C LEU H 120 26.24 31.26 6.93
N VAL H 121 26.81 30.25 6.29
CA VAL H 121 28.06 29.63 6.73
C VAL H 121 28.98 29.53 5.53
N VAL H 122 30.13 30.18 5.62
CA VAL H 122 31.13 30.15 4.55
C VAL H 122 32.43 29.59 5.12
N ASP H 123 33.32 29.21 4.22
CA ASP H 123 34.63 28.73 4.65
C ASP H 123 35.49 29.86 5.18
N LYS H 124 36.32 29.55 6.18
CA LYS H 124 37.21 30.55 6.76
C LYS H 124 38.20 31.11 5.75
N GLU H 125 38.57 30.30 4.76
CA GLU H 125 39.46 30.79 3.71
C GLU H 125 38.80 31.88 2.87
N ASN H 126 37.48 31.84 2.72
CA ASN H 126 36.78 32.80 1.86
C ASN H 126 36.58 34.11 2.60
N GLU H 127 37.69 34.84 2.77
CA GLU H 127 37.62 36.16 3.39
C GLU H 127 36.96 37.16 2.44
N LYS H 128 37.08 36.93 1.14
CA LYS H 128 36.41 37.79 0.16
C LYS H 128 34.90 37.71 0.31
N ALA H 129 34.36 36.50 0.49
CA ALA H 129 32.92 36.38 0.69
C ALA H 129 32.50 37.01 2.00
N VAL H 130 33.31 36.89 3.05
CA VAL H 130 33.00 37.54 4.32
C VAL H 130 32.95 39.05 4.14
N HIS H 131 33.89 39.60 3.37
CA HIS H 131 33.90 41.04 3.11
C HIS H 131 32.66 41.45 2.32
N VAL H 132 32.30 40.66 1.31
CA VAL H 132 31.13 40.97 0.49
C VAL H 132 29.85 40.92 1.33
N TYR H 133 29.71 39.88 2.16
CA TYR H 133 28.51 39.75 2.99
C TYR H 133 28.45 40.85 4.05
N LYS H 134 29.60 41.30 4.53
CA LYS H 134 29.61 42.46 5.42
C LYS H 134 29.21 43.72 4.68
N LYS H 135 29.56 43.81 3.39
CA LYS H 135 29.08 44.92 2.58
C LYS H 135 27.57 44.87 2.40
N VAL H 136 27.01 43.68 2.26
CA VAL H 136 25.56 43.62 2.08
C VAL H 136 24.81 43.78 3.41
N GLY H 137 25.50 43.58 4.54
CA GLY H 137 24.89 43.85 5.83
C GLY H 137 25.05 42.74 6.84
N PHE H 138 25.59 41.61 6.42
CA PHE H 138 25.80 40.49 7.33
C PHE H 138 26.93 40.81 8.30
N MET H 139 26.78 40.39 9.54
CA MET H 139 27.80 40.54 10.56
C MET H 139 28.41 39.18 10.86
N VAL H 140 29.74 39.14 11.04
CA VAL H 140 30.38 37.92 11.46
C VAL H 140 29.84 37.52 12.82
N GLU H 141 29.13 36.40 12.88
CA GLU H 141 28.48 35.97 14.11
C GLU H 141 29.37 35.05 14.93
N GLY H 142 30.08 34.13 14.28
CA GLY H 142 30.94 33.23 15.02
C GLY H 142 31.78 32.39 14.10
N GLU H 143 32.65 31.58 14.70
CA GLU H 143 33.53 30.68 13.97
C GLU H 143 33.33 29.26 14.47
N LEU H 144 33.13 28.34 13.55
CA LEU H 144 32.97 26.93 13.85
C LEU H 144 34.28 26.21 13.57
N ILE H 145 34.87 25.64 14.62
CA ILE H 145 36.21 25.06 14.52
C ILE H 145 36.09 23.62 13.99
N ASP H 146 36.83 23.34 12.92
CA ASP H 146 36.88 22.00 12.33
C ASP H 146 35.48 21.46 12.05
N GLU H 147 34.59 22.36 11.61
CA GLU H 147 33.19 21.99 11.46
C GLU H 147 32.96 21.06 10.27
N PHE H 148 33.72 21.25 9.19
CA PHE H 148 33.47 20.53 7.95
C PHE H 148 34.76 19.90 7.44
N PHE H 149 34.67 18.63 7.04
CA PHE H 149 35.78 17.94 6.40
C PHE H 149 35.74 18.24 4.90
N VAL H 150 36.69 19.04 4.41
CA VAL H 150 36.74 19.44 3.02
C VAL H 150 38.10 19.01 2.46
N ASP H 151 38.06 18.28 1.35
CA ASP H 151 39.24 17.85 0.59
C ASP H 151 40.38 17.43 1.52
N GLY H 152 40.07 16.53 2.44
CA GLY H 152 41.08 15.90 3.27
C GLY H 152 41.48 16.64 4.53
N ASN H 153 40.92 17.81 4.80
CA ASN H 153 41.29 18.56 5.99
C ASN H 153 40.04 19.15 6.64
N TYR H 154 40.11 19.31 7.96
CA TYR H 154 39.04 19.96 8.70
C TYR H 154 39.18 21.46 8.56
N HIS H 155 38.17 22.11 7.98
CA HIS H 155 38.16 23.54 7.75
C HIS H 155 37.30 24.22 8.80
N ASN H 156 37.76 25.37 9.30
CA ASN H 156 36.90 26.20 10.10
C ASN H 156 35.93 26.97 9.19
N ALA H 157 34.83 27.39 9.77
CA ALA H 157 33.81 28.11 9.02
C ALA H 157 33.46 29.40 9.74
N ILE H 158 33.09 30.41 8.97
CA ILE H 158 32.56 31.66 9.51
C ILE H 158 31.05 31.62 9.32
N ARG H 159 30.32 31.67 10.43
CA ARG H 159 28.88 31.81 10.42
C ARG H 159 28.55 33.29 10.59
N MET H 160 27.83 33.84 9.62
CA MET H 160 27.44 35.24 9.61
C MET H 160 25.93 35.34 9.69
N CYS H 161 25.44 36.45 10.24
CA CYS H 161 24.02 36.61 10.45
C CYS H 161 23.59 38.04 10.12
N MET H 162 22.32 38.18 9.76
CA MET H 162 21.68 39.46 9.50
C MET H 162 20.28 39.39 10.10
N PHE H 163 19.75 40.55 10.49
CA PHE H 163 18.48 40.59 11.19
C PHE H 163 17.47 41.47 10.47
N GLN H 164 16.19 41.25 10.83
CA GLN H 164 15.08 41.86 10.11
C GLN H 164 15.02 43.37 10.34
N LYS H 165 15.27 43.82 11.57
CA LYS H 165 15.16 45.24 11.87
C LYS H 165 16.24 46.03 11.14
N GLN H 166 17.48 45.55 11.17
CA GLN H 166 18.56 46.23 10.46
C GLN H 166 18.33 46.19 8.95
N TYR H 167 17.71 45.13 8.44
CA TYR H 167 17.42 45.07 7.02
C TYR H 167 16.35 46.09 6.63
N PHE H 168 15.28 46.19 7.42
CA PHE H 168 14.23 47.15 7.10
C PHE H 168 14.68 48.58 7.29
N GLU H 169 15.61 48.82 8.22
CA GLU H 169 16.14 50.18 8.39
C GLU H 169 17.03 50.58 7.21
N ASN H 170 17.73 49.62 6.61
CA ASN H 170 18.57 49.90 5.46
C ASN H 170 17.98 49.33 4.17
N GLU I 4 -28.35 4.45 -37.98
CA GLU I 4 -29.35 4.17 -36.96
C GLU I 4 -28.83 4.49 -35.57
N LEU I 5 -29.65 5.19 -34.79
CA LEU I 5 -29.29 5.54 -33.42
C LEU I 5 -29.06 4.29 -32.59
N LYS I 6 -27.97 4.29 -31.82
CA LYS I 6 -27.60 3.15 -30.99
C LYS I 6 -27.10 3.64 -29.64
N LEU I 7 -27.11 2.74 -28.67
CA LEU I 7 -26.47 2.94 -27.38
C LEU I 7 -25.22 2.08 -27.31
N ARG I 8 -24.12 2.66 -26.86
CA ARG I 8 -22.91 1.90 -26.60
C ARG I 8 -22.39 2.28 -25.22
N PRO I 9 -21.50 1.48 -24.63
CA PRO I 9 -20.97 1.84 -23.31
C PRO I 9 -20.21 3.16 -23.36
N LEU I 10 -20.38 3.96 -22.31
CA LEU I 10 -19.59 5.17 -22.16
C LEU I 10 -18.15 4.79 -21.88
N GLU I 11 -17.27 5.01 -22.85
CA GLU I 11 -15.87 4.64 -22.70
C GLU I 11 -15.09 5.81 -22.10
N ARG I 12 -13.94 5.47 -21.52
CA ARG I 12 -13.07 6.50 -20.95
C ARG I 12 -12.66 7.52 -22.01
N GLU I 13 -12.33 7.05 -23.21
CA GLU I 13 -11.93 7.95 -24.30
C GLU I 13 -13.02 8.93 -24.68
N ASP I 14 -14.28 8.65 -24.32
CA ASP I 14 -15.38 9.56 -24.62
C ASP I 14 -15.54 10.66 -23.59
N LEU I 15 -14.81 10.61 -22.47
CA LEU I 15 -15.14 11.46 -21.33
C LEU I 15 -15.07 12.93 -21.68
N LYS I 16 -14.16 13.33 -22.58
CA LYS I 16 -14.08 14.73 -22.99
C LYS I 16 -15.44 15.23 -23.46
N PHE I 17 -16.11 14.46 -24.30
CA PHE I 17 -17.47 14.80 -24.70
C PHE I 17 -18.35 15.01 -23.48
N VAL I 18 -18.41 14.01 -22.60
CA VAL I 18 -19.17 14.13 -21.36
C VAL I 18 -18.72 15.37 -20.59
N HIS I 19 -17.40 15.62 -20.58
CA HIS I 19 -16.89 16.81 -19.90
C HIS I 19 -17.60 18.05 -20.40
N GLU I 20 -17.67 18.22 -21.72
CA GLU I 20 -18.32 19.40 -22.28
C GLU I 20 -19.78 19.44 -21.88
N LEU I 21 -20.43 18.28 -21.79
CA LEU I 21 -21.81 18.25 -21.34
C LEU I 21 -21.92 18.56 -19.85
N ASN I 22 -20.95 18.13 -19.05
CA ASN I 22 -21.05 18.25 -17.61
C ASN I 22 -20.76 19.66 -17.10
N ASN I 23 -20.25 20.54 -17.95
CA ASN I 23 -19.97 21.93 -17.58
C ASN I 23 -20.88 22.91 -18.30
N ASN I 24 -21.89 22.41 -19.02
CA ASN I 24 -22.91 23.25 -19.63
C ASN I 24 -24.03 23.45 -18.60
N ALA I 25 -24.18 24.69 -18.13
CA ALA I 25 -25.17 24.97 -17.10
C ALA I 25 -26.58 24.66 -17.59
N HIS I 26 -26.90 25.03 -18.83
CA HIS I 26 -28.21 24.76 -19.37
C HIS I 26 -28.47 23.26 -19.44
N ILE I 27 -27.49 22.49 -19.92
CA ILE I 27 -27.64 21.04 -19.98
C ILE I 27 -27.73 20.47 -18.57
N MET I 28 -26.84 20.89 -17.68
CA MET I 28 -26.84 20.43 -16.28
C MET I 28 -27.95 21.04 -15.45
N SER I 29 -28.92 21.72 -16.06
CA SER I 29 -30.16 22.09 -15.39
C SER I 29 -31.26 21.06 -15.61
N TYR I 30 -31.24 20.39 -16.76
CA TYR I 30 -32.20 19.32 -17.05
C TYR I 30 -32.07 18.20 -16.03
N TRP I 31 -30.88 17.61 -15.94
CA TRP I 31 -30.46 16.95 -14.72
C TRP I 31 -30.17 18.00 -13.66
N PHE I 32 -30.41 17.66 -12.41
CA PHE I 32 -30.25 18.62 -11.33
C PHE I 32 -28.88 18.48 -10.70
N GLU I 33 -27.88 18.74 -11.53
CA GLU I 33 -26.48 18.56 -11.20
C GLU I 33 -25.78 19.91 -11.21
N GLU I 34 -24.86 20.11 -10.27
CA GLU I 34 -24.02 21.30 -10.30
C GLU I 34 -23.15 21.29 -11.55
N PRO I 35 -23.17 22.36 -12.36
CA PRO I 35 -22.41 22.39 -13.62
C PRO I 35 -20.92 22.68 -13.44
N TYR I 36 -20.28 21.88 -12.57
CA TYR I 36 -18.84 21.98 -12.36
C TYR I 36 -18.27 20.57 -12.30
N GLU I 37 -17.29 20.29 -13.15
CA GLU I 37 -16.54 19.04 -13.05
C GLU I 37 -15.24 19.22 -13.82
N ALA I 38 -14.12 19.27 -13.10
CA ALA I 38 -12.82 19.22 -13.77
C ALA I 38 -12.70 17.91 -14.52
N PHE I 39 -11.94 17.95 -15.63
CA PHE I 39 -11.82 16.76 -16.46
C PHE I 39 -11.20 15.60 -15.70
N VAL I 40 -10.18 15.87 -14.89
CA VAL I 40 -9.57 14.81 -14.11
C VAL I 40 -10.53 14.30 -13.04
N GLU I 41 -11.42 15.16 -12.53
CA GLU I 41 -12.42 14.72 -11.57
C GLU I 41 -13.40 13.75 -12.23
N LEU I 42 -13.90 14.10 -13.42
CA LEU I 42 -14.80 13.21 -14.15
C LEU I 42 -14.11 11.90 -14.49
N GLN I 43 -12.84 11.98 -14.94
CA GLN I 43 -12.07 10.78 -15.25
C GLN I 43 -11.94 9.87 -14.04
N ASP I 44 -11.61 10.46 -12.89
CA ASP I 44 -11.41 9.68 -11.67
C ASP I 44 -12.72 9.07 -11.16
N LEU I 45 -13.83 9.81 -11.27
CA LEU I 45 -15.13 9.23 -10.90
C LEU I 45 -15.53 8.10 -11.83
N TYR I 46 -15.26 8.25 -13.13
CA TYR I 46 -15.50 7.17 -14.07
C TYR I 46 -14.68 5.93 -13.70
N ASP I 47 -13.41 6.13 -13.34
CA ASP I 47 -12.57 5.01 -12.90
C ASP I 47 -13.12 4.37 -11.63
N LYS I 48 -13.65 5.21 -10.71
CA LYS I 48 -14.23 4.71 -9.47
C LYS I 48 -15.45 3.84 -9.73
N HIS I 49 -16.19 4.13 -10.80
CA HIS I 49 -17.42 3.39 -11.08
C HIS I 49 -17.30 2.44 -12.26
N ILE I 50 -16.06 2.10 -12.66
CA ILE I 50 -15.86 1.16 -13.75
C ILE I 50 -16.57 -0.16 -13.46
N HIS I 51 -16.39 -0.68 -12.25
CA HIS I 51 -16.98 -1.96 -11.85
C HIS I 51 -18.19 -1.78 -10.95
N ASP I 52 -18.77 -0.58 -10.92
CA ASP I 52 -20.01 -0.33 -10.21
C ASP I 52 -21.17 -0.85 -11.05
N GLN I 53 -21.80 -1.95 -10.60
CA GLN I 53 -22.89 -2.54 -11.36
C GLN I 53 -24.21 -1.81 -11.15
N SER I 54 -24.27 -0.87 -10.23
CA SER I 54 -25.45 -0.02 -10.06
C SER I 54 -25.63 0.98 -11.19
N GLU I 55 -24.70 1.02 -12.15
CA GLU I 55 -24.68 2.04 -13.19
C GLU I 55 -24.58 1.41 -14.57
N ARG I 56 -25.22 2.05 -15.54
CA ARG I 56 -25.02 1.75 -16.97
C ARG I 56 -24.93 3.09 -17.69
N ARG I 57 -23.72 3.48 -18.06
CA ARG I 57 -23.47 4.74 -18.75
C ARG I 57 -23.31 4.46 -20.24
N PHE I 58 -24.09 5.17 -21.06
CA PHE I 58 -24.21 4.92 -22.48
C PHE I 58 -23.86 6.19 -23.25
N ILE I 59 -23.03 6.06 -24.27
CA ILE I 59 -22.95 7.06 -25.32
C ILE I 59 -24.07 6.76 -26.31
N VAL I 60 -24.95 7.74 -26.52
CA VAL I 60 -25.94 7.72 -27.60
C VAL I 60 -25.21 8.12 -28.87
N GLU I 61 -25.07 7.17 -29.80
CA GLU I 61 -24.27 7.34 -31.01
C GLU I 61 -25.17 7.25 -32.23
N LYS I 62 -24.97 8.19 -33.15
CA LYS I 62 -25.67 8.19 -34.43
C LYS I 62 -24.64 8.43 -35.53
N ASP I 63 -24.52 7.47 -36.45
CA ASP I 63 -23.56 7.55 -37.55
C ASP I 63 -22.13 7.73 -37.02
N ASN I 64 -21.76 6.88 -36.07
CA ASN I 64 -20.42 6.85 -35.49
C ASN I 64 -20.04 8.19 -34.85
N GLU I 65 -21.02 8.94 -34.38
CA GLU I 65 -20.79 10.24 -33.75
C GLU I 65 -21.55 10.30 -32.43
N MET I 66 -20.91 10.84 -31.40
CA MET I 66 -21.49 10.92 -30.07
C MET I 66 -22.52 12.05 -30.02
N VAL I 67 -23.80 11.68 -30.02
CA VAL I 67 -24.87 12.66 -29.98
C VAL I 67 -25.51 12.80 -28.60
N GLY I 68 -25.27 11.86 -27.68
CA GLY I 68 -25.88 12.03 -26.37
C GLY I 68 -25.28 11.13 -25.32
N LEU I 69 -25.86 11.21 -24.12
CA LEU I 69 -25.45 10.44 -22.97
C LEU I 69 -26.70 9.94 -22.25
N VAL I 70 -26.83 8.61 -22.12
CA VAL I 70 -27.96 7.99 -21.43
C VAL I 70 -27.43 7.20 -20.24
N GLU I 71 -28.02 7.42 -19.08
CA GLU I 71 -27.56 6.75 -17.87
C GLU I 71 -28.71 6.03 -17.19
N LEU I 72 -28.51 4.74 -16.93
CA LEU I 72 -29.38 3.95 -16.06
C LEU I 72 -28.65 3.80 -14.74
N VAL I 73 -28.96 4.69 -13.79
CA VAL I 73 -28.24 4.75 -12.53
C VAL I 73 -29.11 4.22 -11.40
N GLU I 74 -28.55 4.12 -10.20
CA GLU I 74 -29.27 3.64 -9.02
C GLU I 74 -29.98 2.33 -9.31
N ILE I 75 -29.31 1.45 -10.05
CA ILE I 75 -29.88 0.16 -10.44
C ILE I 75 -30.00 -0.70 -9.18
N ASP I 76 -31.22 -0.88 -8.70
CA ASP I 76 -31.50 -1.75 -7.56
C ASP I 76 -31.89 -3.12 -8.09
N TYR I 77 -31.14 -4.15 -7.71
CA TYR I 77 -31.35 -5.48 -8.25
C TYR I 77 -32.30 -6.32 -7.43
N ILE I 78 -32.73 -5.85 -6.26
CA ILE I 78 -33.77 -6.50 -5.47
C ILE I 78 -35.13 -5.86 -5.75
N HIS I 79 -35.21 -4.53 -5.69
CA HIS I 79 -36.43 -3.84 -6.02
C HIS I 79 -36.62 -3.66 -7.52
N ARG I 80 -35.60 -3.96 -8.32
CA ARG I 80 -35.71 -3.98 -9.77
C ARG I 80 -36.20 -2.65 -10.35
N ARG I 81 -35.56 -1.56 -9.92
CA ARG I 81 -35.85 -0.24 -10.46
C ARG I 81 -34.54 0.51 -10.69
N THR I 82 -34.58 1.44 -11.65
CA THR I 82 -33.40 2.23 -11.98
C THR I 82 -33.85 3.61 -12.44
N GLU I 83 -33.03 4.61 -12.13
CA GLU I 83 -33.30 5.96 -12.59
C GLU I 83 -32.75 6.14 -13.99
N PHE I 84 -33.59 6.64 -14.89
CA PHE I 84 -33.20 6.93 -16.26
C PHE I 84 -32.91 8.41 -16.41
N GLN I 85 -31.76 8.72 -16.99
CA GLN I 85 -31.36 10.10 -17.28
C GLN I 85 -30.86 10.16 -18.72
N ILE I 86 -31.13 11.27 -19.39
CA ILE I 86 -30.74 11.42 -20.78
C ILE I 86 -30.32 12.85 -21.05
N ILE I 87 -29.26 13.01 -21.83
CA ILE I 87 -28.82 14.29 -22.37
C ILE I 87 -28.61 14.11 -23.87
N ILE I 88 -29.15 15.04 -24.65
CA ILE I 88 -28.85 15.13 -26.07
C ILE I 88 -28.03 16.39 -26.29
N ASP I 89 -26.91 16.25 -26.99
CA ASP I 89 -26.06 17.39 -27.29
C ASP I 89 -26.88 18.44 -28.04
N PRO I 90 -26.79 19.72 -27.66
CA PRO I 90 -27.58 20.75 -28.35
C PRO I 90 -27.32 20.78 -29.84
N ASN I 91 -26.14 20.34 -30.28
CA ASN I 91 -25.85 20.28 -31.70
C ASN I 91 -26.66 19.21 -32.42
N TYR I 92 -27.24 18.26 -31.68
CA TYR I 92 -28.01 17.18 -32.28
C TYR I 92 -29.47 17.16 -31.84
N GLN I 93 -29.98 18.27 -31.32
CA GLN I 93 -31.39 18.32 -30.98
C GLN I 93 -32.23 18.62 -32.22
N GLY I 94 -33.48 18.16 -32.20
CA GLY I 94 -34.36 18.30 -33.33
C GLY I 94 -34.33 17.14 -34.29
N TYR I 95 -33.55 16.09 -34.01
CA TYR I 95 -33.47 14.90 -34.85
C TYR I 95 -34.26 13.74 -34.26
N GLY I 96 -35.04 13.97 -33.21
CA GLY I 96 -35.73 12.89 -32.53
C GLY I 96 -34.80 11.95 -31.78
N TYR I 97 -33.56 12.36 -31.53
CA TYR I 97 -32.61 11.51 -30.84
C TYR I 97 -33.05 11.22 -29.41
N ALA I 98 -33.73 12.17 -28.77
CA ALA I 98 -34.16 11.98 -27.39
C ALA I 98 -35.12 10.80 -27.27
N VAL I 99 -36.13 10.74 -28.14
CA VAL I 99 -37.13 9.68 -28.04
C VAL I 99 -36.51 8.31 -28.37
N ASP I 100 -35.67 8.27 -29.40
CA ASP I 100 -35.05 7.00 -29.79
C ASP I 100 -34.09 6.50 -28.70
N ALA I 101 -33.31 7.40 -28.12
CA ALA I 101 -32.41 7.00 -27.03
C ALA I 101 -33.19 6.58 -25.80
N THR I 102 -34.31 7.26 -25.51
CA THR I 102 -35.15 6.85 -24.38
C THR I 102 -35.71 5.45 -24.60
N ARG I 103 -36.17 5.16 -25.82
CA ARG I 103 -36.70 3.85 -26.14
C ARG I 103 -35.62 2.77 -26.07
N LEU I 104 -34.41 3.08 -26.54
CA LEU I 104 -33.32 2.12 -26.42
C LEU I 104 -32.97 1.84 -24.96
N ALA I 105 -32.94 2.89 -24.13
CA ALA I 105 -32.64 2.70 -22.72
C ALA I 105 -33.74 1.94 -22.01
N MET I 106 -35.01 2.19 -22.37
CA MET I 106 -36.11 1.44 -21.79
C MET I 106 -36.01 -0.03 -22.16
N ASP I 107 -35.73 -0.31 -23.44
CA ASP I 107 -35.56 -1.70 -23.85
C ASP I 107 -34.39 -2.35 -23.13
N TYR I 108 -33.32 -1.59 -22.89
CA TYR I 108 -32.17 -2.17 -22.21
C TYR I 108 -32.50 -2.50 -20.75
N ALA I 109 -33.18 -1.57 -20.05
CA ALA I 109 -33.47 -1.81 -18.65
C ALA I 109 -34.51 -2.91 -18.47
N PHE I 110 -35.51 -2.96 -19.35
CA PHE I 110 -36.59 -3.93 -19.16
C PHE I 110 -36.22 -5.30 -19.72
N SER I 111 -35.56 -5.36 -20.87
CA SER I 111 -35.29 -6.60 -21.56
C SER I 111 -33.92 -7.20 -21.22
N VAL I 112 -32.92 -6.36 -20.99
CA VAL I 112 -31.57 -6.85 -20.70
C VAL I 112 -31.37 -6.92 -19.18
N LEU I 113 -31.57 -5.79 -18.51
CA LEU I 113 -31.36 -5.74 -17.07
C LEU I 113 -32.50 -6.38 -16.27
N ASN I 114 -33.58 -6.78 -16.92
CA ASN I 114 -34.72 -7.44 -16.25
C ASN I 114 -35.27 -6.55 -15.14
N MET I 115 -35.39 -5.26 -15.41
CA MET I 115 -35.88 -4.32 -14.41
C MET I 115 -37.40 -4.33 -14.38
N HIS I 116 -37.95 -4.24 -13.17
CA HIS I 116 -39.40 -4.11 -13.01
C HIS I 116 -39.88 -2.69 -13.26
N LYS I 117 -39.05 -1.69 -12.93
CA LYS I 117 -39.48 -0.30 -12.96
C LYS I 117 -38.36 0.58 -13.48
N ILE I 118 -38.72 1.56 -14.29
CA ILE I 118 -37.84 2.67 -14.65
C ILE I 118 -38.47 3.94 -14.13
N TYR I 119 -37.65 4.80 -13.54
CA TYR I 119 -38.13 6.10 -13.10
C TYR I 119 -37.16 7.19 -13.53
N LEU I 120 -37.70 8.37 -13.77
CA LEU I 120 -36.91 9.54 -14.12
C LEU I 120 -37.46 10.73 -13.33
N VAL I 121 -36.62 11.76 -13.22
CA VAL I 121 -36.98 12.97 -12.50
C VAL I 121 -36.63 14.15 -13.39
N VAL I 122 -37.66 14.92 -13.78
CA VAL I 122 -37.44 16.11 -14.59
C VAL I 122 -38.02 17.34 -13.90
N ASP I 123 -37.61 18.51 -14.37
CA ASP I 123 -38.15 19.75 -13.84
C ASP I 123 -39.59 19.93 -14.30
N LYS I 124 -40.42 20.48 -13.41
CA LYS I 124 -41.82 20.72 -13.78
C LYS I 124 -41.92 21.76 -14.88
N GLU I 125 -40.97 22.70 -14.94
CA GLU I 125 -40.96 23.68 -16.02
C GLU I 125 -40.73 23.01 -17.37
N ASN I 126 -40.00 21.90 -17.39
CA ASN I 126 -39.64 21.22 -18.63
C ASN I 126 -40.83 20.39 -19.13
N GLU I 127 -41.83 21.10 -19.66
CA GLU I 127 -43.01 20.44 -20.18
C GLU I 127 -42.69 19.64 -21.45
N LYS I 128 -41.69 20.07 -22.22
CA LYS I 128 -41.31 19.33 -23.43
C LYS I 128 -40.78 17.94 -23.08
N ALA I 129 -39.89 17.86 -22.07
CA ALA I 129 -39.38 16.55 -21.65
C ALA I 129 -40.48 15.70 -21.06
N VAL I 130 -41.40 16.32 -20.30
CA VAL I 130 -42.52 15.58 -19.74
C VAL I 130 -43.38 15.00 -20.85
N HIS I 131 -43.62 15.79 -21.91
CA HIS I 131 -44.38 15.31 -23.05
C HIS I 131 -43.67 14.16 -23.75
N VAL I 132 -42.35 14.29 -23.92
CA VAL I 132 -41.59 13.23 -24.59
C VAL I 132 -41.67 11.94 -23.79
N TYR I 133 -41.50 12.03 -22.48
CA TYR I 133 -41.56 10.83 -21.65
C TYR I 133 -42.96 10.24 -21.60
N LYS I 134 -43.99 11.08 -21.67
CA LYS I 134 -45.35 10.57 -21.77
C LYS I 134 -45.59 9.90 -23.12
N LYS I 135 -44.94 10.40 -24.17
CA LYS I 135 -45.08 9.79 -25.50
C LYS I 135 -44.50 8.38 -25.53
N VAL I 136 -43.39 8.14 -24.83
CA VAL I 136 -42.79 6.81 -24.84
C VAL I 136 -43.47 5.84 -23.87
N GLY I 137 -44.27 6.32 -22.91
CA GLY I 137 -45.00 5.41 -22.06
C GLY I 137 -44.90 5.70 -20.57
N PHE I 138 -44.10 6.69 -20.20
CA PHE I 138 -43.95 7.03 -18.79
C PHE I 138 -45.21 7.67 -18.24
N MET I 139 -45.53 7.33 -17.00
CA MET I 139 -46.67 7.89 -16.27
C MET I 139 -46.15 8.84 -15.20
N VAL I 140 -46.84 9.97 -15.01
CA VAL I 140 -46.49 10.85 -13.91
C VAL I 140 -46.71 10.10 -12.61
N GLU I 141 -45.62 9.87 -11.87
CA GLU I 141 -45.69 9.10 -10.63
C GLU I 141 -45.89 10.00 -9.42
N GLY I 142 -45.22 11.14 -9.40
CA GLY I 142 -45.37 12.02 -8.25
C GLY I 142 -44.69 13.36 -8.47
N GLU I 143 -44.84 14.23 -7.49
CA GLU I 143 -44.25 15.55 -7.49
C GLU I 143 -43.39 15.74 -6.25
N LEU I 144 -42.15 16.18 -6.46
CA LEU I 144 -41.24 16.47 -5.36
C LEU I 144 -41.16 17.99 -5.20
N ILE I 145 -41.61 18.47 -4.05
CA ILE I 145 -41.75 19.91 -3.82
C ILE I 145 -40.42 20.51 -3.38
N ASP I 146 -39.99 21.57 -4.07
CA ASP I 146 -38.74 22.28 -3.75
C ASP I 146 -37.58 21.29 -3.68
N GLU I 147 -37.59 20.31 -4.58
CA GLU I 147 -36.62 19.23 -4.49
C GLU I 147 -35.21 19.68 -4.87
N PHE I 148 -35.08 20.60 -5.84
CA PHE I 148 -33.75 20.94 -6.32
C PHE I 148 -33.55 22.45 -6.35
N PHE I 149 -32.42 22.92 -5.86
CA PHE I 149 -32.07 24.34 -5.95
C PHE I 149 -31.38 24.59 -7.28
N VAL I 150 -32.08 25.27 -8.19
CA VAL I 150 -31.58 25.57 -9.52
C VAL I 150 -31.64 27.07 -9.74
N ASP I 151 -30.53 27.65 -10.18
CA ASP I 151 -30.41 29.07 -10.53
C ASP I 151 -31.14 29.97 -9.53
N GLY I 152 -30.83 29.79 -8.25
CA GLY I 152 -31.31 30.70 -7.24
C GLY I 152 -32.69 30.42 -6.72
N ASN I 153 -33.38 29.40 -7.21
CA ASN I 153 -34.75 29.13 -6.77
C ASN I 153 -34.92 27.64 -6.53
N TYR I 154 -35.80 27.32 -5.58
CA TYR I 154 -36.18 25.93 -5.33
C TYR I 154 -37.22 25.49 -6.35
N HIS I 155 -36.87 24.50 -7.16
CA HIS I 155 -37.74 23.96 -8.18
C HIS I 155 -38.29 22.62 -7.72
N ASN I 156 -39.58 22.41 -8.00
CA ASN I 156 -40.24 21.12 -7.89
C ASN I 156 -39.87 20.25 -9.09
N ALA I 157 -40.02 18.96 -8.90
CA ALA I 157 -39.70 17.99 -9.94
C ALA I 157 -40.88 17.03 -10.13
N ILE I 158 -41.02 16.53 -11.35
CA ILE I 158 -41.96 15.48 -11.68
C ILE I 158 -41.18 14.18 -11.78
N ARG I 159 -41.54 13.22 -10.93
CA ARG I 159 -41.00 11.87 -10.99
C ARG I 159 -41.97 11.03 -11.81
N MET I 160 -41.47 10.45 -12.90
CA MET I 160 -42.27 9.62 -13.79
C MET I 160 -41.73 8.19 -13.77
N CYS I 161 -42.62 7.23 -14.01
CA CYS I 161 -42.22 5.83 -13.95
C CYS I 161 -42.92 5.04 -15.04
N MET I 162 -42.29 3.92 -15.40
CA MET I 162 -42.84 2.93 -16.30
C MET I 162 -42.50 1.55 -15.77
N PHE I 163 -43.32 0.56 -16.13
CA PHE I 163 -43.14 -0.78 -15.60
C PHE I 163 -42.94 -1.78 -16.73
N GLN I 164 -42.40 -2.94 -16.36
CA GLN I 164 -41.95 -3.92 -17.35
C GLN I 164 -43.13 -4.54 -18.08
N LYS I 165 -44.21 -4.86 -17.38
CA LYS I 165 -45.36 -5.50 -18.02
C LYS I 165 -46.01 -4.57 -19.03
N GLN I 166 -46.24 -3.31 -18.64
CA GLN I 166 -46.85 -2.35 -19.56
C GLN I 166 -45.92 -2.05 -20.74
N TYR I 167 -44.60 -2.11 -20.52
CA TYR I 167 -43.67 -1.91 -21.62
C TYR I 167 -43.71 -3.08 -22.60
N PHE I 168 -43.72 -4.31 -22.09
CA PHE I 168 -43.74 -5.47 -22.98
C PHE I 168 -45.08 -5.60 -23.70
N GLU I 169 -46.16 -5.10 -23.10
CA GLU I 169 -47.44 -5.13 -23.79
C GLU I 169 -47.45 -4.18 -24.99
N ASN I 170 -46.73 -3.08 -24.92
CA ASN I 170 -46.63 -2.14 -26.03
C ASN I 170 -45.26 -2.17 -26.69
N GLU J 4 23.93 -31.77 27.15
CA GLU J 4 23.48 -31.49 25.79
C GLU J 4 23.49 -30.00 25.53
N LEU J 5 24.65 -29.44 25.23
CA LEU J 5 24.65 -28.09 24.70
C LEU J 5 24.02 -28.16 23.32
N LYS J 6 23.10 -27.25 23.03
CA LYS J 6 22.42 -27.32 21.74
C LYS J 6 22.30 -25.94 21.12
N LEU J 7 22.10 -25.94 19.82
CA LEU J 7 21.74 -24.74 19.07
C LEU J 7 20.30 -24.85 18.64
N ARG J 8 19.54 -23.79 18.84
CA ARG J 8 18.17 -23.72 18.34
C ARG J 8 18.01 -22.40 17.61
N PRO J 9 16.97 -22.26 16.77
CA PRO J 9 16.80 -21.00 16.07
C PRO J 9 16.57 -19.85 17.04
N LEU J 10 17.16 -18.70 16.73
CA LEU J 10 16.89 -17.49 17.50
C LEU J 10 15.47 -17.05 17.23
N GLU J 11 14.61 -17.20 18.22
CA GLU J 11 13.20 -16.87 18.08
C GLU J 11 12.97 -15.42 18.47
N ARG J 12 11.85 -14.87 17.99
CA ARG J 12 11.49 -13.50 18.35
C ARG J 12 11.37 -13.35 19.85
N GLU J 13 10.77 -14.34 20.52
CA GLU J 13 10.60 -14.29 21.97
C GLU J 13 11.93 -14.21 22.71
N ASP J 14 13.03 -14.62 22.06
CA ASP J 14 14.34 -14.58 22.69
C ASP J 14 15.01 -13.22 22.57
N LEU J 15 14.46 -12.30 21.78
CA LEU J 15 15.21 -11.11 21.41
C LEU J 15 15.63 -10.29 22.62
N LYS J 16 14.81 -10.28 23.68
CA LYS J 16 15.18 -9.55 24.90
C LYS J 16 16.56 -9.97 25.38
N PHE J 17 16.79 -11.29 25.46
CA PHE J 17 18.12 -11.80 25.79
C PHE J 17 19.17 -11.18 24.88
N VAL J 18 18.98 -11.32 23.57
CA VAL J 18 19.91 -10.73 22.60
C VAL J 18 20.07 -9.24 22.87
N HIS J 19 18.97 -8.57 23.21
CA HIS J 19 19.01 -7.14 23.50
C HIS J 19 20.06 -6.83 24.55
N GLU J 20 20.03 -7.55 25.68
CA GLU J 20 21.01 -7.29 26.73
C GLU J 20 22.43 -7.55 26.25
N LEU J 21 22.61 -8.55 25.39
CA LEU J 21 23.93 -8.79 24.83
C LEU J 21 24.31 -7.68 23.86
N ASN J 22 23.33 -7.13 23.15
CA ASN J 22 23.64 -6.17 22.10
C ASN J 22 23.97 -4.79 22.66
N ASN J 23 23.71 -4.54 23.94
CA ASN J 23 24.00 -3.26 24.57
C ASN J 23 25.08 -3.37 25.64
N ASN J 24 25.74 -4.52 25.75
CA ASN J 24 26.89 -4.68 26.64
C ASN J 24 28.13 -4.30 25.85
N ALA J 25 28.79 -3.22 26.27
CA ALA J 25 29.95 -2.73 25.52
C ALA J 25 31.07 -3.76 25.49
N HIS J 26 31.30 -4.44 26.62
CA HIS J 26 32.34 -5.47 26.67
C HIS J 26 32.02 -6.64 25.74
N ILE J 27 30.76 -7.11 25.76
CA ILE J 27 30.36 -8.21 24.90
C ILE J 27 30.46 -7.81 23.44
N MET J 28 29.95 -6.63 23.11
CA MET J 28 30.03 -6.08 21.75
C MET J 28 31.33 -5.56 21.39
N SER J 29 32.37 -5.90 22.15
CA SER J 29 33.74 -5.65 21.72
C SER J 29 34.35 -6.88 21.04
N TYR J 30 33.94 -8.09 21.43
CA TYR J 30 34.43 -9.30 20.78
C TYR J 30 33.98 -9.33 19.32
N TRP J 31 32.68 -9.23 19.09
CA TRP J 31 32.20 -8.72 17.82
C TRP J 31 32.48 -7.23 17.76
N PHE J 32 32.74 -6.72 16.57
CA PHE J 32 33.10 -5.31 16.44
C PHE J 32 31.88 -4.48 16.06
N GLU J 33 30.92 -4.47 16.98
CA GLU J 33 29.62 -3.85 16.79
C GLU J 33 29.46 -2.69 17.77
N GLU J 34 28.84 -1.62 17.30
CA GLU J 34 28.48 -0.53 18.20
C GLU J 34 27.49 -1.02 19.24
N PRO J 35 27.75 -0.82 20.54
CA PRO J 35 26.88 -1.33 21.60
C PRO J 35 25.62 -0.49 21.83
N TYR J 36 24.87 -0.26 20.76
CA TYR J 36 23.60 0.45 20.84
C TYR J 36 22.58 -0.27 19.96
N GLU J 37 21.46 -0.65 20.57
CA GLU J 37 20.33 -1.17 19.80
C GLU J 37 19.09 -1.09 20.69
N ALA J 38 18.17 -0.20 20.33
CA ALA J 38 16.87 -0.20 20.99
C ALA J 38 16.19 -1.54 20.76
N PHE J 39 15.37 -1.95 21.72
CA PHE J 39 14.72 -3.25 21.63
C PHE J 39 13.83 -3.35 20.40
N VAL J 40 13.07 -2.29 20.12
CA VAL J 40 12.24 -2.28 18.93
C VAL J 40 13.08 -2.26 17.66
N GLU J 41 14.27 -1.66 17.71
CA GLU J 41 15.17 -1.70 16.56
C GLU J 41 15.64 -3.12 16.28
N LEU J 42 16.07 -3.83 17.34
CA LEU J 42 16.47 -5.22 17.19
C LEU J 42 15.31 -6.08 16.70
N GLN J 43 14.11 -5.85 17.24
CA GLN J 43 12.93 -6.58 16.80
C GLN J 43 12.66 -6.33 15.31
N ASP J 44 12.73 -5.08 14.89
CA ASP J 44 12.43 -4.75 13.51
C ASP J 44 13.45 -5.35 12.56
N LEU J 45 14.74 -5.30 12.92
CA LEU J 45 15.75 -5.94 12.09
C LEU J 45 15.58 -7.45 12.03
N TYR J 46 15.24 -8.06 13.17
CA TYR J 46 14.97 -9.49 13.21
C TYR J 46 13.81 -9.86 12.29
N ASP J 47 12.73 -9.09 12.35
CA ASP J 47 11.59 -9.35 11.47
C ASP J 47 11.98 -9.17 10.00
N LYS J 48 12.81 -8.16 9.73
CA LYS J 48 13.26 -7.88 8.37
C LYS J 48 14.10 -9.02 7.81
N HIS J 49 14.85 -9.73 8.66
CA HIS J 49 15.73 -10.80 8.21
C HIS J 49 15.19 -12.18 8.51
N ILE J 50 13.88 -12.29 8.77
CA ILE J 50 13.26 -13.60 9.03
C ILE J 50 13.52 -14.54 7.85
N HIS J 51 13.32 -14.04 6.63
CA HIS J 51 13.49 -14.86 5.43
C HIS J 51 14.80 -14.59 4.72
N ASP J 52 15.76 -13.97 5.40
CA ASP J 52 17.10 -13.78 4.85
C ASP J 52 17.86 -15.10 4.99
N GLN J 53 18.11 -15.77 3.86
CA GLN J 53 18.79 -17.05 3.89
C GLN J 53 20.30 -16.92 4.03
N SER J 54 20.84 -15.71 3.95
CA SER J 54 22.24 -15.45 4.22
C SER J 54 22.60 -15.58 5.70
N GLU J 55 21.62 -15.82 6.57
CA GLU J 55 21.80 -15.79 8.01
C GLU J 55 21.28 -17.07 8.65
N ARG J 56 21.96 -17.49 9.71
CA ARG J 56 21.48 -18.54 10.61
C ARG J 56 21.78 -18.07 12.03
N ARG J 57 20.75 -17.61 12.73
CA ARG J 57 20.88 -17.10 14.09
C ARG J 57 20.43 -18.18 15.08
N PHE J 58 21.30 -18.50 16.04
CA PHE J 58 21.12 -19.61 16.95
C PHE J 58 21.19 -19.10 18.38
N ILE J 59 20.23 -19.51 19.20
CA ILE J 59 20.39 -19.46 20.65
C ILE J 59 21.15 -20.72 21.08
N VAL J 60 22.28 -20.52 21.73
CA VAL J 60 23.00 -21.59 22.40
C VAL J 60 22.29 -21.86 23.72
N GLU J 61 21.65 -23.02 23.82
CA GLU J 61 20.81 -23.38 24.96
C GLU J 61 21.40 -24.58 25.68
N LYS J 62 21.45 -24.51 27.00
CA LYS J 62 21.87 -25.62 27.84
C LYS J 62 20.88 -25.75 28.99
N ASP J 63 20.21 -26.91 29.07
CA ASP J 63 19.24 -27.20 30.12
C ASP J 63 18.12 -26.15 30.16
N ASN J 64 17.52 -25.90 29.00
CA ASN J 64 16.41 -24.96 28.85
C ASN J 64 16.79 -23.54 29.27
N GLU J 65 18.06 -23.17 29.12
CA GLU J 65 18.54 -21.84 29.47
C GLU J 65 19.34 -21.28 28.30
N MET J 66 19.10 -20.01 27.98
CA MET J 66 19.81 -19.35 26.90
C MET J 66 21.18 -18.93 27.42
N VAL J 67 22.22 -19.65 27.00
CA VAL J 67 23.58 -19.36 27.46
C VAL J 67 24.40 -18.64 26.41
N GLY J 68 23.96 -18.59 25.14
CA GLY J 68 24.76 -17.89 24.17
C GLY J 68 24.02 -17.59 22.89
N LEU J 69 24.78 -17.00 21.95
CA LEU J 69 24.28 -16.62 20.64
C LEU J 69 25.34 -17.00 19.61
N VAL J 70 24.96 -17.84 18.64
CA VAL J 70 25.84 -18.25 17.56
C VAL J 70 25.24 -17.80 16.24
N GLU J 71 26.03 -17.12 15.42
CA GLU J 71 25.53 -16.61 14.15
C GLU J 71 26.42 -17.10 13.02
N LEU J 72 25.79 -17.72 12.02
CA LEU J 72 26.43 -18.04 10.75
C LEU J 72 25.90 -17.01 9.75
N VAL J 73 26.65 -15.93 9.56
CA VAL J 73 26.20 -14.81 8.76
C VAL J 73 27.00 -14.77 7.46
N GLU J 74 26.60 -13.85 6.58
CA GLU J 74 27.24 -13.67 5.27
C GLU J 74 27.38 -15.01 4.54
N ILE J 75 26.35 -15.85 4.65
CA ILE J 75 26.36 -17.17 4.04
C ILE J 75 26.30 -16.98 2.52
N ASP J 76 27.43 -17.21 1.85
CA ASP J 76 27.51 -17.15 0.41
C ASP J 76 27.30 -18.56 -0.15
N TYR J 77 26.24 -18.73 -0.94
CA TYR J 77 25.90 -20.06 -1.41
C TYR J 77 26.57 -20.42 -2.72
N ILE J 78 27.29 -19.48 -3.33
CA ILE J 78 28.11 -19.78 -4.50
C ILE J 78 29.55 -20.06 -4.11
N HIS J 79 30.15 -19.21 -3.28
CA HIS J 79 31.50 -19.42 -2.77
C HIS J 79 31.54 -20.35 -1.56
N ARG J 80 30.39 -20.68 -1.00
CA ARG J 80 30.29 -21.70 0.03
C ARG J 80 31.13 -21.37 1.26
N ARG J 81 30.96 -20.14 1.73
CA ARG J 81 31.64 -19.69 2.94
C ARG J 81 30.68 -18.90 3.83
N THR J 82 30.96 -18.91 5.13
CA THR J 82 30.13 -18.18 6.08
C THR J 82 30.98 -17.66 7.22
N GLU J 83 30.62 -16.50 7.73
CA GLU J 83 31.28 -15.94 8.90
C GLU J 83 30.63 -16.52 10.16
N PHE J 84 31.47 -17.05 11.05
CA PHE J 84 31.01 -17.59 12.31
C PHE J 84 31.27 -16.57 13.40
N GLN J 85 30.25 -16.28 14.20
CA GLN J 85 30.36 -15.39 15.34
C GLN J 85 29.70 -16.06 16.53
N ILE J 86 30.26 -15.82 17.71
CA ILE J 86 29.75 -16.46 18.92
C ILE J 86 29.87 -15.50 20.09
N ILE J 87 28.83 -15.47 20.93
CA ILE J 87 28.85 -14.78 22.20
C ILE J 87 28.36 -15.76 23.25
N ILE J 88 29.09 -15.87 24.37
CA ILE J 88 28.63 -16.60 25.53
C ILE J 88 28.33 -15.60 26.64
N ASP J 89 27.15 -15.71 27.23
CA ASP J 89 26.76 -14.82 28.31
C ASP J 89 27.81 -14.89 29.43
N PRO J 90 28.27 -13.76 29.95
CA PRO J 90 29.33 -13.80 30.97
C PRO J 90 28.95 -14.63 32.19
N ASN J 91 27.66 -14.73 32.51
CA ASN J 91 27.24 -15.56 33.63
C ASN J 91 27.37 -17.05 33.31
N TYR J 92 27.55 -17.41 32.04
CA TYR J 92 27.70 -18.81 31.64
C TYR J 92 29.09 -19.09 31.07
N GLN J 93 30.05 -18.21 31.34
CA GLN J 93 31.43 -18.44 30.93
C GLN J 93 32.14 -19.36 31.90
N GLY J 94 33.15 -20.06 31.40
CA GLY J 94 33.91 -21.00 32.20
C GLY J 94 33.40 -22.42 32.19
N TYR J 95 32.35 -22.72 31.43
CA TYR J 95 31.82 -24.07 31.33
C TYR J 95 32.20 -24.75 30.02
N GLY J 96 33.11 -24.14 29.25
CA GLY J 96 33.42 -24.67 27.94
C GLY J 96 32.29 -24.53 26.93
N TYR J 97 31.30 -23.68 27.22
CA TYR J 97 30.19 -23.50 26.31
C TYR J 97 30.65 -22.90 24.98
N ALA J 98 31.68 -22.05 25.03
CA ALA J 98 32.17 -21.44 23.79
C ALA J 98 32.66 -22.48 22.81
N VAL J 99 33.47 -23.43 23.28
CA VAL J 99 34.03 -24.44 22.39
C VAL J 99 32.94 -25.38 21.89
N ASP J 100 32.02 -25.78 22.77
CA ASP J 100 30.96 -26.69 22.35
C ASP J 100 30.03 -26.03 21.33
N ALA J 101 29.68 -24.76 21.55
CA ALA J 101 28.82 -24.05 20.59
C ALA J 101 29.55 -23.80 19.28
N THR J 102 30.85 -23.48 19.35
CA THR J 102 31.63 -23.32 18.13
C THR J 102 31.67 -24.61 17.33
N ARG J 103 31.87 -25.75 18.01
CA ARG J 103 31.90 -27.01 17.27
C ARG J 103 30.53 -27.34 16.69
N LEU J 104 29.46 -27.06 17.44
CA LEU J 104 28.12 -27.31 16.91
C LEU J 104 27.87 -26.45 15.69
N ALA J 105 28.30 -25.18 15.71
CA ALA J 105 28.12 -24.32 14.56
C ALA J 105 28.96 -24.77 13.38
N MET J 106 30.18 -25.26 13.65
CA MET J 106 31.00 -25.80 12.58
C MET J 106 30.33 -27.02 11.94
N ASP J 107 29.78 -27.91 12.77
CA ASP J 107 29.06 -29.06 12.24
C ASP J 107 27.85 -28.61 11.43
N TYR J 108 27.17 -27.55 11.88
CA TYR J 108 26.00 -27.08 11.14
C TYR J 108 26.39 -26.52 9.78
N ALA J 109 27.43 -25.69 9.74
CA ALA J 109 27.80 -25.07 8.47
C ALA J 109 28.38 -26.10 7.50
N PHE J 110 29.17 -27.05 8.00
CA PHE J 110 29.83 -27.99 7.10
C PHE J 110 28.93 -29.15 6.70
N SER J 111 28.13 -29.66 7.64
CA SER J 111 27.33 -30.86 7.42
C SER J 111 25.91 -30.58 6.96
N VAL J 112 25.30 -29.50 7.44
CA VAL J 112 23.92 -29.17 7.08
C VAL J 112 23.91 -28.19 5.93
N LEU J 113 24.53 -27.04 6.15
CA LEU J 113 24.59 -26.05 5.09
C LEU J 113 25.58 -26.43 4.01
N ASN J 114 26.37 -27.49 4.22
CA ASN J 114 27.32 -27.96 3.22
C ASN J 114 28.30 -26.87 2.82
N MET J 115 28.79 -26.13 3.79
CA MET J 115 29.69 -25.02 3.52
C MET J 115 31.10 -25.54 3.24
N HIS J 116 31.78 -24.91 2.28
CA HIS J 116 33.16 -25.25 2.01
C HIS J 116 34.11 -24.60 3.01
N LYS J 117 33.77 -23.41 3.50
CA LYS J 117 34.67 -22.63 4.34
C LYS J 117 33.90 -21.96 5.47
N ILE J 118 34.49 -21.94 6.66
CA ILE J 118 34.01 -21.13 7.77
C ILE J 118 35.12 -20.16 8.12
N TYR J 119 34.77 -18.89 8.37
CA TYR J 119 35.74 -17.94 8.84
C TYR J 119 35.16 -17.14 9.99
N LEU J 120 36.05 -16.72 10.89
CA LEU J 120 35.69 -15.88 12.02
C LEU J 120 36.71 -14.76 12.13
N VAL J 121 36.32 -13.70 12.83
CA VAL J 121 37.15 -12.52 13.01
C VAL J 121 37.15 -12.18 14.50
N VAL J 122 38.32 -12.24 15.12
CA VAL J 122 38.47 -11.88 16.53
C VAL J 122 39.50 -10.76 16.65
N ASP J 123 39.52 -10.12 17.82
CA ASP J 123 40.50 -9.07 18.06
C ASP J 123 41.88 -9.69 18.25
N LYS J 124 42.91 -9.01 17.73
CA LYS J 124 44.27 -9.50 17.87
C LYS J 124 44.71 -9.51 19.33
N GLU J 125 44.19 -8.59 20.14
CA GLU J 125 44.50 -8.60 21.56
C GLU J 125 43.99 -9.86 22.23
N ASN J 126 42.90 -10.43 21.71
CA ASN J 126 42.33 -11.66 22.27
C ASN J 126 43.13 -12.84 21.72
N GLU J 127 44.36 -12.97 22.23
CA GLU J 127 45.22 -14.08 21.80
C GLU J 127 44.72 -15.41 22.35
N LYS J 128 44.06 -15.38 23.51
CA LYS J 128 43.51 -16.61 24.08
C LYS J 128 42.44 -17.21 23.16
N ALA J 129 41.57 -16.36 22.61
CA ALA J 129 40.55 -16.87 21.69
C ALA J 129 41.16 -17.41 20.41
N VAL J 130 42.21 -16.76 19.90
CA VAL J 130 42.89 -17.26 18.70
C VAL J 130 43.49 -18.63 18.98
N HIS J 131 44.11 -18.79 20.15
CA HIS J 131 44.66 -20.08 20.55
C HIS J 131 43.57 -21.13 20.70
N VAL J 132 42.43 -20.76 21.28
CA VAL J 132 41.34 -21.72 21.44
C VAL J 132 40.80 -22.16 20.09
N TYR J 133 40.59 -21.22 19.17
CA TYR J 133 40.10 -21.59 17.85
C TYR J 133 41.10 -22.43 17.08
N LYS J 134 42.40 -22.20 17.29
CA LYS J 134 43.40 -23.07 16.68
C LYS J 134 43.33 -24.47 17.27
N LYS J 135 43.05 -24.58 18.58
CA LYS J 135 42.85 -25.89 19.19
C LYS J 135 41.60 -26.57 18.64
N VAL J 136 40.57 -25.78 18.30
CA VAL J 136 39.35 -26.35 17.73
C VAL J 136 39.51 -26.72 16.27
N GLY J 137 40.51 -26.16 15.58
CA GLY J 137 40.81 -26.55 14.21
C GLY J 137 40.95 -25.37 13.26
N PHE J 138 40.63 -24.18 13.75
CA PHE J 138 40.74 -22.98 12.93
C PHE J 138 42.20 -22.61 12.71
N MET J 139 42.52 -22.17 11.49
CA MET J 139 43.86 -21.72 11.17
C MET J 139 43.86 -20.20 11.01
N VAL J 140 44.90 -19.56 11.53
CA VAL J 140 45.05 -18.13 11.32
C VAL J 140 45.19 -17.86 9.82
N GLU J 141 44.20 -17.18 9.25
CA GLU J 141 44.18 -16.93 7.81
C GLU J 141 44.84 -15.60 7.47
N GLY J 142 44.59 -14.57 8.26
CA GLY J 142 45.20 -13.28 7.96
C GLY J 142 44.96 -12.29 9.07
N GLU J 143 45.54 -11.11 8.89
CA GLU J 143 45.41 -10.01 9.84
C GLU J 143 44.88 -8.78 9.13
N LEU J 144 43.85 -8.17 9.71
CA LEU J 144 43.24 -6.97 9.19
C LEU J 144 43.77 -5.78 10.00
N ILE J 145 44.48 -4.89 9.34
CA ILE J 145 45.20 -3.81 9.99
C ILE J 145 44.24 -2.65 10.23
N ASP J 146 44.15 -2.18 11.48
CA ASP J 146 43.29 -1.06 11.85
C ASP J 146 41.87 -1.25 11.34
N GLU J 147 41.39 -2.49 11.38
CA GLU J 147 40.13 -2.83 10.75
C GLU J 147 38.94 -2.26 11.53
N PHE J 148 39.02 -2.21 12.86
CA PHE J 148 37.84 -1.82 13.63
C PHE J 148 38.20 -0.74 14.64
N PHE J 149 37.35 0.29 14.74
CA PHE J 149 37.52 1.31 15.76
C PHE J 149 36.86 0.81 17.05
N VAL J 150 37.67 0.48 18.04
CA VAL J 150 37.20 -0.07 19.30
C VAL J 150 37.68 0.83 20.43
N ASP J 151 36.74 1.26 21.27
CA ASP J 151 37.00 2.06 22.47
C ASP J 151 38.09 3.11 22.25
N GLY J 152 37.90 3.92 21.20
CA GLY J 152 38.76 5.06 20.97
C GLY J 152 40.06 4.78 20.23
N ASN J 153 40.34 3.54 19.86
CA ASN J 153 41.58 3.21 19.19
C ASN J 153 41.29 2.27 18.02
N TYR J 154 42.11 2.35 16.98
CA TYR J 154 41.98 1.42 15.87
C TYR J 154 42.64 0.09 16.23
N HIS J 155 41.83 -0.97 16.26
CA HIS J 155 42.28 -2.31 16.56
C HIS J 155 42.36 -3.12 15.29
N ASN J 156 43.44 -3.90 15.17
CA ASN J 156 43.59 -4.94 14.17
C ASN J 156 42.83 -6.19 14.59
N ALA J 157 42.52 -7.02 13.61
CA ALA J 157 41.78 -8.25 13.85
C ALA J 157 42.51 -9.43 13.23
N ILE J 158 42.33 -10.60 13.82
CA ILE J 158 42.81 -11.85 13.26
C ILE J 158 41.61 -12.57 12.66
N ARG J 159 41.67 -12.81 11.34
CA ARG J 159 40.70 -13.61 10.63
C ARG J 159 41.22 -15.04 10.53
N MET J 160 40.45 -15.98 11.05
CA MET J 160 40.79 -17.39 11.06
C MET J 160 39.78 -18.15 10.21
N CYS J 161 40.21 -19.27 9.64
CA CYS J 161 39.35 -20.03 8.73
C CYS J 161 39.55 -21.53 8.94
N MET J 162 38.51 -22.27 8.56
CA MET J 162 38.50 -23.72 8.55
C MET J 162 37.80 -24.17 7.29
N PHE J 163 38.13 -25.38 6.82
CA PHE J 163 37.57 -25.87 5.57
C PHE J 163 36.86 -27.20 5.80
N GLN J 164 36.01 -27.56 4.83
CA GLN J 164 35.11 -28.69 5.00
C GLN J 164 35.87 -30.02 5.00
N LYS J 165 36.88 -30.15 4.15
CA LYS J 165 37.61 -31.41 4.06
C LYS J 165 38.37 -31.71 5.34
N GLN J 166 39.09 -30.70 5.87
CA GLN J 166 39.81 -30.91 7.12
C GLN J 166 38.86 -31.15 8.29
N TYR J 167 37.67 -30.55 8.26
CA TYR J 167 36.72 -30.81 9.33
C TYR J 167 36.18 -32.23 9.27
N PHE J 168 35.85 -32.72 8.07
CA PHE J 168 35.33 -34.07 7.95
C PHE J 168 36.42 -35.10 8.22
N GLU J 169 37.68 -34.76 7.95
CA GLU J 169 38.78 -35.68 8.28
C GLU J 169 38.98 -35.80 9.79
N ASN J 170 38.68 -34.74 10.53
CA ASN J 170 38.81 -34.76 11.98
C ASN J 170 37.45 -34.83 12.68
N GLU K 4 29.63 -16.53 -32.87
CA GLU K 4 29.78 -17.64 -31.94
C GLU K 4 28.63 -17.70 -30.94
N LEU K 5 28.10 -18.90 -30.76
CA LEU K 5 26.99 -19.11 -29.83
C LEU K 5 27.42 -18.77 -28.40
N LYS K 6 26.55 -18.04 -27.71
CA LYS K 6 26.79 -17.58 -26.35
C LYS K 6 25.49 -17.69 -25.56
N LEU K 7 25.62 -17.66 -24.24
CA LEU K 7 24.49 -17.54 -23.34
C LEU K 7 24.49 -16.13 -22.75
N ARG K 8 23.33 -15.48 -22.76
CA ARG K 8 23.17 -14.19 -22.11
C ARG K 8 21.94 -14.25 -21.23
N PRO K 9 21.79 -13.30 -20.30
CA PRO K 9 20.58 -13.31 -19.45
C PRO K 9 19.33 -13.11 -20.28
N LEU K 10 18.28 -13.85 -19.94
CA LEU K 10 16.98 -13.64 -20.56
C LEU K 10 16.43 -12.29 -20.11
N GLU K 11 16.42 -11.33 -21.03
CA GLU K 11 15.96 -9.99 -20.70
C GLU K 11 14.47 -9.86 -20.95
N ARG K 12 13.87 -8.87 -20.29
CA ARG K 12 12.44 -8.60 -20.47
C ARG K 12 12.13 -8.30 -21.92
N GLU K 13 13.00 -7.51 -22.57
CA GLU K 13 12.84 -7.16 -23.98
C GLU K 13 12.86 -8.37 -24.90
N ASP K 14 13.38 -9.51 -24.43
CA ASP K 14 13.40 -10.75 -25.21
C ASP K 14 12.13 -11.56 -25.08
N LEU K 15 11.23 -11.19 -24.16
CA LEU K 15 10.14 -12.10 -23.77
C LEU K 15 9.26 -12.50 -24.94
N LYS K 16 9.06 -11.61 -25.92
CA LYS K 16 8.26 -11.94 -27.09
C LYS K 16 8.75 -13.25 -27.72
N PHE K 17 10.07 -13.36 -27.91
CA PHE K 17 10.66 -14.61 -28.39
C PHE K 17 10.20 -15.78 -27.53
N VAL K 18 10.44 -15.69 -26.22
CA VAL K 18 10.00 -16.73 -25.30
C VAL K 18 8.50 -16.98 -25.46
N HIS K 19 7.73 -15.90 -25.64
CA HIS K 19 6.29 -16.05 -25.83
C HIS K 19 5.99 -17.01 -26.96
N GLU K 20 6.65 -16.81 -28.12
CA GLU K 20 6.40 -17.67 -29.26
C GLU K 20 6.77 -19.12 -28.93
N LEU K 21 7.82 -19.31 -28.14
CA LEU K 21 8.19 -20.66 -27.73
C LEU K 21 7.18 -21.24 -26.74
N ASN K 22 6.60 -20.41 -25.87
CA ASN K 22 5.75 -20.91 -24.80
C ASN K 22 4.35 -21.29 -25.26
N ASN K 23 3.96 -20.93 -26.48
CA ASN K 23 2.65 -21.30 -27.01
C ASN K 23 2.75 -22.27 -28.18
N ASN K 24 3.93 -22.81 -28.44
CA ASN K 24 4.09 -23.88 -29.41
C ASN K 24 3.87 -25.19 -28.68
N ALA K 25 2.78 -25.88 -29.01
CA ALA K 25 2.44 -27.12 -28.30
C ALA K 25 3.53 -28.17 -28.49
N HIS K 26 4.04 -28.30 -29.72
CA HIS K 26 5.10 -29.26 -29.97
C HIS K 26 6.36 -28.92 -29.19
N ILE K 27 6.76 -27.65 -29.18
CA ILE K 27 7.94 -27.24 -28.43
C ILE K 27 7.71 -27.42 -26.94
N MET K 28 6.57 -26.93 -26.45
CA MET K 28 6.26 -27.05 -25.03
C MET K 28 5.78 -28.45 -24.65
N SER K 29 5.97 -29.43 -25.53
CA SER K 29 5.79 -30.84 -25.16
C SER K 29 7.08 -31.51 -24.72
N TYR K 30 8.23 -31.12 -25.25
CA TYR K 30 9.50 -31.67 -24.77
C TYR K 30 9.74 -31.29 -23.32
N TRP K 31 9.69 -29.99 -23.01
CA TRP K 31 9.37 -29.61 -21.64
C TRP K 31 7.90 -29.96 -21.41
N PHE K 32 7.57 -30.34 -20.19
CA PHE K 32 6.22 -30.83 -19.91
C PHE K 32 5.36 -29.71 -19.34
N GLU K 33 5.19 -28.68 -20.16
CA GLU K 33 4.51 -27.45 -19.81
C GLU K 33 3.25 -27.31 -20.66
N GLU K 34 2.19 -26.82 -20.06
CA GLU K 34 1.00 -26.51 -20.84
C GLU K 34 1.30 -25.39 -21.83
N PRO K 35 1.00 -25.58 -23.12
CA PRO K 35 1.32 -24.58 -24.15
C PRO K 35 0.36 -23.40 -24.20
N TYR K 36 0.15 -22.76 -23.05
CA TYR K 36 -0.68 -21.56 -22.96
C TYR K 36 0.03 -20.55 -22.06
N GLU K 37 0.26 -19.36 -22.58
CA GLU K 37 0.76 -18.26 -21.76
C GLU K 37 0.49 -16.97 -22.50
N ALA K 38 -0.43 -16.16 -21.98
CA ALA K 38 -0.59 -14.81 -22.50
C ALA K 38 0.70 -14.03 -22.32
N PHE K 39 0.96 -13.09 -23.22
CA PHE K 39 2.20 -12.34 -23.15
C PHE K 39 2.31 -11.56 -21.85
N VAL K 40 1.21 -10.97 -21.40
CA VAL K 40 1.23 -10.26 -20.11
C VAL K 40 1.42 -11.23 -18.95
N GLU K 41 0.93 -12.47 -19.09
CA GLU K 41 1.16 -13.47 -18.04
C GLU K 41 2.64 -13.82 -17.94
N LEU K 42 3.27 -14.08 -19.08
CA LEU K 42 4.71 -14.35 -19.10
C LEU K 42 5.50 -13.16 -18.57
N GLN K 43 5.11 -11.96 -18.99
CA GLN K 43 5.79 -10.75 -18.51
C GLN K 43 5.69 -10.62 -17.00
N ASP K 44 4.49 -10.84 -16.44
CA ASP K 44 4.32 -10.72 -15.01
C ASP K 44 5.11 -11.77 -14.25
N LEU K 45 5.12 -13.00 -14.77
CA LEU K 45 5.91 -14.05 -14.12
C LEU K 45 7.40 -13.74 -14.18
N TYR K 46 7.88 -13.22 -15.31
CA TYR K 46 9.27 -12.80 -15.41
C TYR K 46 9.60 -11.71 -14.41
N ASP K 47 8.73 -10.70 -14.29
CA ASP K 47 8.96 -9.63 -13.32
C ASP K 47 8.95 -10.16 -11.88
N LYS K 48 8.06 -11.12 -11.61
CA LYS K 48 7.98 -11.70 -10.27
C LYS K 48 9.26 -12.45 -9.91
N HIS K 49 9.94 -13.02 -10.90
CA HIS K 49 11.13 -13.83 -10.67
C HIS K 49 12.43 -13.11 -11.04
N ILE K 50 12.37 -11.77 -11.15
CA ILE K 50 13.58 -10.99 -11.46
C ILE K 50 14.67 -11.29 -10.44
N HIS K 51 14.32 -11.28 -9.16
CA HIS K 51 15.26 -11.51 -8.07
C HIS K 51 15.17 -12.92 -7.50
N ASP K 52 14.56 -13.85 -8.23
CA ASP K 52 14.53 -15.25 -7.81
C ASP K 52 15.88 -15.88 -8.15
N GLN K 53 16.67 -16.16 -7.12
CA GLN K 53 18.00 -16.73 -7.32
C GLN K 53 17.98 -18.23 -7.59
N SER K 54 16.82 -18.88 -7.45
CA SER K 54 16.70 -20.29 -7.79
C SER K 54 16.75 -20.58 -9.28
N GLU K 55 16.76 -19.55 -10.13
CA GLU K 55 16.71 -19.75 -11.57
C GLU K 55 17.76 -18.91 -12.27
N ARG K 56 18.23 -19.43 -13.41
CA ARG K 56 19.08 -18.69 -14.33
C ARG K 56 18.52 -18.91 -15.73
N ARG K 57 17.87 -17.88 -16.27
CA ARG K 57 17.25 -17.95 -17.59
C ARG K 57 18.18 -17.29 -18.61
N PHE K 58 18.49 -18.03 -19.67
CA PHE K 58 19.49 -17.64 -20.65
C PHE K 58 18.85 -17.61 -22.03
N ILE K 59 19.09 -16.53 -22.77
CA ILE K 59 18.91 -16.54 -24.21
C ILE K 59 20.16 -17.13 -24.83
N VAL K 60 19.98 -18.21 -25.59
CA VAL K 60 21.01 -18.77 -26.45
C VAL K 60 21.06 -17.91 -27.71
N GLU K 61 22.17 -17.18 -27.88
CA GLU K 61 22.32 -16.19 -28.94
C GLU K 61 23.42 -16.63 -29.89
N LYS K 62 23.14 -16.53 -31.18
CA LYS K 62 24.14 -16.80 -32.21
C LYS K 62 24.10 -15.67 -33.23
N ASP K 63 25.22 -14.96 -33.38
CA ASP K 63 25.32 -13.83 -34.29
C ASP K 63 24.25 -12.78 -34.00
N ASN K 64 24.13 -12.40 -32.72
CA ASN K 64 23.21 -11.37 -32.27
C ASN K 64 21.75 -11.74 -32.58
N GLU K 65 21.45 -13.04 -32.59
CA GLU K 65 20.11 -13.54 -32.87
C GLU K 65 19.70 -14.53 -31.78
N MET K 66 18.45 -14.41 -31.33
CA MET K 66 17.94 -15.27 -30.28
C MET K 66 17.60 -16.62 -30.91
N VAL K 67 18.45 -17.62 -30.68
CA VAL K 67 18.22 -18.94 -31.25
C VAL K 67 17.70 -19.94 -30.24
N GLY K 68 17.76 -19.65 -28.94
CA GLY K 68 17.21 -20.62 -28.01
C GLY K 68 17.01 -20.05 -26.62
N LEU K 69 16.56 -20.93 -25.72
CA LEU K 69 16.29 -20.61 -24.33
C LEU K 69 16.81 -21.75 -23.46
N VAL K 70 17.73 -21.43 -22.55
CA VAL K 70 18.30 -22.41 -21.63
C VAL K 70 17.97 -21.97 -20.21
N GLU K 71 17.43 -22.88 -19.40
CA GLU K 71 17.04 -22.55 -18.05
C GLU K 71 17.71 -23.48 -17.06
N LEU K 72 18.39 -22.90 -16.07
CA LEU K 72 18.89 -23.63 -14.91
C LEU K 72 17.95 -23.30 -13.75
N VAL K 73 16.96 -24.16 -13.54
CA VAL K 73 15.90 -23.90 -12.57
C VAL K 73 16.07 -24.82 -11.36
N GLU K 74 15.23 -24.61 -10.35
CA GLU K 74 15.24 -25.40 -9.12
C GLU K 74 16.65 -25.51 -8.54
N ILE K 75 17.41 -24.42 -8.62
CA ILE K 75 18.78 -24.39 -8.13
C ILE K 75 18.75 -24.50 -6.61
N ASP K 76 19.15 -25.65 -6.08
CA ASP K 76 19.27 -25.84 -4.64
C ASP K 76 20.70 -25.54 -4.23
N TYR K 77 20.88 -24.57 -3.33
CA TYR K 77 22.21 -24.12 -2.95
C TYR K 77 22.79 -24.86 -1.76
N ILE K 78 22.01 -25.72 -1.11
CA ILE K 78 22.52 -26.59 -0.05
C ILE K 78 22.89 -27.95 -0.60
N HIS K 79 22.01 -28.55 -1.40
CA HIS K 79 22.31 -29.80 -2.07
C HIS K 79 23.12 -29.63 -3.36
N ARG K 80 23.27 -28.39 -3.83
CA ARG K 80 24.08 -28.04 -5.01
C ARG K 80 23.62 -28.79 -6.27
N ARG K 81 22.34 -28.68 -6.57
CA ARG K 81 21.82 -29.27 -7.79
C ARG K 81 20.90 -28.29 -8.49
N THR K 82 20.79 -28.45 -9.81
CA THR K 82 19.93 -27.61 -10.62
C THR K 82 19.40 -28.43 -11.78
N GLU K 83 18.16 -28.15 -12.17
CA GLU K 83 17.56 -28.77 -13.34
C GLU K 83 17.91 -27.97 -14.59
N PHE K 84 18.41 -28.66 -15.61
CA PHE K 84 18.73 -28.04 -16.88
C PHE K 84 17.62 -28.31 -17.87
N GLN K 85 17.14 -27.26 -18.53
CA GLN K 85 16.14 -27.37 -19.57
C GLN K 85 16.59 -26.54 -20.76
N ILE K 86 16.27 -27.00 -21.97
CA ILE K 86 16.72 -26.32 -23.18
C ILE K 86 15.65 -26.40 -24.25
N ILE K 87 15.46 -25.28 -24.96
CA ILE K 87 14.64 -25.21 -26.16
C ILE K 87 15.46 -24.50 -27.23
N ILE K 88 15.50 -25.07 -28.43
CA ILE K 88 16.05 -24.40 -29.60
C ILE K 88 14.91 -24.05 -30.53
N ASP K 89 14.87 -22.81 -30.98
CA ASP K 89 13.84 -22.36 -31.91
C ASP K 89 13.85 -23.26 -33.14
N PRO K 90 12.69 -23.75 -33.60
CA PRO K 90 12.69 -24.68 -34.73
C PRO K 90 13.35 -24.15 -35.99
N ASN K 91 13.33 -22.83 -36.20
CA ASN K 91 14.02 -22.26 -37.35
C ASN K 91 15.54 -22.28 -37.20
N TYR K 92 16.06 -22.53 -36.00
CA TYR K 92 17.49 -22.62 -35.76
C TYR K 92 17.92 -24.02 -35.33
N GLN K 93 17.08 -25.01 -35.58
CA GLN K 93 17.46 -26.40 -35.31
C GLN K 93 18.28 -26.94 -36.49
N GLY K 94 19.13 -27.92 -36.20
CA GLY K 94 19.99 -28.49 -37.20
C GLY K 94 21.35 -27.84 -37.33
N TYR K 95 21.65 -26.84 -36.50
CA TYR K 95 22.93 -26.17 -36.50
C TYR K 95 23.83 -26.62 -35.34
N GLY K 96 23.42 -27.66 -34.62
CA GLY K 96 24.15 -28.07 -33.43
C GLY K 96 24.08 -27.08 -32.30
N TYR K 97 23.14 -26.12 -32.35
CA TYR K 97 23.03 -25.12 -31.29
C TYR K 97 22.63 -25.76 -29.97
N ALA K 98 21.86 -26.85 -30.02
CA ALA K 98 21.42 -27.50 -28.80
C ALA K 98 22.61 -28.00 -27.97
N VAL K 99 23.56 -28.67 -28.63
CA VAL K 99 24.69 -29.24 -27.90
C VAL K 99 25.59 -28.14 -27.36
N ASP K 100 25.83 -27.09 -28.16
CA ASP K 100 26.68 -26.00 -27.71
C ASP K 100 26.05 -25.25 -26.54
N ALA K 101 24.75 -24.98 -26.62
CA ALA K 101 24.07 -24.32 -25.51
C ALA K 101 24.03 -25.21 -24.27
N THR K 102 23.88 -26.52 -24.46
CA THR K 102 23.89 -27.44 -23.32
C THR K 102 25.24 -27.44 -22.62
N ARG K 103 26.34 -27.48 -23.41
CA ARG K 103 27.67 -27.44 -22.81
C ARG K 103 27.94 -26.12 -22.11
N LEU K 104 27.46 -25.01 -22.71
CA LEU K 104 27.62 -23.72 -22.04
C LEU K 104 26.85 -23.68 -20.72
N ALA K 105 25.64 -24.24 -20.71
CA ALA K 105 24.85 -24.26 -19.48
C ALA K 105 25.49 -25.14 -18.41
N MET K 106 26.04 -26.30 -18.80
CA MET K 106 26.73 -27.12 -17.82
C MET K 106 27.97 -26.41 -17.29
N ASP K 107 28.74 -25.75 -18.17
CA ASP K 107 29.89 -25.00 -17.70
C ASP K 107 29.47 -23.91 -16.72
N TYR K 108 28.31 -23.29 -16.97
CA TYR K 108 27.84 -22.25 -16.06
C TYR K 108 27.44 -22.84 -14.71
N ALA K 109 26.69 -23.94 -14.72
CA ALA K 109 26.20 -24.49 -13.47
C ALA K 109 27.34 -25.09 -12.65
N PHE K 110 28.29 -25.74 -13.30
CA PHE K 110 29.37 -26.42 -12.58
C PHE K 110 30.49 -25.46 -12.21
N SER K 111 30.84 -24.54 -13.11
CA SER K 111 31.99 -23.66 -12.91
C SER K 111 31.63 -22.33 -12.27
N VAL K 112 30.45 -21.78 -12.57
CA VAL K 112 30.05 -20.48 -12.03
C VAL K 112 29.20 -20.69 -10.78
N LEU K 113 28.10 -21.43 -10.91
CA LEU K 113 27.20 -21.64 -9.79
C LEU K 113 27.71 -22.66 -8.79
N ASN K 114 28.82 -23.34 -9.09
CA ASN K 114 29.43 -24.33 -8.20
C ASN K 114 28.44 -25.42 -7.82
N MET K 115 27.70 -25.91 -8.81
CA MET K 115 26.73 -26.99 -8.58
C MET K 115 27.43 -28.34 -8.52
N HIS K 116 26.96 -29.19 -7.60
CA HIS K 116 27.43 -30.56 -7.52
C HIS K 116 26.76 -31.44 -8.56
N LYS K 117 25.51 -31.16 -8.90
CA LYS K 117 24.72 -32.03 -9.77
C LYS K 117 23.88 -31.20 -10.71
N ILE K 118 23.79 -31.65 -11.96
CA ILE K 118 22.84 -31.13 -12.93
C ILE K 118 21.92 -32.29 -13.34
N TYR K 119 20.63 -32.03 -13.43
CA TYR K 119 19.70 -33.04 -13.91
C TYR K 119 18.75 -32.44 -14.94
N LEU K 120 18.32 -33.28 -15.86
CA LEU K 120 17.36 -32.91 -16.88
C LEU K 120 16.30 -33.99 -16.99
N VAL K 121 15.17 -33.62 -17.58
CA VAL K 121 14.03 -34.52 -17.76
C VAL K 121 13.59 -34.44 -19.20
N VAL K 122 13.65 -35.57 -19.90
CA VAL K 122 13.18 -35.67 -21.28
C VAL K 122 12.10 -36.74 -21.36
N ASP K 123 11.37 -36.73 -22.47
CA ASP K 123 10.35 -37.74 -22.68
C ASP K 123 10.99 -39.09 -22.97
N LYS K 124 10.36 -40.16 -22.46
CA LYS K 124 10.89 -41.50 -22.69
C LYS K 124 10.84 -41.86 -24.16
N GLU K 125 9.86 -41.33 -24.90
CA GLU K 125 9.81 -41.55 -26.34
C GLU K 125 11.01 -40.91 -27.03
N ASN K 126 11.54 -39.82 -26.48
CA ASN K 126 12.66 -39.10 -27.07
C ASN K 126 13.97 -39.81 -26.71
N GLU K 127 14.18 -40.98 -27.35
CA GLU K 127 15.40 -41.73 -27.13
C GLU K 127 16.61 -41.04 -27.76
N LYS K 128 16.37 -40.29 -28.84
CA LYS K 128 17.47 -39.57 -29.49
C LYS K 128 18.07 -38.52 -28.57
N ALA K 129 17.22 -37.79 -27.85
CA ALA K 129 17.73 -36.81 -26.89
C ALA K 129 18.50 -37.48 -25.76
N VAL K 130 18.03 -38.65 -25.33
CA VAL K 130 18.75 -39.40 -24.29
C VAL K 130 20.14 -39.77 -24.80
N HIS K 131 20.23 -40.23 -26.06
CA HIS K 131 21.53 -40.57 -26.62
C HIS K 131 22.43 -39.35 -26.73
N VAL K 132 21.87 -38.21 -27.14
CA VAL K 132 22.66 -36.99 -27.25
C VAL K 132 23.20 -36.57 -25.89
N TYR K 133 22.36 -36.62 -24.87
CA TYR K 133 22.80 -36.25 -23.52
C TYR K 133 23.82 -37.24 -22.98
N LYS K 134 23.73 -38.52 -23.38
CA LYS K 134 24.79 -39.46 -23.03
C LYS K 134 26.09 -39.07 -23.72
N LYS K 135 26.00 -38.59 -24.95
CA LYS K 135 27.19 -38.15 -25.67
C LYS K 135 27.84 -36.95 -24.98
N VAL K 136 27.03 -36.05 -24.42
CA VAL K 136 27.62 -34.92 -23.71
C VAL K 136 28.11 -35.31 -22.32
N GLY K 137 27.66 -36.44 -21.77
CA GLY K 137 28.18 -36.92 -20.51
C GLY K 137 27.13 -37.27 -19.47
N PHE K 138 25.87 -36.98 -19.80
CA PHE K 138 24.78 -37.27 -18.88
C PHE K 138 24.55 -38.77 -18.80
N MET K 139 24.27 -39.26 -17.59
CA MET K 139 23.92 -40.65 -17.38
C MET K 139 22.44 -40.73 -17.04
N VAL K 140 21.76 -41.74 -17.60
CA VAL K 140 20.37 -41.97 -17.25
C VAL K 140 20.28 -42.30 -15.77
N GLU K 141 19.61 -41.43 -15.02
CA GLU K 141 19.49 -41.57 -13.58
C GLU K 141 18.25 -42.37 -13.18
N GLY K 142 17.13 -42.15 -13.85
CA GLY K 142 15.94 -42.90 -13.53
C GLY K 142 14.83 -42.66 -14.51
N GLU K 143 13.73 -43.38 -14.30
CA GLU K 143 12.54 -43.27 -15.14
C GLU K 143 11.34 -42.97 -14.25
N LEU K 144 10.57 -41.96 -14.63
CA LEU K 144 9.37 -41.54 -13.92
C LEU K 144 8.14 -42.07 -14.65
N ILE K 145 7.35 -42.90 -13.96
CA ILE K 145 6.25 -43.61 -14.58
C ILE K 145 5.03 -42.71 -14.66
N ASP K 146 4.47 -42.56 -15.86
CA ASP K 146 3.27 -41.76 -16.09
C ASP K 146 3.39 -40.38 -15.45
N GLU K 147 4.58 -39.80 -15.55
CA GLU K 147 4.85 -38.58 -14.81
C GLU K 147 4.13 -37.37 -15.41
N PHE K 148 3.95 -37.33 -16.73
CA PHE K 148 3.41 -36.12 -17.34
C PHE K 148 2.24 -36.45 -18.26
N PHE K 149 1.16 -35.68 -18.15
CA PHE K 149 0.05 -35.81 -19.09
C PHE K 149 0.34 -34.94 -20.30
N VAL K 150 0.67 -35.57 -21.42
CA VAL K 150 1.01 -34.88 -22.65
C VAL K 150 0.09 -35.38 -23.76
N ASP K 151 -0.53 -34.44 -24.47
CA ASP K 151 -1.38 -34.71 -25.64
C ASP K 151 -2.26 -35.94 -25.43
N GLY K 152 -2.99 -35.94 -24.32
CA GLY K 152 -4.00 -36.94 -24.07
C GLY K 152 -3.53 -38.24 -23.47
N ASN K 153 -2.23 -38.40 -23.21
CA ASN K 153 -1.72 -39.65 -22.68
C ASN K 153 -0.72 -39.38 -21.56
N TYR K 154 -0.64 -40.32 -20.62
CA TYR K 154 0.37 -40.25 -19.57
C TYR K 154 1.68 -40.78 -20.12
N HIS K 155 2.69 -39.90 -20.14
CA HIS K 155 4.03 -40.21 -20.62
C HIS K 155 4.97 -40.39 -19.44
N ASN K 156 5.84 -41.39 -19.56
CA ASN K 156 6.98 -41.57 -18.68
C ASN K 156 8.09 -40.62 -19.09
N ALA K 157 9.00 -40.35 -18.15
CA ALA K 157 10.10 -39.44 -18.40
C ALA K 157 11.41 -40.11 -18.04
N ILE K 158 12.46 -39.73 -18.73
CA ILE K 158 13.82 -40.14 -18.40
C ILE K 158 14.49 -38.95 -17.72
N ARG K 159 14.88 -39.13 -16.46
CA ARG K 159 15.67 -38.15 -15.73
C ARG K 159 17.13 -38.56 -15.81
N MET K 160 17.97 -37.66 -16.34
CA MET K 160 19.39 -37.89 -16.49
C MET K 160 20.15 -36.88 -15.64
N CYS K 161 21.35 -37.27 -15.20
CA CYS K 161 22.12 -36.41 -14.30
C CYS K 161 23.61 -36.48 -14.65
N MET K 162 24.30 -35.41 -14.27
CA MET K 162 25.74 -35.29 -14.39
C MET K 162 26.27 -34.63 -13.12
N PHE K 163 27.54 -34.89 -12.82
CA PHE K 163 28.14 -34.39 -11.59
C PHE K 163 29.36 -33.53 -11.87
N GLN K 164 29.73 -32.73 -10.86
CA GLN K 164 30.76 -31.72 -11.04
C GLN K 164 32.15 -32.36 -11.20
N LYS K 165 32.43 -33.41 -10.43
CA LYS K 165 33.75 -34.05 -10.51
C LYS K 165 33.95 -34.70 -11.87
N GLN K 166 32.95 -35.46 -12.32
CA GLN K 166 33.04 -36.10 -13.63
C GLN K 166 33.09 -35.07 -14.75
N TYR K 167 32.42 -33.93 -14.56
CA TYR K 167 32.48 -32.87 -15.57
C TYR K 167 33.86 -32.23 -15.64
N PHE K 168 34.46 -31.93 -14.49
CA PHE K 168 35.77 -31.31 -14.47
C PHE K 168 36.86 -32.27 -14.93
N GLU K 169 36.66 -33.57 -14.72
CA GLU K 169 37.61 -34.54 -15.24
C GLU K 169 37.55 -34.61 -16.77
N ASN K 170 36.39 -34.33 -17.35
CA ASN K 170 36.22 -34.33 -18.79
C ASN K 170 36.10 -32.90 -19.33
N GLU L 4 40.75 15.17 -19.73
CA GLU L 4 41.19 14.65 -18.43
C GLU L 4 40.20 13.63 -17.88
N LEU L 5 40.72 12.47 -17.47
CA LEU L 5 39.88 11.43 -16.88
C LEU L 5 39.26 11.92 -15.58
N LYS L 6 37.97 11.62 -15.42
CA LYS L 6 37.22 12.06 -14.25
C LYS L 6 36.32 10.93 -13.76
N LEU L 7 35.88 11.06 -12.52
CA LEU L 7 34.84 10.20 -11.95
C LEU L 7 33.55 11.00 -11.84
N ARG L 8 32.44 10.40 -12.27
CA ARG L 8 31.14 11.01 -12.07
C ARG L 8 30.21 9.97 -11.47
N PRO L 9 29.08 10.37 -10.90
CA PRO L 9 28.16 9.38 -10.34
C PRO L 9 27.62 8.44 -11.41
N LEU L 10 27.51 7.16 -11.05
CA LEU L 10 26.87 6.18 -11.92
C LEU L 10 25.38 6.49 -12.00
N GLU L 11 24.94 6.97 -13.16
CA GLU L 11 23.55 7.33 -13.36
C GLU L 11 22.76 6.13 -13.89
N ARG L 12 21.44 6.20 -13.70
CA ARG L 12 20.57 5.14 -14.19
C ARG L 12 20.70 4.97 -15.70
N GLU L 13 20.76 6.07 -16.44
CA GLU L 13 20.89 6.01 -17.89
C GLU L 13 22.18 5.34 -18.33
N ASP L 14 23.17 5.23 -17.45
CA ASP L 14 24.42 4.55 -17.77
C ASP L 14 24.36 3.05 -17.59
N LEU L 15 23.28 2.54 -16.99
CA LEU L 15 23.27 1.15 -16.52
C LEU L 15 23.54 0.15 -17.63
N LYS L 16 23.08 0.45 -18.86
CA LYS L 16 23.35 -0.45 -19.98
C LYS L 16 24.84 -0.78 -20.09
N PHE L 17 25.67 0.26 -20.01
CA PHE L 17 27.11 0.05 -19.98
C PHE L 17 27.48 -0.94 -18.87
N VAL L 18 27.06 -0.63 -17.64
CA VAL L 18 27.30 -1.53 -16.51
C VAL L 18 26.79 -2.92 -16.85
N HIS L 19 25.62 -3.00 -17.48
CA HIS L 19 25.04 -4.29 -17.84
C HIS L 19 26.04 -5.11 -18.64
N GLU L 20 26.62 -4.51 -19.69
CA GLU L 20 27.58 -5.24 -20.51
C GLU L 20 28.77 -5.71 -19.69
N LEU L 21 29.20 -4.89 -18.73
CA LEU L 21 30.31 -5.30 -17.88
C LEU L 21 29.90 -6.41 -16.93
N ASN L 22 28.64 -6.40 -16.46
CA ASN L 22 28.21 -7.34 -15.44
C ASN L 22 27.91 -8.73 -15.97
N ASN L 23 27.86 -8.92 -17.28
CA ASN L 23 27.62 -10.23 -17.87
C ASN L 23 28.83 -10.74 -18.64
N ASN L 24 29.95 -10.05 -18.57
CA ASN L 24 31.22 -10.52 -19.12
C ASN L 24 31.93 -11.31 -18.04
N ALA L 25 32.08 -12.62 -18.24
CA ALA L 25 32.68 -13.48 -17.21
C ALA L 25 34.11 -13.06 -16.91
N HIS L 26 34.89 -12.72 -17.94
CA HIS L 26 36.26 -12.28 -17.73
C HIS L 26 36.30 -11.01 -16.88
N ILE L 27 35.44 -10.05 -17.20
CA ILE L 27 35.39 -8.81 -16.43
C ILE L 27 34.89 -9.09 -15.02
N MET L 28 33.83 -9.88 -14.89
CA MET L 28 33.26 -10.27 -13.60
C MET L 28 34.07 -11.31 -12.89
N SER L 29 35.30 -11.60 -13.32
CA SER L 29 36.24 -12.41 -12.56
C SER L 29 37.17 -11.58 -11.68
N TYR L 30 37.54 -10.38 -12.12
CA TYR L 30 38.39 -9.51 -11.30
C TYR L 30 37.67 -9.14 -10.01
N TRP L 31 36.49 -8.56 -10.11
CA TRP L 31 35.53 -8.68 -9.03
C TRP L 31 35.02 -10.12 -9.03
N PHE L 32 34.75 -10.65 -7.84
CA PHE L 32 34.38 -12.05 -7.73
C PHE L 32 32.85 -12.18 -7.71
N GLU L 33 32.27 -11.80 -8.84
CA GLU L 33 30.83 -11.71 -9.02
C GLU L 33 30.38 -12.71 -10.06
N GLU L 34 29.23 -13.32 -9.83
CA GLU L 34 28.61 -14.19 -10.84
C GLU L 34 28.26 -13.36 -12.08
N PRO L 35 28.70 -13.77 -13.27
CA PRO L 35 28.45 -12.99 -14.50
C PRO L 35 27.05 -13.17 -15.09
N TYR L 36 26.03 -12.96 -14.26
CA TYR L 36 24.64 -12.99 -14.70
C TYR L 36 23.91 -11.83 -14.06
N GLU L 37 23.29 -10.99 -14.89
CA GLU L 37 22.39 -9.96 -14.38
C GLU L 37 21.54 -9.48 -15.54
N ALA L 38 20.25 -9.81 -15.52
CA ALA L 38 19.33 -9.22 -16.46
C ALA L 38 19.30 -7.71 -16.27
N PHE L 39 19.03 -6.99 -17.37
CA PHE L 39 19.05 -5.53 -17.30
C PHE L 39 18.03 -5.01 -16.31
N VAL L 40 16.84 -5.61 -16.28
CA VAL L 40 15.83 -5.16 -15.32
C VAL L 40 16.27 -5.49 -13.89
N GLU L 41 17.01 -6.58 -13.70
CA GLU L 41 17.53 -6.89 -12.37
C GLU L 41 18.54 -5.84 -11.92
N LEU L 42 19.48 -5.49 -12.80
CA LEU L 42 20.44 -4.44 -12.49
C LEU L 42 19.75 -3.11 -12.22
N GLN L 43 18.74 -2.77 -13.03
CA GLN L 43 17.99 -1.54 -12.82
C GLN L 43 17.31 -1.54 -11.46
N ASP L 44 16.67 -2.64 -11.10
CA ASP L 44 15.96 -2.71 -9.83
C ASP L 44 16.92 -2.63 -8.65
N LEU L 45 18.07 -3.30 -8.75
CA LEU L 45 19.07 -3.22 -7.68
C LEU L 45 19.63 -1.80 -7.57
N TYR L 46 19.86 -1.15 -8.71
CA TYR L 46 20.31 0.25 -8.69
C TYR L 46 19.28 1.14 -8.00
N ASP L 47 18.01 0.96 -8.34
CA ASP L 47 16.96 1.76 -7.70
C ASP L 47 16.88 1.48 -6.21
N LYS L 48 17.07 0.23 -5.79
CA LYS L 48 17.01 -0.10 -4.38
C LYS L 48 18.12 0.56 -3.58
N HIS L 49 19.28 0.79 -4.20
CA HIS L 49 20.43 1.35 -3.50
C HIS L 49 20.71 2.81 -3.86
N ILE L 50 19.71 3.50 -4.43
CA ILE L 50 19.87 4.92 -4.75
C ILE L 50 20.28 5.71 -3.52
N HIS L 51 19.60 5.46 -2.40
CA HIS L 51 19.85 6.18 -1.16
C HIS L 51 20.68 5.36 -0.18
N ASP L 52 21.35 4.32 -0.65
CA ASP L 52 22.28 3.55 0.18
C ASP L 52 23.58 4.34 0.28
N GLN L 53 23.86 4.89 1.46
CA GLN L 53 25.06 5.68 1.66
C GLN L 53 26.30 4.82 1.88
N SER L 54 26.15 3.52 2.05
CA SER L 54 27.28 2.60 2.12
C SER L 54 27.98 2.43 0.78
N GLU L 55 27.46 3.03 -0.29
CA GLU L 55 27.94 2.81 -1.64
C GLU L 55 28.24 4.14 -2.32
N ARG L 56 29.27 4.14 -3.16
CA ARG L 56 29.56 5.26 -4.06
C ARG L 56 29.94 4.64 -5.40
N ARG L 57 29.02 4.70 -6.36
CA ARG L 57 29.23 4.14 -7.69
C ARG L 57 29.58 5.24 -8.68
N PHE L 58 30.70 5.06 -9.38
CA PHE L 58 31.32 6.07 -10.22
C PHE L 58 31.46 5.51 -11.63
N ILE L 59 31.04 6.28 -12.62
CA ILE L 59 31.47 6.06 -14.00
C ILE L 59 32.81 6.76 -14.17
N VAL L 60 33.83 5.98 -14.57
CA VAL L 60 35.11 6.50 -15.00
C VAL L 60 34.95 6.99 -16.43
N GLU L 61 35.03 8.30 -16.63
CA GLU L 61 34.74 8.94 -17.89
C GLU L 61 36.00 9.63 -18.41
N LYS L 62 36.28 9.45 -19.70
CA LYS L 62 37.38 10.14 -20.37
C LYS L 62 36.85 10.72 -21.67
N ASP L 63 36.89 12.05 -21.79
CA ASP L 63 36.36 12.75 -22.97
C ASP L 63 34.90 12.37 -23.24
N ASN L 64 34.09 12.49 -22.19
CA ASN L 64 32.64 12.28 -22.28
C ASN L 64 32.29 10.85 -22.73
N GLU L 65 33.14 9.89 -22.41
CA GLU L 65 32.93 8.50 -22.80
C GLU L 65 33.11 7.60 -21.58
N MET L 66 32.21 6.63 -21.43
CA MET L 66 32.24 5.72 -20.29
C MET L 66 33.33 4.68 -20.52
N VAL L 67 34.46 4.83 -19.84
CA VAL L 67 35.57 3.89 -19.97
C VAL L 67 35.71 2.95 -18.77
N GLY L 68 35.04 3.24 -17.65
CA GLY L 68 35.18 2.33 -16.54
C GLY L 68 34.13 2.51 -15.47
N LEU L 69 34.26 1.68 -14.42
CA LEU L 69 33.33 1.67 -13.30
C LEU L 69 34.13 1.52 -12.01
N VAL L 70 34.00 2.48 -11.10
CA VAL L 70 34.70 2.47 -9.82
C VAL L 70 33.68 2.44 -8.69
N GLU L 71 33.84 1.53 -7.74
CA GLU L 71 32.90 1.41 -6.63
C GLU L 71 33.62 1.50 -5.30
N LEU L 72 33.16 2.43 -4.45
CA LEU L 72 33.54 2.48 -3.04
C LEU L 72 32.36 1.92 -2.27
N VAL L 73 32.42 0.62 -1.97
CA VAL L 73 31.29 -0.09 -1.36
C VAL L 73 31.63 -0.41 0.08
N GLU L 74 30.64 -0.96 0.79
CA GLU L 74 30.77 -1.33 2.21
C GLU L 74 31.39 -0.20 3.03
N ILE L 75 30.97 1.03 2.73
CA ILE L 75 31.50 2.20 3.43
C ILE L 75 31.01 2.15 4.88
N ASP L 76 31.91 1.84 5.80
CA ASP L 76 31.61 1.85 7.22
C ASP L 76 31.98 3.22 7.77
N TYR L 77 31.00 3.93 8.33
CA TYR L 77 31.22 5.30 8.76
C TYR L 77 31.68 5.41 10.21
N ILE L 78 31.70 4.31 10.96
CA ILE L 78 32.29 4.28 12.29
C ILE L 78 33.72 3.79 12.24
N HIS L 79 33.96 2.68 11.54
CA HIS L 79 35.32 2.19 11.35
C HIS L 79 36.07 2.91 10.24
N ARG L 80 35.38 3.75 9.47
CA ARG L 80 36.02 4.61 8.47
C ARG L 80 36.82 3.80 7.45
N ARG L 81 36.18 2.78 6.88
CA ARG L 81 36.78 1.98 5.83
C ARG L 81 35.79 1.71 4.72
N THR L 82 36.31 1.49 3.52
CA THR L 82 35.50 1.18 2.36
C THR L 82 36.28 0.27 1.43
N GLU L 83 35.58 -0.64 0.77
CA GLU L 83 36.17 -1.51 -0.23
C GLU L 83 36.20 -0.81 -1.58
N PHE L 84 37.38 -0.81 -2.21
CA PHE L 84 37.55 -0.21 -3.53
C PHE L 84 37.54 -1.31 -4.58
N GLN L 85 36.72 -1.11 -5.62
CA GLN L 85 36.65 -2.02 -6.76
C GLN L 85 36.71 -1.19 -8.03
N ILE L 86 37.34 -1.73 -9.07
CA ILE L 86 37.49 -1.00 -10.32
C ILE L 86 37.41 -1.97 -11.49
N ILE L 87 36.72 -1.54 -12.54
CA ILE L 87 36.68 -2.23 -13.83
C ILE L 87 36.98 -1.21 -14.91
N ILE L 88 37.89 -1.55 -15.82
CA ILE L 88 38.09 -0.77 -17.03
C ILE L 88 37.64 -1.64 -18.21
N ASP L 89 36.78 -1.08 -19.05
CA ASP L 89 36.31 -1.80 -20.22
C ASP L 89 37.52 -2.22 -21.06
N PRO L 90 37.58 -3.48 -21.52
CA PRO L 90 38.77 -3.93 -22.25
C PRO L 90 39.09 -3.09 -23.48
N ASN L 91 38.09 -2.45 -24.11
CA ASN L 91 38.38 -1.58 -25.23
C ASN L 91 39.07 -0.29 -24.80
N TYR L 92 39.04 0.05 -23.51
CA TYR L 92 39.72 1.24 -23.01
C TYR L 92 40.83 0.90 -22.03
N GLN L 93 41.26 -0.35 -21.99
CA GLN L 93 42.41 -0.73 -21.17
C GLN L 93 43.70 -0.47 -21.95
N GLY L 94 44.78 -0.27 -21.20
CA GLY L 94 46.07 0.03 -21.79
C GLY L 94 46.36 1.51 -21.95
N TYR L 95 45.46 2.38 -21.50
CA TYR L 95 45.65 3.83 -21.55
C TYR L 95 46.03 4.40 -20.19
N GLY L 96 46.34 3.53 -19.22
CA GLY L 96 46.56 3.99 -17.86
C GLY L 96 45.30 4.49 -17.18
N TYR L 97 44.13 4.18 -17.73
CA TYR L 97 42.88 4.63 -17.11
C TYR L 97 42.68 3.98 -15.74
N ALA L 98 43.15 2.73 -15.57
CA ALA L 98 42.95 2.04 -14.31
C ALA L 98 43.65 2.77 -13.16
N VAL L 99 44.91 3.15 -13.36
CA VAL L 99 45.66 3.80 -12.28
C VAL L 99 45.08 5.19 -11.99
N ASP L 100 44.69 5.92 -13.02
CA ASP L 100 44.12 7.25 -12.81
C ASP L 100 42.80 7.17 -12.06
N ALA L 101 41.95 6.22 -12.44
CA ALA L 101 40.68 6.05 -11.74
C ALA L 101 40.90 5.58 -10.31
N THR L 102 41.89 4.71 -10.09
CA THR L 102 42.22 4.29 -8.74
C THR L 102 42.70 5.46 -7.90
N ARG L 103 43.52 6.34 -8.48
CA ARG L 103 44.01 7.49 -7.74
C ARG L 103 42.86 8.44 -7.39
N LEU L 104 41.94 8.62 -8.33
CA LEU L 104 40.76 9.45 -8.07
C LEU L 104 39.88 8.84 -6.99
N ALA L 105 39.70 7.52 -7.01
CA ALA L 105 38.89 6.87 -5.98
C ALA L 105 39.56 6.95 -4.61
N MET L 106 40.88 6.80 -4.55
CA MET L 106 41.58 6.97 -3.28
C MET L 106 41.43 8.40 -2.77
N ASP L 107 41.58 9.39 -3.66
CA ASP L 107 41.39 10.78 -3.27
C ASP L 107 39.97 11.03 -2.79
N TYR L 108 38.99 10.39 -3.42
CA TYR L 108 37.60 10.59 -3.01
C TYR L 108 37.34 9.98 -1.64
N ALA L 109 37.82 8.76 -1.41
CA ALA L 109 37.55 8.09 -0.14
C ALA L 109 38.28 8.78 1.01
N PHE L 110 39.51 9.23 0.77
CA PHE L 110 40.30 9.81 1.86
C PHE L 110 39.96 11.28 2.08
N SER L 111 39.74 12.04 1.01
CA SER L 111 39.55 13.48 1.11
C SER L 111 38.09 13.89 1.21
N VAL L 112 37.17 13.16 0.57
CA VAL L 112 35.76 13.52 0.59
C VAL L 112 35.05 12.71 1.66
N LEU L 113 35.13 11.39 1.58
CA LEU L 113 34.42 10.52 2.51
C LEU L 113 35.10 10.44 3.89
N ASN L 114 36.30 11.00 4.04
CA ASN L 114 37.01 10.99 5.33
C ASN L 114 37.21 9.56 5.83
N MET L 115 37.59 8.66 4.93
CA MET L 115 37.85 7.27 5.30
C MET L 115 39.23 7.13 5.90
N HIS L 116 39.33 6.31 6.94
CA HIS L 116 40.62 5.98 7.52
C HIS L 116 41.35 4.91 6.71
N LYS L 117 40.60 4.01 6.08
CA LYS L 117 41.17 2.85 5.41
C LYS L 117 40.44 2.59 4.11
N ILE L 118 41.20 2.23 3.08
CA ILE L 118 40.66 1.69 1.84
C ILE L 118 41.21 0.28 1.69
N TYR L 119 40.35 -0.66 1.28
CA TYR L 119 40.81 -2.00 1.00
C TYR L 119 40.23 -2.50 -0.31
N LEU L 120 40.99 -3.35 -0.97
CA LEU L 120 40.58 -3.99 -2.21
C LEU L 120 40.92 -5.47 -2.13
N VAL L 121 40.26 -6.25 -2.98
CA VAL L 121 40.47 -7.70 -3.03
C VAL L 121 40.67 -8.08 -4.49
N VAL L 122 41.84 -8.62 -4.80
CA VAL L 122 42.14 -9.07 -6.16
C VAL L 122 42.48 -10.56 -6.11
N ASP L 123 42.45 -11.18 -7.29
CA ASP L 123 42.83 -12.58 -7.38
C ASP L 123 44.33 -12.74 -7.22
N LYS L 124 44.73 -13.83 -6.57
CA LYS L 124 46.16 -14.04 -6.40
C LYS L 124 46.87 -14.27 -7.73
N GLU L 125 46.18 -14.84 -8.71
CA GLU L 125 46.84 -15.01 -10.00
C GLU L 125 47.24 -13.68 -10.59
N ASN L 126 46.48 -12.62 -10.30
CA ASN L 126 46.76 -11.30 -10.85
C ASN L 126 47.83 -10.60 -10.02
N GLU L 127 49.08 -11.06 -10.20
CA GLU L 127 50.18 -10.40 -9.51
C GLU L 127 50.43 -9.01 -10.07
N LYS L 128 50.05 -8.79 -11.33
CA LYS L 128 50.19 -7.47 -11.93
C LYS L 128 49.31 -6.44 -11.21
N ALA L 129 48.09 -6.82 -10.86
CA ALA L 129 47.23 -5.89 -10.13
C ALA L 129 47.81 -5.58 -8.75
N VAL L 130 48.37 -6.58 -8.08
CA VAL L 130 48.99 -6.36 -6.78
C VAL L 130 50.15 -5.38 -6.91
N HIS L 131 50.98 -5.54 -7.96
CA HIS L 131 52.10 -4.64 -8.18
C HIS L 131 51.61 -3.22 -8.50
N VAL L 132 50.56 -3.11 -9.30
CA VAL L 132 50.03 -1.79 -9.66
C VAL L 132 49.50 -1.08 -8.41
N TYR L 133 48.74 -1.80 -7.58
CA TYR L 133 48.18 -1.19 -6.38
C TYR L 133 49.29 -0.86 -5.38
N LYS L 134 50.36 -1.65 -5.35
CA LYS L 134 51.51 -1.28 -4.52
C LYS L 134 52.17 -0.01 -5.06
N LYS L 135 52.19 0.16 -6.39
CA LYS L 135 52.76 1.38 -6.97
C LYS L 135 51.92 2.61 -6.60
N VAL L 136 50.60 2.47 -6.56
CA VAL L 136 49.77 3.62 -6.19
C VAL L 136 49.73 3.85 -4.69
N GLY L 137 50.15 2.88 -3.88
CA GLY L 137 50.24 3.08 -2.45
C GLY L 137 49.61 2.01 -1.59
N PHE L 138 48.92 1.05 -2.22
CA PHE L 138 48.28 -0.02 -1.48
C PHE L 138 49.30 -0.99 -0.89
N MET L 139 49.02 -1.47 0.31
CA MET L 139 49.83 -2.44 1.03
C MET L 139 49.13 -3.79 1.02
N VAL L 140 49.90 -4.85 0.76
CA VAL L 140 49.35 -6.20 0.86
C VAL L 140 48.97 -6.45 2.31
N GLU L 141 47.67 -6.60 2.57
CA GLU L 141 47.20 -6.77 3.94
C GLU L 141 47.07 -8.21 4.33
N GLY L 142 46.57 -9.05 3.44
CA GLY L 142 46.39 -10.44 3.80
C GLY L 142 46.01 -11.27 2.60
N GLU L 143 45.87 -12.57 2.87
CA GLU L 143 45.49 -13.58 1.90
C GLU L 143 44.30 -14.39 2.39
N LEU L 144 43.28 -14.49 1.54
CA LEU L 144 42.08 -15.27 1.83
C LEU L 144 42.15 -16.58 1.06
N ILE L 145 42.20 -17.69 1.78
CA ILE L 145 42.40 -19.01 1.16
C ILE L 145 41.08 -19.57 0.67
N ASP L 146 41.05 -19.98 -0.60
CA ASP L 146 39.87 -20.57 -1.23
C ASP L 146 38.65 -19.67 -1.05
N GLU L 147 38.87 -18.36 -1.13
CA GLU L 147 37.81 -17.41 -0.79
C GLU L 147 36.73 -17.38 -1.86
N PHE L 148 37.09 -17.53 -3.13
CA PHE L 148 36.10 -17.34 -4.19
C PHE L 148 36.12 -18.51 -5.16
N PHE L 149 34.94 -19.03 -5.50
CA PHE L 149 34.84 -20.07 -6.53
C PHE L 149 34.72 -19.39 -7.88
N VAL L 150 35.78 -19.47 -8.67
CA VAL L 150 35.85 -18.82 -9.99
C VAL L 150 36.17 -19.88 -11.03
N ASP L 151 35.38 -19.91 -12.10
CA ASP L 151 35.59 -20.78 -13.26
C ASP L 151 36.03 -22.18 -12.86
N GLY L 152 35.25 -22.79 -11.96
CA GLY L 152 35.42 -24.18 -11.61
C GLY L 152 36.44 -24.49 -10.53
N ASN L 153 37.15 -23.49 -10.00
CA ASN L 153 38.15 -23.76 -8.98
C ASN L 153 38.05 -22.73 -7.87
N TYR L 154 38.43 -23.15 -6.66
CA TYR L 154 38.50 -22.25 -5.53
C TYR L 154 39.79 -21.45 -5.60
N HIS L 155 39.67 -20.14 -5.74
CA HIS L 155 40.79 -19.22 -5.82
C HIS L 155 40.96 -18.50 -4.49
N ASN L 156 42.22 -18.35 -4.09
CA ASN L 156 42.61 -17.46 -3.03
C ASN L 156 42.66 -16.03 -3.54
N ALA L 157 42.54 -15.09 -2.61
CA ALA L 157 42.53 -13.68 -2.95
C ALA L 157 43.56 -12.93 -2.11
N ILE L 158 44.09 -11.85 -2.67
CA ILE L 158 44.94 -10.92 -1.94
C ILE L 158 44.11 -9.70 -1.59
N ARG L 159 43.97 -9.45 -0.29
CA ARG L 159 43.35 -8.24 0.22
C ARG L 159 44.45 -7.23 0.51
N MET L 160 44.36 -6.07 -0.12
CA MET L 160 45.33 -5.00 0.04
C MET L 160 44.65 -3.79 0.67
N CYS L 161 45.43 -2.99 1.39
CA CYS L 161 44.87 -1.85 2.11
C CYS L 161 45.80 -0.65 2.03
N MET L 162 45.21 0.53 2.17
CA MET L 162 45.91 1.80 2.24
C MET L 162 45.23 2.65 3.31
N PHE L 163 45.97 3.58 3.90
CA PHE L 163 45.46 4.35 5.01
C PHE L 163 45.50 5.84 4.73
N GLN L 164 44.73 6.59 5.52
CA GLN L 164 44.55 8.02 5.27
C GLN L 164 45.84 8.78 5.54
N LYS L 165 46.56 8.41 6.62
CA LYS L 165 47.79 9.10 6.97
C LYS L 165 48.87 8.87 5.93
N GLN L 166 49.05 7.61 5.52
CA GLN L 166 50.06 7.31 4.50
C GLN L 166 49.73 7.97 3.16
N TYR L 167 48.43 8.11 2.85
CA TYR L 167 48.04 8.78 1.62
C TYR L 167 48.33 10.27 1.70
N PHE L 168 47.96 10.91 2.81
CA PHE L 168 48.15 12.35 2.99
C PHE L 168 49.61 12.74 3.18
N GLU L 169 50.48 11.82 3.63
CA GLU L 169 51.89 12.17 3.79
C GLU L 169 52.55 12.54 2.47
N ASN L 170 52.06 12.01 1.36
CA ASN L 170 52.57 12.41 0.05
C ASN L 170 51.56 13.33 -0.64
N1 SPM M . -17.06 -25.87 1.80
C2 SPM M . -15.66 -25.98 2.15
C3 SPM M . -14.92 -24.73 1.69
C4 SPM M . -14.32 -24.95 0.30
N5 SPM M . -13.09 -25.72 0.33
C6 SPM M . -12.44 -26.05 -0.92
C7 SPM M . -11.08 -26.70 -0.71
C8 SPM M . -10.00 -25.65 -0.45
C9 SPM M . -8.67 -26.31 -0.10
N10 SPM M . -7.63 -25.34 0.17
C11 SPM M . -6.31 -25.83 0.57
C12 SPM M . -5.30 -24.70 0.74
C13 SPM M . -3.99 -25.24 1.29
N14 SPM M . -3.04 -24.16 1.41
N1 SPM N . -30.05 -1.36 7.09
C2 SPM N . -29.40 -2.64 6.91
C3 SPM N . -28.03 -2.45 6.27
C4 SPM N . -28.12 -2.57 4.75
N5 SPM N . -28.18 -3.96 4.30
C6 SPM N . -28.30 -4.23 2.88
C7 SPM N . -28.17 -5.70 2.55
C8 SPM N . -26.70 -6.10 2.44
C9 SPM N . -26.54 -7.60 2.24
N10 SPM N . -25.16 -8.01 2.16
C11 SPM N . -24.85 -9.42 2.03
C12 SPM N . -23.35 -9.67 1.90
C13 SPM N . -23.05 -11.16 1.92
N14 SPM N . -21.61 -11.37 1.75
N1 SPM O . -15.80 20.09 17.36
C2 SPM O . -16.45 18.89 16.88
C3 SPM O . -15.70 18.35 15.68
C4 SPM O . -16.29 18.88 14.37
N5 SPM O . -17.49 18.16 13.98
C6 SPM O . -18.19 18.56 12.77
C7 SPM O . -19.32 17.61 12.41
C8 SPM O . -18.80 16.39 11.66
C9 SPM O . -19.92 15.38 11.46
N10 SPM O . -19.48 14.18 10.78
C11 SPM O . -20.44 13.11 10.57
C12 SPM O . -19.87 11.94 9.80
C13 SPM O . -20.87 10.79 9.74
N14 SPM O . -20.32 9.70 8.98
N1 SPM P . 11.81 17.51 22.21
C2 SPM P . 10.37 17.60 22.06
C3 SPM P . 10.00 17.05 20.68
C4 SPM P . 9.93 18.17 19.65
N5 SPM P . 8.68 18.90 19.73
C6 SPM P . 8.45 20.02 18.83
C7 SPM P . 7.03 20.55 18.91
C8 SPM P . 6.08 19.73 18.06
C9 SPM P . 4.64 20.20 18.27
N10 SPM P . 3.68 19.42 17.49
C11 SPM P . 2.27 19.72 17.63
C12 SPM P . 1.40 18.87 16.71
C13 SPM P . -0.08 19.11 17.00
N14 SPM P . -0.88 18.31 16.09
N1 SPM Q . -1.68 29.98 -4.05
C2 SPM Q . -0.38 29.35 -4.09
C3 SPM Q . -0.38 28.14 -3.15
C4 SPM Q . 0.12 28.50 -1.76
N5 SPM Q . 1.56 28.59 -1.68
C6 SPM Q . 2.17 28.93 -0.41
C7 SPM Q . 3.69 28.80 -0.48
C8 SPM Q . 4.10 27.34 -0.29
C9 SPM Q . 5.59 27.17 -0.52
N10 SPM Q . 6.02 25.80 -0.40
C11 SPM Q . 7.41 25.47 -0.65
C12 SPM Q . 7.74 24.00 -0.43
C13 SPM Q . 9.18 23.72 -0.87
N14 SPM Q . 9.49 22.34 -0.62
N1 SPM R . -22.92 15.35 -13.43
C2 SPM R . -21.72 16.05 -13.03
C3 SPM R . -21.01 15.27 -11.93
C4 SPM R . -21.45 15.75 -10.55
N5 SPM R . -20.77 16.97 -10.17
C6 SPM R . -21.08 17.60 -8.89
C7 SPM R . -20.16 18.78 -8.59
C8 SPM R . -18.82 18.32 -8.01
C9 SPM R . -17.89 19.52 -7.87
N10 SPM R . -16.58 19.16 -7.33
C11 SPM R . -15.58 20.20 -7.19
C12 SPM R . -14.30 19.68 -6.56
C13 SPM R . -13.21 20.74 -6.57
N14 SPM R . -12.02 20.23 -5.93
N1 SPM S . 10.16 -27.81 6.58
C2 SPM S . 10.86 -26.70 7.20
C3 SPM S . 10.72 -25.47 6.31
C4 SPM S . 11.90 -25.34 5.35
N5 SPM S . 13.06 -24.77 5.99
C6 SPM S . 14.29 -24.59 5.24
C7 SPM S . 15.33 -23.82 6.03
C8 SPM S . 15.07 -22.32 5.96
C9 SPM S . 16.02 -21.57 6.89
N10 SPM S . 15.78 -20.13 6.89
C11 SPM S . 16.58 -19.30 7.77
C12 SPM S . 16.26 -17.82 7.62
C13 SPM S . 17.01 -17.01 8.67
N14 SPM S . 16.72 -15.60 8.48
N1 SPM T . -18.95 -11.23 -21.97
C2 SPM T . -19.09 -9.82 -21.62
C3 SPM T . -18.39 -9.55 -20.30
C4 SPM T . -19.36 -9.69 -19.14
N5 SPM T . -20.19 -8.51 -18.97
C6 SPM T . -21.20 -8.50 -17.92
C7 SPM T . -21.86 -7.14 -17.76
C8 SPM T . -21.01 -6.22 -16.88
C9 SPM T . -21.61 -4.82 -16.85
N10 SPM T . -20.83 -3.90 -16.05
C11 SPM T . -21.24 -2.51 -15.97
C12 SPM T . -20.36 -1.68 -15.05
C13 SPM T . -20.76 -0.20 -15.13
N14 SPM T . -19.94 0.56 -14.21
N1 SPM U . 24.12 19.55 -2.44
C2 SPM U . 24.36 18.22 -2.94
C3 SPM U . 23.21 17.30 -2.54
C4 SPM U . 23.52 16.59 -1.23
N5 SPM U . 24.40 15.45 -1.40
C6 SPM U . 24.81 14.70 -0.23
C7 SPM U . 25.60 13.44 -0.58
C8 SPM U . 24.66 12.28 -0.93
C9 SPM U . 25.44 11.08 -1.41
N10 SPM U . 24.58 9.96 -1.77
C11 SPM U . 25.15 8.74 -2.28
C12 SPM U . 24.10 7.67 -2.54
C13 SPM U . 24.70 6.46 -3.22
N14 SPM U . 23.69 5.44 -3.42
N1 SPM V . 24.83 -6.68 17.00
C2 SPM V . 24.28 -5.42 17.46
C3 SPM V . 23.15 -5.04 16.53
C4 SPM V . 23.68 -4.17 15.40
N5 SPM V . 23.86 -2.80 15.82
C6 SPM V . 24.41 -1.86 14.87
C7 SPM V . 24.35 -0.43 15.40
C8 SPM V . 22.96 0.13 15.13
C9 SPM V . 22.79 1.52 15.76
N10 SPM V . 21.47 2.06 15.56
C11 SPM V . 21.10 3.34 16.12
C12 SPM V . 19.69 3.75 15.75
C13 SPM V . 19.27 5.02 16.47
N14 SPM V . 17.94 5.41 16.06
N1 SPM W . 6.87 -22.20 -19.69
C2 SPM W . 5.58 -21.57 -19.91
C3 SPM W . 5.10 -20.99 -18.59
C4 SPM W . 4.21 -21.97 -17.83
N5 SPM W . 2.85 -21.99 -18.33
C6 SPM W . 1.89 -22.90 -17.72
C7 SPM W . 0.47 -22.65 -18.23
C8 SPM W . -0.15 -21.48 -17.46
C9 SPM W . -1.51 -21.12 -18.05
N10 SPM W . -2.12 -19.99 -17.37
C11 SPM W . -3.40 -19.49 -17.84
C12 SPM W . -3.95 -18.36 -16.99
C13 SPM W . -5.21 -17.77 -17.62
N14 SPM W . -5.74 -16.73 -16.76
N1 SPM X . 28.19 -7.31 -10.37
C2 SPM X . 27.03 -7.98 -10.91
C3 SPM X . 25.88 -7.89 -9.92
C4 SPM X . 25.84 -9.10 -8.99
N5 SPM X . 25.25 -10.26 -9.64
C6 SPM X . 25.15 -11.51 -8.92
C7 SPM X . 24.34 -12.55 -9.69
C8 SPM X . 22.84 -12.34 -9.49
C9 SPM X . 22.05 -13.29 -10.38
N10 SPM X . 20.62 -13.12 -10.25
C11 SPM X . 19.73 -13.91 -11.08
C12 SPM X . 18.26 -13.66 -10.78
C13 SPM X . 17.38 -14.40 -11.78
N14 SPM X . 15.99 -14.18 -11.45
#